data_6ZI7
#
_entry.id   6ZI7
#
_cell.length_a   247.531
_cell.length_b   110.683
_cell.length_c   159.285
_cell.angle_alpha   90.00
_cell.angle_beta   129.46
_cell.angle_gamma   90.00
#
_symmetry.space_group_name_H-M   'C 1 2 1'
#
loop_
_entity.id
_entity.type
_entity.pdbx_description
1 polymer 'Cytochrome P-450'
2 non-polymer 'PROTOPORPHYRIN IX CONTAINING FE'
3 non-polymer (3~{R},4~{S},5~{R},6~{S},7~{S},9~{S},11~{R},12~{S},13~{R},14~{R})-3,5,7,9,11,13,14-heptamethyl-4,6,12-tris(oxidanyl)-1-oxacyclotetradecane-2,10-dione
4 non-polymer alpha-L-rhamnopyranose
5 non-polymer 'FORMIC ACID'
6 non-polymer 'SODIUM ION'
7 water water
#
_entity_poly.entity_id   1
_entity_poly.type   'polypeptide(L)'
_entity_poly.pdbx_seq_one_letter_code
;MTDTHTGPTPADAVPAYPFSLPHALDLDPHYAELRRDEPVSRVRLPYGEGTAWLVTRMSDARIVLGDSRFSTAAATDPAT
PRMFPTPPEPDGVLAQDPPDHTRLRRLVGKAFTARRVEEMRPRVRSLVDSLLDDMVAHGSPADLVEFLAVPFPVAVICEL
LGVPLEDRDLFRTFSDAMLSSTRLTAAEIQRVQQDFMVYMDGLVAQRRDAPTEDLLGALALATDNDDHLTKGEIVNMGVS
LLIAGHETSVNQITNLVHLLLTERKRYESLVADPALVPAAVEEMLRYTPLVSAGSFVRVATEDVELSTVTVRAGEPCVVH
FASANRDEEVFDHADELDFHRERNPHIAFGHGAHHCIGAQLGRLELQEALSALVRRFPTLDLAEPVAGLKWKQGMLIRGL
ERQIVSW
;
_entity_poly.pdbx_strand_id   A,B,C,D,E,F
#
# COMPACT_ATOMS: atom_id res chain seq x y z
N ASP A 12 25.25 -85.08 23.17
CA ASP A 12 23.88 -84.69 22.56
C ASP A 12 24.07 -83.70 21.40
N ALA A 13 23.01 -83.10 20.88
CA ALA A 13 23.09 -82.13 19.76
C ALA A 13 23.70 -80.82 20.27
N VAL A 14 23.19 -80.35 21.39
CA VAL A 14 23.15 -78.91 21.71
C VAL A 14 24.29 -78.60 22.69
N PRO A 15 24.92 -77.42 22.57
CA PRO A 15 26.09 -77.12 23.37
C PRO A 15 25.75 -76.84 24.84
N ALA A 16 26.65 -77.30 25.70
CA ALA A 16 26.71 -77.04 27.15
C ALA A 16 26.79 -75.56 27.39
N TYR A 17 26.06 -75.09 28.39
CA TYR A 17 26.19 -73.68 28.85
C TYR A 17 26.21 -73.74 30.37
N PRO A 18 27.13 -73.04 31.06
CA PRO A 18 28.12 -72.14 30.49
C PRO A 18 29.12 -72.80 29.52
N PHE A 19 29.74 -72.00 28.67
CA PHE A 19 30.58 -72.44 27.55
C PHE A 19 31.98 -72.75 28.10
N SER A 20 32.31 -72.21 29.27
CA SER A 20 33.67 -72.41 29.81
C SER A 20 33.71 -71.98 31.27
N LEU A 21 34.58 -72.60 32.04
CA LEU A 21 35.01 -72.12 33.38
C LEU A 21 35.46 -70.69 33.22
N PRO A 22 34.93 -69.73 34.00
CA PRO A 22 35.25 -68.33 33.82
C PRO A 22 36.66 -67.91 34.23
N HIS A 23 37.24 -66.92 33.56
CA HIS A 23 38.53 -66.42 34.07
C HIS A 23 38.38 -64.93 34.40
N ALA A 24 38.63 -64.57 35.66
CA ALA A 24 38.53 -63.16 36.11
C ALA A 24 37.18 -62.58 35.69
N LEU A 25 37.20 -61.43 35.03
CA LEU A 25 35.97 -60.77 34.55
C LEU A 25 35.87 -60.93 33.04
N ASP A 26 36.68 -61.81 32.46
CA ASP A 26 36.71 -62.01 30.99
C ASP A 26 35.41 -62.62 30.51
N LEU A 27 35.01 -62.29 29.30
CA LEU A 27 33.77 -62.86 28.71
C LEU A 27 34.18 -63.91 27.67
N ASP A 28 33.65 -65.12 27.80
CA ASP A 28 33.86 -66.19 26.78
C ASP A 28 33.59 -65.58 25.42
N PRO A 29 34.53 -65.71 24.46
CA PRO A 29 34.43 -65.06 23.14
C PRO A 29 33.23 -65.52 22.30
N HIS A 30 32.58 -66.62 22.67
CA HIS A 30 31.44 -67.13 21.87
CA HIS A 30 31.42 -67.15 21.93
C HIS A 30 30.27 -66.14 22.00
N TYR A 31 30.23 -65.28 23.00
CA TYR A 31 29.04 -64.40 23.13
C TYR A 31 28.99 -63.36 22.00
N ALA A 32 30.12 -62.75 21.63
CA ALA A 32 30.18 -61.81 20.47
C ALA A 32 29.84 -62.59 19.17
N GLU A 33 30.36 -63.79 19.01
CA GLU A 33 30.05 -64.68 17.86
CA GLU A 33 30.04 -64.66 17.85
C GLU A 33 28.53 -64.84 17.75
N LEU A 34 27.87 -65.23 18.84
CA LEU A 34 26.41 -65.42 18.84
C LEU A 34 25.67 -64.10 18.61
N ARG A 35 26.02 -63.00 19.29
CA ARG A 35 25.34 -61.69 19.10
C ARG A 35 25.28 -61.41 17.59
N ARG A 36 26.36 -61.67 16.84
CA ARG A 36 26.43 -61.31 15.40
CA ARG A 36 26.48 -61.33 15.39
C ARG A 36 25.70 -62.36 14.57
N ASP A 37 25.95 -63.65 14.78
CA ASP A 37 25.48 -64.70 13.85
C ASP A 37 24.25 -65.46 14.36
N GLU A 38 24.01 -65.57 15.67
CA GLU A 38 23.00 -66.53 16.19
C GLU A 38 22.59 -66.04 17.55
N PRO A 39 21.90 -64.91 17.60
CA PRO A 39 21.72 -64.21 18.86
C PRO A 39 20.71 -64.90 19.77
N VAL A 40 19.94 -65.84 19.25
CA VAL A 40 19.12 -66.72 20.12
C VAL A 40 19.44 -68.16 19.76
N SER A 41 20.00 -68.97 20.69
CA SER A 41 20.54 -70.32 20.40
C SER A 41 20.26 -71.25 21.57
N ARG A 42 20.09 -72.52 21.23
CA ARG A 42 19.78 -73.62 22.17
C ARG A 42 21.07 -74.00 22.86
N VAL A 43 20.92 -74.28 24.14
CA VAL A 43 21.97 -74.74 25.06
C VAL A 43 21.35 -75.70 26.04
N ARG A 44 22.22 -76.49 26.65
CA ARG A 44 21.86 -77.36 27.78
CA ARG A 44 21.89 -77.37 27.78
C ARG A 44 22.51 -76.76 29.03
N LEU A 45 21.66 -76.45 30.01
CA LEU A 45 22.13 -75.84 31.27
C LEU A 45 22.66 -77.00 32.13
N PRO A 46 23.41 -76.72 33.20
CA PRO A 46 24.02 -77.78 34.04
C PRO A 46 23.02 -78.56 34.88
N TYR A 47 21.82 -78.03 35.07
CA TYR A 47 20.83 -78.76 35.90
C TYR A 47 19.45 -78.59 35.25
N GLY A 48 18.52 -79.39 35.74
CA GLY A 48 17.21 -79.71 35.19
C GLY A 48 17.35 -80.49 33.92
N GLU A 49 16.33 -80.48 33.07
CA GLU A 49 16.26 -81.32 31.86
C GLU A 49 15.97 -80.49 30.62
N GLY A 50 16.35 -81.02 29.48
CA GLY A 50 16.01 -80.44 28.17
C GLY A 50 16.93 -79.28 27.84
N THR A 51 16.43 -78.42 26.94
CA THR A 51 17.21 -77.29 26.38
C THR A 51 16.54 -75.98 26.83
N ALA A 52 17.28 -74.90 26.63
CA ALA A 52 16.87 -73.50 26.84
C ALA A 52 17.41 -72.70 25.68
N TRP A 53 16.71 -71.67 25.30
CA TRP A 53 17.21 -70.60 24.43
C TRP A 53 18.10 -69.70 25.26
N LEU A 54 19.33 -69.48 24.84
CA LEU A 54 20.25 -68.51 25.42
C LEU A 54 20.06 -67.20 24.66
N VAL A 55 19.77 -66.12 25.33
CA VAL A 55 19.45 -64.82 24.69
C VAL A 55 20.67 -63.92 24.91
N THR A 56 21.34 -63.41 23.85
CA THR A 56 22.63 -62.70 23.99
C THR A 56 22.52 -61.20 23.72
N ARG A 57 21.43 -60.72 23.09
CA ARG A 57 21.28 -59.30 22.65
CA ARG A 57 21.25 -59.31 22.62
C ARG A 57 20.31 -58.52 23.55
N MET A 58 20.54 -57.20 23.63
CA MET A 58 19.77 -56.28 24.48
C MET A 58 18.28 -56.34 24.08
N SER A 59 17.96 -56.18 22.81
CA SER A 59 16.51 -56.11 22.49
C SER A 59 15.78 -57.37 23.00
N ASP A 60 16.30 -58.55 22.66
CA ASP A 60 15.73 -59.86 23.07
C ASP A 60 15.73 -59.97 24.62
N ALA A 61 16.78 -59.56 25.31
CA ALA A 61 16.81 -59.70 26.76
C ALA A 61 15.63 -58.88 27.34
N ARG A 62 15.36 -57.66 26.83
CA ARG A 62 14.27 -56.81 27.37
C ARG A 62 12.96 -57.55 27.14
N ILE A 63 12.81 -58.37 26.10
CA ILE A 63 11.50 -59.06 25.89
CA ILE A 63 11.51 -59.07 25.88
C ILE A 63 11.39 -60.20 26.92
N VAL A 64 12.39 -61.05 27.06
CA VAL A 64 12.34 -62.18 28.03
C VAL A 64 12.14 -61.60 29.43
N LEU A 65 12.83 -60.54 29.77
CA LEU A 65 12.72 -60.01 31.14
C LEU A 65 11.45 -59.17 31.33
N GLY A 66 10.86 -58.67 30.24
CA GLY A 66 9.92 -57.52 30.27
C GLY A 66 8.49 -57.96 30.00
N ASP A 67 8.28 -59.11 29.42
CA ASP A 67 6.96 -59.51 28.89
C ASP A 67 6.25 -60.50 29.83
N SER A 68 4.93 -60.34 30.04
CA SER A 68 4.11 -61.22 30.91
C SER A 68 3.90 -62.60 30.30
N ARG A 69 4.18 -62.76 29.01
CA ARG A 69 4.12 -64.09 28.34
C ARG A 69 5.34 -64.91 28.84
N PHE A 70 6.27 -64.35 29.65
CA PHE A 70 7.34 -65.14 30.31
C PHE A 70 7.11 -65.21 31.80
N SER A 71 7.08 -66.47 32.33
CA SER A 71 6.81 -66.83 33.74
C SER A 71 8.11 -67.35 34.37
N THR A 72 8.55 -66.76 35.47
CA THR A 72 9.57 -67.33 36.38
C THR A 72 8.95 -68.39 37.28
N ALA A 73 7.68 -68.22 37.71
CA ALA A 73 7.01 -69.17 38.63
C ALA A 73 6.99 -70.54 37.96
N ALA A 74 6.84 -70.54 36.64
CA ALA A 74 6.76 -71.79 35.86
C ALA A 74 8.13 -72.49 35.92
N ALA A 75 9.18 -71.81 36.32
CA ALA A 75 10.54 -72.41 36.23
C ALA A 75 10.89 -73.11 37.54
N THR A 76 9.93 -73.20 38.47
CA THR A 76 10.14 -73.91 39.77
C THR A 76 10.17 -75.43 39.56
N ASP A 77 9.59 -75.91 38.48
CA ASP A 77 9.51 -77.33 38.14
C ASP A 77 10.93 -77.88 38.16
N PRO A 78 11.21 -78.96 38.92
CA PRO A 78 12.54 -79.54 39.02
C PRO A 78 13.14 -79.97 37.68
N ALA A 79 12.30 -80.17 36.66
CA ALA A 79 12.70 -80.55 35.28
C ALA A 79 13.15 -79.32 34.46
N THR A 80 12.80 -78.12 34.86
CA THR A 80 13.09 -76.91 34.03
C THR A 80 14.60 -76.72 34.09
N PRO A 81 15.30 -76.47 32.95
CA PRO A 81 16.69 -76.02 32.96
C PRO A 81 16.93 -74.94 34.02
N ARG A 82 18.10 -74.94 34.65
CA ARG A 82 18.47 -73.91 35.63
C ARG A 82 20.00 -73.88 35.72
N MET A 83 20.58 -72.79 36.24
CA MET A 83 22.03 -72.58 36.37
C MET A 83 22.60 -73.19 37.66
N PHE A 84 21.75 -73.68 38.55
CA PHE A 84 22.17 -73.94 39.95
C PHE A 84 21.59 -75.28 40.44
N PRO A 85 22.28 -75.95 41.38
CA PRO A 85 21.94 -77.36 41.68
C PRO A 85 20.48 -77.61 42.09
N THR A 86 19.93 -76.89 43.07
CA THR A 86 18.59 -77.21 43.63
C THR A 86 17.51 -76.62 42.75
N PRO A 87 16.34 -77.23 42.63
CA PRO A 87 15.22 -76.54 42.02
C PRO A 87 14.95 -75.23 42.75
N PRO A 88 14.46 -74.17 42.04
CA PRO A 88 14.19 -72.88 42.67
C PRO A 88 13.20 -72.99 43.83
N GLU A 89 13.51 -72.36 44.96
CA GLU A 89 12.56 -72.15 46.06
C GLU A 89 11.29 -71.49 45.48
N PRO A 90 10.11 -72.14 45.50
CA PRO A 90 8.89 -71.50 44.99
C PRO A 90 8.46 -70.22 45.72
N ASP A 91 8.95 -70.05 46.94
CA ASP A 91 8.58 -68.91 47.83
C ASP A 91 9.49 -67.71 47.55
N GLY A 92 10.55 -67.90 46.75
CA GLY A 92 11.45 -66.82 46.28
C GLY A 92 10.71 -65.75 45.50
N VAL A 93 11.02 -64.47 45.72
CA VAL A 93 10.56 -63.36 44.86
C VAL A 93 10.78 -63.69 43.39
N LEU A 94 12.00 -64.08 43.03
CA LEU A 94 12.40 -64.34 41.62
C LEU A 94 11.41 -65.32 40.99
N ALA A 95 10.82 -66.19 41.77
CA ALA A 95 9.92 -67.29 41.31
C ALA A 95 8.46 -66.86 41.37
N GLN A 96 8.19 -65.61 41.68
CA GLN A 96 6.80 -65.09 41.64
C GLN A 96 6.54 -64.34 40.33
N ASP A 97 5.35 -64.52 39.77
CA ASP A 97 4.83 -63.73 38.63
C ASP A 97 3.91 -62.62 39.16
N PRO A 98 3.85 -61.45 38.51
CA PRO A 98 2.76 -60.52 38.80
C PRO A 98 1.39 -61.12 38.55
N PRO A 99 0.33 -60.74 39.30
CA PRO A 99 0.39 -59.68 40.31
C PRO A 99 0.84 -60.11 41.71
N ASP A 100 1.00 -61.41 41.93
CA ASP A 100 1.42 -61.91 43.26
C ASP A 100 2.74 -61.27 43.63
N HIS A 101 3.65 -61.18 42.65
CA HIS A 101 5.02 -60.61 42.77
CA HIS A 101 5.01 -60.60 42.72
C HIS A 101 4.95 -59.13 43.12
N THR A 102 4.05 -58.39 42.47
CA THR A 102 3.92 -56.95 42.78
C THR A 102 3.56 -56.81 44.26
N ARG A 103 2.56 -57.56 44.73
CA ARG A 103 2.12 -57.54 46.18
C ARG A 103 3.32 -57.91 47.05
N LEU A 104 4.06 -58.96 46.72
CA LEU A 104 5.26 -59.37 47.52
C LEU A 104 6.29 -58.24 47.59
N ARG A 105 6.52 -57.51 46.51
CA ARG A 105 7.55 -56.44 46.49
C ARG A 105 7.16 -55.19 47.28
N ARG A 106 5.86 -54.87 47.40
CA ARG A 106 5.31 -53.69 48.15
CA ARG A 106 5.45 -53.62 48.12
C ARG A 106 5.62 -53.80 49.65
N LEU A 107 5.64 -55.04 50.15
CA LEU A 107 6.11 -55.44 51.51
CA LEU A 107 6.00 -55.30 51.56
C LEU A 107 7.28 -54.58 51.94
N VAL A 108 8.20 -54.29 51.01
CA VAL A 108 9.50 -53.66 51.37
CA VAL A 108 9.56 -53.74 51.32
C VAL A 108 9.92 -52.61 50.36
N GLY A 109 9.27 -52.53 49.21
CA GLY A 109 9.65 -51.53 48.18
C GLY A 109 9.89 -50.13 48.74
N LYS A 110 9.08 -49.70 49.70
CA LYS A 110 9.17 -48.33 50.30
C LYS A 110 10.63 -47.98 50.70
N ALA A 111 11.32 -48.85 51.44
CA ALA A 111 12.74 -48.66 51.83
C ALA A 111 13.67 -48.46 50.63
N PHE A 112 13.32 -48.84 49.41
CA PHE A 112 14.34 -49.01 48.32
C PHE A 112 14.08 -48.05 47.15
N THR A 113 13.00 -47.27 47.19
CA THR A 113 12.83 -46.10 46.30
C THR A 113 14.09 -45.25 46.36
N ALA A 114 14.37 -44.54 45.27
CA ALA A 114 15.60 -43.75 45.11
C ALA A 114 15.64 -42.64 46.16
N ARG A 115 14.48 -42.11 46.59
CA ARG A 115 14.41 -40.93 47.51
CA ARG A 115 14.42 -40.94 47.51
C ARG A 115 14.91 -41.40 48.89
N ARG A 116 14.32 -42.48 49.42
CA ARG A 116 14.72 -43.15 50.69
C ARG A 116 16.17 -43.60 50.63
N VAL A 117 16.63 -44.17 49.52
CA VAL A 117 18.04 -44.65 49.51
C VAL A 117 18.96 -43.43 49.57
N GLU A 118 18.60 -42.35 48.89
CA GLU A 118 19.42 -41.12 48.95
C GLU A 118 19.52 -40.65 50.43
N GLU A 119 18.53 -40.92 51.27
CA GLU A 119 18.52 -40.46 52.69
C GLU A 119 19.63 -41.18 53.48
N MET A 120 20.12 -42.29 52.97
CA MET A 120 21.18 -43.11 53.61
CA MET A 120 21.18 -43.11 53.62
C MET A 120 22.55 -42.51 53.31
N ARG A 121 22.67 -41.61 52.32
CA ARG A 121 24.04 -41.25 51.87
C ARG A 121 24.92 -40.79 53.03
N PRO A 122 24.47 -39.88 53.94
CA PRO A 122 25.30 -39.42 55.06
C PRO A 122 25.76 -40.55 56.00
N ARG A 123 24.87 -41.37 56.56
CA ARG A 123 25.28 -42.55 57.37
CA ARG A 123 25.27 -42.55 57.37
C ARG A 123 26.26 -43.39 56.55
N VAL A 124 25.92 -43.70 55.31
CA VAL A 124 26.76 -44.62 54.48
C VAL A 124 28.16 -44.04 54.32
N ARG A 125 28.26 -42.73 54.11
CA ARG A 125 29.58 -42.03 53.89
C ARG A 125 30.39 -42.06 55.18
N SER A 126 29.70 -42.03 56.31
CA SER A 126 30.35 -42.06 57.64
C SER A 126 31.01 -43.44 57.82
N LEU A 127 30.24 -44.48 57.53
CA LEU A 127 30.58 -45.90 57.68
C LEU A 127 31.81 -46.19 56.83
N VAL A 128 31.83 -45.68 55.61
CA VAL A 128 32.98 -45.82 54.68
C VAL A 128 34.18 -45.19 55.36
N ASP A 129 34.02 -43.95 55.81
CA ASP A 129 35.21 -43.13 56.18
C ASP A 129 35.90 -43.83 57.36
N SER A 130 35.09 -44.28 58.31
CA SER A 130 35.48 -44.96 59.54
C SER A 130 36.31 -46.21 59.18
N LEU A 131 35.76 -47.06 58.30
CA LEU A 131 36.41 -48.31 57.82
C LEU A 131 37.71 -47.95 57.11
N LEU A 132 37.75 -46.84 56.38
CA LEU A 132 39.03 -46.46 55.70
C LEU A 132 40.04 -45.91 56.74
N ASP A 133 39.59 -45.44 57.91
CA ASP A 133 40.51 -44.97 58.99
C ASP A 133 41.23 -46.21 59.50
N ASP A 134 40.42 -47.23 59.85
CA ASP A 134 40.88 -48.56 60.36
C ASP A 134 41.89 -49.14 59.36
N MET A 135 41.73 -48.87 58.07
CA MET A 135 42.68 -49.40 57.06
CA MET A 135 42.67 -49.39 57.05
C MET A 135 43.94 -48.52 57.06
N VAL A 136 43.83 -47.25 57.43
CA VAL A 136 45.02 -46.36 57.42
C VAL A 136 45.84 -46.61 58.70
N ALA A 137 45.16 -46.91 59.80
CA ALA A 137 45.74 -47.35 61.09
C ALA A 137 46.63 -48.58 60.87
N HIS A 138 46.10 -49.60 60.18
CA HIS A 138 46.81 -50.87 59.91
CA HIS A 138 46.79 -50.87 59.89
C HIS A 138 48.07 -50.57 59.09
N GLY A 139 47.96 -49.67 58.12
CA GLY A 139 49.07 -49.26 57.25
C GLY A 139 49.09 -50.09 55.99
N SER A 140 49.66 -49.54 54.94
CA SER A 140 49.87 -50.21 53.64
C SER A 140 51.01 -51.23 53.72
N PRO A 141 50.95 -52.40 53.05
CA PRO A 141 49.81 -52.82 52.23
C PRO A 141 48.69 -53.48 53.08
N ALA A 142 47.45 -53.49 52.58
CA ALA A 142 46.30 -54.16 53.25
C ALA A 142 45.39 -54.81 52.23
N ASP A 143 44.52 -55.68 52.73
CA ASP A 143 43.54 -56.45 51.93
C ASP A 143 42.24 -55.60 51.84
N LEU A 144 41.94 -55.01 50.68
CA LEU A 144 40.75 -54.10 50.56
C LEU A 144 39.52 -54.91 50.87
N VAL A 145 39.52 -56.25 50.66
CA VAL A 145 38.36 -57.12 50.98
C VAL A 145 38.06 -57.07 52.48
N GLU A 146 39.04 -57.39 53.31
CA GLU A 146 38.90 -57.47 54.77
C GLU A 146 38.48 -56.11 55.31
N PHE A 147 39.15 -55.06 54.85
CA PHE A 147 39.00 -53.69 55.41
C PHE A 147 37.82 -52.91 54.79
N LEU A 148 37.42 -53.11 53.53
CA LEU A 148 36.31 -52.30 52.92
C LEU A 148 35.23 -53.18 52.29
N ALA A 149 35.56 -54.00 51.30
CA ALA A 149 34.54 -54.66 50.46
C ALA A 149 33.57 -55.50 51.29
N VAL A 150 34.03 -56.24 52.31
CA VAL A 150 33.15 -57.11 53.14
C VAL A 150 32.43 -56.25 54.19
N PRO A 151 33.15 -55.53 55.10
CA PRO A 151 32.47 -54.84 56.20
C PRO A 151 31.48 -53.73 55.78
N PHE A 152 31.63 -53.07 54.63
CA PHE A 152 30.81 -51.85 54.31
C PHE A 152 29.38 -52.29 53.98
N PRO A 153 29.16 -53.15 52.94
CA PRO A 153 27.83 -53.61 52.61
C PRO A 153 27.19 -54.44 53.70
N VAL A 154 28.00 -55.19 54.43
CA VAL A 154 27.48 -56.05 55.52
C VAL A 154 26.86 -55.16 56.60
N ALA A 155 27.58 -54.14 57.08
CA ALA A 155 27.02 -53.16 58.03
C ALA A 155 25.77 -52.49 57.45
N VAL A 156 25.82 -52.02 56.20
CA VAL A 156 24.61 -51.34 55.65
C VAL A 156 23.44 -52.32 55.64
N ILE A 157 23.58 -53.57 55.19
CA ILE A 157 22.37 -54.42 55.07
C ILE A 157 21.90 -54.84 56.48
N CYS A 158 22.83 -55.02 57.44
CA CYS A 158 22.53 -55.41 58.82
C CYS A 158 21.73 -54.28 59.47
N GLU A 159 22.17 -53.04 59.31
CA GLU A 159 21.40 -51.89 59.90
C GLU A 159 20.07 -51.74 59.17
N LEU A 160 19.97 -51.99 57.86
CA LEU A 160 18.69 -51.75 57.13
C LEU A 160 17.67 -52.79 57.52
N LEU A 161 18.06 -54.06 57.49
CA LEU A 161 17.16 -55.19 57.84
C LEU A 161 16.92 -55.24 59.36
N GLY A 162 17.97 -54.93 60.14
CA GLY A 162 18.00 -55.17 61.60
C GLY A 162 18.43 -56.58 61.89
N VAL A 163 19.52 -57.01 61.25
CA VAL A 163 20.17 -58.32 61.48
C VAL A 163 21.39 -58.03 62.34
N PRO A 164 21.64 -58.83 63.38
CA PRO A 164 22.75 -58.52 64.26
C PRO A 164 24.06 -58.61 63.43
N LEU A 165 24.90 -57.59 63.57
CA LEU A 165 26.18 -57.50 62.82
C LEU A 165 27.12 -58.65 63.26
N GLU A 166 26.99 -59.17 64.48
CA GLU A 166 27.88 -60.29 64.94
C GLU A 166 27.45 -61.61 64.29
N ASP A 167 26.30 -61.67 63.58
CA ASP A 167 25.88 -62.85 62.80
C ASP A 167 26.58 -62.90 61.42
N ARG A 168 27.51 -62.01 61.14
CA ARG A 168 28.15 -61.91 59.82
C ARG A 168 28.68 -63.25 59.30
N ASP A 169 29.47 -64.00 60.08
CA ASP A 169 30.09 -65.26 59.62
C ASP A 169 29.00 -66.29 59.36
N LEU A 170 28.01 -66.35 60.23
CA LEU A 170 26.88 -67.27 60.06
C LEU A 170 26.16 -66.96 58.73
N PHE A 171 25.60 -65.75 58.55
CA PHE A 171 24.81 -65.53 57.33
C PHE A 171 25.73 -65.49 56.10
N ARG A 172 26.99 -65.10 56.22
CA ARG A 172 27.88 -65.12 55.03
C ARG A 172 28.10 -66.55 54.51
N THR A 173 28.40 -67.49 55.41
CA THR A 173 28.51 -68.93 55.07
C THR A 173 27.20 -69.39 54.41
N PHE A 174 26.04 -69.05 54.97
CA PHE A 174 24.77 -69.45 54.35
C PHE A 174 24.67 -68.86 52.93
N SER A 175 24.90 -67.56 52.74
CA SER A 175 24.73 -66.85 51.45
C SER A 175 25.67 -67.41 50.38
N ASP A 176 26.94 -67.67 50.71
CA ASP A 176 27.90 -68.26 49.74
C ASP A 176 27.37 -69.60 49.24
N ALA A 177 26.86 -70.48 50.12
CA ALA A 177 26.36 -71.82 49.74
C ALA A 177 25.20 -71.62 48.74
N MET A 178 24.30 -70.71 49.05
CA MET A 178 23.07 -70.51 48.23
C MET A 178 23.37 -69.83 46.90
N LEU A 179 24.53 -69.22 46.74
CA LEU A 179 24.99 -68.61 45.47
C LEU A 179 25.87 -69.58 44.72
N SER A 180 25.91 -70.81 45.20
CA SER A 180 26.71 -71.85 44.53
C SER A 180 26.19 -72.17 43.13
N SER A 181 27.12 -72.27 42.18
CA SER A 181 26.91 -72.84 40.83
C SER A 181 27.35 -74.32 40.79
N THR A 182 28.63 -74.61 40.88
CA THR A 182 29.18 -75.99 40.86
C THR A 182 29.90 -76.35 42.16
N ARG A 183 30.19 -75.37 43.03
CA ARG A 183 30.98 -75.59 44.26
C ARG A 183 30.36 -76.66 45.12
N LEU A 184 29.06 -76.60 45.38
CA LEU A 184 28.34 -77.51 46.30
C LEU A 184 27.30 -78.26 45.50
N THR A 185 26.87 -79.38 46.08
CA THR A 185 25.85 -80.33 45.61
C THR A 185 24.47 -79.83 46.02
N ALA A 186 23.45 -80.33 45.37
CA ALA A 186 22.04 -79.99 45.60
C ALA A 186 21.71 -80.25 47.07
N ALA A 187 22.15 -81.38 47.64
CA ALA A 187 21.79 -81.75 49.03
C ALA A 187 22.41 -80.77 50.00
N GLU A 188 23.69 -80.42 49.79
CA GLU A 188 24.39 -79.45 50.67
C GLU A 188 23.68 -78.09 50.64
N ILE A 189 23.24 -77.69 49.45
CA ILE A 189 22.61 -76.34 49.27
C ILE A 189 21.22 -76.39 49.92
N GLN A 190 20.50 -77.47 49.65
CA GLN A 190 19.13 -77.66 50.15
C GLN A 190 19.14 -77.55 51.67
N ARG A 191 20.13 -78.19 52.33
CA ARG A 191 20.31 -78.14 53.80
C ARG A 191 20.45 -76.67 54.25
N VAL A 192 21.39 -75.93 53.69
CA VAL A 192 21.59 -74.48 54.05
C VAL A 192 20.26 -73.69 53.86
N GLN A 193 19.50 -73.95 52.79
CA GLN A 193 18.24 -73.22 52.50
C GLN A 193 17.32 -73.36 53.72
N GLN A 194 17.19 -74.60 54.21
CA GLN A 194 16.41 -74.96 55.41
CA GLN A 194 16.41 -74.96 55.42
C GLN A 194 16.91 -74.16 56.63
N ASP A 195 18.21 -74.14 56.89
CA ASP A 195 18.80 -73.46 58.07
C ASP A 195 18.61 -71.95 57.94
N PHE A 196 18.88 -71.40 56.76
CA PHE A 196 18.75 -69.94 56.54
C PHE A 196 17.25 -69.58 56.79
N MET A 197 16.30 -70.41 56.34
CA MET A 197 14.86 -70.05 56.48
CA MET A 197 14.83 -70.22 56.48
C MET A 197 14.50 -70.07 57.97
N VAL A 198 14.91 -71.08 58.71
CA VAL A 198 14.62 -71.28 60.15
C VAL A 198 15.32 -70.15 60.92
N TYR A 199 16.52 -69.74 60.51
CA TYR A 199 17.24 -68.59 61.12
C TYR A 199 16.47 -67.27 60.89
N MET A 200 16.06 -67.01 59.64
CA MET A 200 15.38 -65.72 59.31
C MET A 200 14.03 -65.76 60.04
N ASP A 201 13.36 -66.90 60.01
CA ASP A 201 12.10 -67.09 60.77
C ASP A 201 12.31 -66.60 62.20
N GLY A 202 13.39 -67.05 62.86
CA GLY A 202 13.62 -66.66 64.26
C GLY A 202 13.79 -65.17 64.44
N LEU A 203 14.56 -64.51 63.59
CA LEU A 203 14.77 -63.04 63.76
C LEU A 203 13.40 -62.35 63.65
N VAL A 204 12.58 -62.81 62.69
CA VAL A 204 11.27 -62.21 62.37
C VAL A 204 10.38 -62.37 63.61
N ALA A 205 10.34 -63.56 64.22
CA ALA A 205 9.53 -63.88 65.41
C ALA A 205 9.96 -63.05 66.64
N GLN A 206 11.18 -62.57 66.75
CA GLN A 206 11.58 -61.74 67.91
C GLN A 206 10.81 -60.43 67.90
N ARG A 207 10.26 -60.04 66.75
CA ARG A 207 9.42 -58.80 66.66
C ARG A 207 8.00 -59.03 67.20
N ARG A 208 7.62 -60.26 67.59
CA ARG A 208 6.21 -60.62 67.91
CA ARG A 208 6.20 -60.59 67.89
C ARG A 208 5.72 -59.79 69.11
N ASP A 209 6.60 -59.50 70.07
CA ASP A 209 6.13 -58.63 71.19
CA ASP A 209 6.32 -58.80 71.35
C ASP A 209 7.15 -57.51 71.43
N ALA A 210 7.93 -57.19 70.40
CA ALA A 210 9.00 -56.17 70.40
C ALA A 210 9.23 -55.64 68.99
N PRO A 211 8.24 -54.94 68.38
CA PRO A 211 8.34 -54.46 67.01
C PRO A 211 9.60 -53.57 66.88
N THR A 212 10.20 -53.50 65.68
CA THR A 212 11.43 -52.70 65.42
C THR A 212 11.23 -51.80 64.21
N GLU A 213 11.96 -50.69 64.18
CA GLU A 213 11.88 -49.70 63.06
CA GLU A 213 11.90 -49.68 63.09
C GLU A 213 12.90 -50.10 61.99
N ASP A 214 12.61 -51.19 61.27
CA ASP A 214 13.52 -51.74 60.24
C ASP A 214 12.77 -52.73 59.37
N LEU A 215 13.40 -53.29 58.33
CA LEU A 215 12.65 -54.05 57.31
CA LEU A 215 12.65 -54.06 57.30
C LEU A 215 12.16 -55.37 57.92
N LEU A 216 12.95 -55.98 58.80
CA LEU A 216 12.51 -57.27 59.44
C LEU A 216 11.23 -56.96 60.25
N GLY A 217 11.18 -55.78 60.87
CA GLY A 217 9.96 -55.25 61.54
C GLY A 217 8.75 -55.27 60.61
N ALA A 218 8.91 -54.76 59.40
CA ALA A 218 7.81 -54.69 58.43
C ALA A 218 7.43 -56.13 58.04
N LEU A 219 8.41 -57.04 58.01
CA LEU A 219 8.05 -58.41 57.52
C LEU A 219 7.20 -59.10 58.58
N ALA A 220 7.50 -58.87 59.86
CA ALA A 220 6.81 -59.50 61.00
C ALA A 220 5.35 -59.01 61.05
N LEU A 221 5.11 -57.72 60.74
CA LEU A 221 3.73 -57.16 60.70
CA LEU A 221 3.74 -57.13 60.67
C LEU A 221 2.94 -57.82 59.56
N ALA A 222 3.55 -57.98 58.39
CA ALA A 222 2.89 -58.63 57.25
C ALA A 222 2.52 -60.08 57.60
N THR A 223 3.26 -60.75 58.49
CA THR A 223 3.03 -62.18 58.88
C THR A 223 1.78 -62.31 59.75
N ASP A 224 1.63 -61.40 60.72
CA ASP A 224 0.46 -61.46 61.64
CA ASP A 224 0.48 -61.38 61.67
C ASP A 224 -0.73 -60.72 60.99
N ASN A 225 -0.53 -59.85 59.97
CA ASN A 225 -1.65 -59.17 59.25
CA ASN A 225 -1.65 -59.17 59.26
C ASN A 225 -1.38 -59.07 57.74
N ASP A 226 -1.79 -60.10 56.96
CA ASP A 226 -1.81 -60.04 55.46
C ASP A 226 -2.56 -61.29 54.98
N ASP A 227 -3.18 -61.30 53.79
CA ASP A 227 -3.87 -62.54 53.31
C ASP A 227 -3.34 -62.99 51.95
N HIS A 228 -2.95 -62.08 51.07
CA HIS A 228 -2.34 -62.46 49.76
CA HIS A 228 -2.27 -62.38 49.78
C HIS A 228 -1.01 -63.23 49.99
N LEU A 229 -0.24 -62.96 51.07
CA LEU A 229 1.19 -63.42 51.21
C LEU A 229 1.41 -64.45 52.36
N THR A 230 1.81 -65.67 52.03
CA THR A 230 2.22 -66.71 53.01
C THR A 230 3.44 -66.32 53.86
N LYS A 231 3.57 -66.97 55.02
CA LYS A 231 4.72 -66.81 55.94
C LYS A 231 5.99 -67.18 55.17
N GLY A 232 5.96 -68.22 54.36
CA GLY A 232 7.09 -68.67 53.51
C GLY A 232 7.60 -67.54 52.63
N GLU A 233 6.70 -66.92 51.88
CA GLU A 233 7.04 -65.85 50.93
C GLU A 233 7.63 -64.69 51.71
N ILE A 234 7.05 -64.36 52.84
CA ILE A 234 7.54 -63.15 53.60
C ILE A 234 8.94 -63.40 54.16
N VAL A 235 9.21 -64.53 54.78
CA VAL A 235 10.51 -64.75 55.47
CA VAL A 235 10.51 -64.75 55.47
C VAL A 235 11.58 -64.86 54.37
N ASN A 236 11.25 -65.57 53.31
CA ASN A 236 12.16 -65.78 52.18
C ASN A 236 12.55 -64.41 51.66
N MET A 237 11.64 -63.42 51.69
CA MET A 237 12.02 -62.04 51.28
CA MET A 237 12.02 -62.03 51.28
C MET A 237 13.17 -61.57 52.18
N GLY A 238 13.13 -61.87 53.47
CA GLY A 238 14.24 -61.51 54.37
C GLY A 238 15.55 -62.17 53.93
N VAL A 239 15.51 -63.44 53.58
CA VAL A 239 16.69 -64.21 53.10
C VAL A 239 17.16 -63.50 51.84
N SER A 240 16.27 -63.25 50.87
CA SER A 240 16.72 -62.71 49.57
C SER A 240 17.41 -61.38 49.81
N LEU A 241 16.89 -60.54 50.71
CA LEU A 241 17.47 -59.20 50.89
C LEU A 241 18.80 -59.31 51.60
N LEU A 242 18.96 -60.23 52.54
CA LEU A 242 20.27 -60.36 53.26
C LEU A 242 21.35 -60.93 52.33
N ILE A 243 21.03 -61.92 51.48
CA ILE A 243 22.00 -62.49 50.51
C ILE A 243 22.43 -61.41 49.53
N ALA A 244 21.52 -60.93 48.69
CA ALA A 244 21.78 -59.94 47.63
C ALA A 244 22.45 -58.70 48.24
N GLY A 245 21.95 -58.30 49.41
CA GLY A 245 22.27 -57.00 49.98
C GLY A 245 23.71 -56.89 50.34
N HIS A 246 24.39 -57.98 50.63
CA HIS A 246 25.84 -57.93 50.90
C HIS A 246 26.57 -58.56 49.71
N GLU A 247 26.13 -59.69 49.13
CA GLU A 247 26.93 -60.45 48.14
C GLU A 247 27.16 -59.61 46.88
N THR A 248 26.15 -58.94 46.32
CA THR A 248 26.36 -58.17 45.09
C THR A 248 27.45 -57.15 45.38
N SER A 249 27.24 -56.29 46.36
CA SER A 249 28.13 -55.13 46.60
C SER A 249 29.54 -55.57 46.99
N VAL A 250 29.67 -56.56 47.86
CA VAL A 250 31.00 -56.99 48.35
C VAL A 250 31.82 -57.33 47.10
N ASN A 251 31.24 -58.11 46.19
CA ASN A 251 31.89 -58.54 44.95
C ASN A 251 32.10 -57.34 44.00
N GLN A 252 31.08 -56.48 43.81
CA GLN A 252 31.21 -55.33 42.83
C GLN A 252 32.24 -54.29 43.27
N ILE A 253 32.46 -54.09 44.56
CA ILE A 253 33.57 -53.17 44.95
C ILE A 253 34.90 -53.74 44.44
N THR A 254 35.15 -55.04 44.62
CA THR A 254 36.44 -55.63 44.20
C THR A 254 36.46 -55.61 42.68
N ASN A 255 35.32 -55.83 42.01
CA ASN A 255 35.31 -55.87 40.53
C ASN A 255 35.64 -54.48 39.96
N LEU A 256 35.03 -53.41 40.49
CA LEU A 256 35.31 -52.05 39.97
C LEU A 256 36.76 -51.69 40.37
N VAL A 257 37.20 -52.04 41.58
CA VAL A 257 38.59 -51.67 41.93
C VAL A 257 39.54 -52.43 41.03
N HIS A 258 39.29 -53.71 40.76
CA HIS A 258 40.12 -54.48 39.81
C HIS A 258 40.20 -53.75 38.45
N LEU A 259 39.06 -53.37 37.89
CA LEU A 259 39.01 -52.73 36.55
C LEU A 259 39.78 -51.41 36.57
N LEU A 260 39.64 -50.63 37.65
CA LEU A 260 40.35 -49.33 37.80
C LEU A 260 41.85 -49.55 37.86
N LEU A 261 42.38 -50.43 38.72
CA LEU A 261 43.85 -50.50 38.98
C LEU A 261 44.58 -51.33 37.91
N THR A 262 43.92 -52.17 37.11
CA THR A 262 44.67 -53.01 36.15
C THR A 262 45.00 -52.21 34.87
N GLU A 263 44.22 -51.17 34.56
CA GLU A 263 44.59 -50.09 33.61
CA GLU A 263 44.58 -50.08 33.60
C GLU A 263 44.51 -48.78 34.40
N ARG A 264 45.63 -48.38 35.05
CA ARG A 264 45.68 -47.42 36.18
C ARG A 264 45.13 -46.05 35.76
N LYS A 265 45.11 -45.75 34.44
CA LYS A 265 44.65 -44.44 33.90
CA LYS A 265 44.65 -44.45 33.89
C LYS A 265 43.18 -44.27 34.26
N ARG A 266 42.44 -45.37 34.28
CA ARG A 266 41.02 -45.41 34.73
C ARG A 266 40.96 -44.78 36.12
N TYR A 267 41.78 -45.30 37.02
CA TYR A 267 41.81 -44.82 38.42
C TYR A 267 42.28 -43.37 38.52
N GLU A 268 43.32 -43.02 37.77
CA GLU A 268 43.88 -41.64 37.70
C GLU A 268 42.81 -40.67 37.18
N SER A 269 41.96 -41.11 36.23
CA SER A 269 40.91 -40.29 35.56
C SER A 269 39.78 -39.92 36.56
N LEU A 270 39.54 -40.73 37.60
CA LEU A 270 38.57 -40.44 38.70
C LEU A 270 39.26 -39.64 39.82
N VAL A 271 40.54 -39.93 40.11
CA VAL A 271 41.42 -39.13 41.03
C VAL A 271 41.35 -37.65 40.57
N ALA A 272 41.46 -37.47 39.25
CA ALA A 272 41.53 -36.17 38.55
C ALA A 272 40.16 -35.50 38.66
N ASP A 273 39.07 -36.19 38.38
CA ASP A 273 37.69 -35.63 38.49
C ASP A 273 36.82 -36.61 39.29
N PRO A 274 36.84 -36.53 40.63
CA PRO A 274 35.95 -37.33 41.46
C PRO A 274 34.47 -37.30 41.05
N ALA A 275 34.02 -36.29 40.33
CA ALA A 275 32.58 -36.13 40.02
C ALA A 275 32.20 -37.08 38.86
N LEU A 276 33.21 -37.66 38.20
CA LEU A 276 33.06 -38.70 37.16
C LEU A 276 32.59 -40.03 37.78
N VAL A 277 32.65 -40.16 39.10
CA VAL A 277 32.56 -41.47 39.81
C VAL A 277 31.20 -42.07 39.49
N PRO A 278 30.07 -41.31 39.56
CA PRO A 278 28.77 -41.89 39.26
C PRO A 278 28.67 -42.50 37.85
N ALA A 279 29.12 -41.78 36.83
CA ALA A 279 29.03 -42.25 35.44
C ALA A 279 29.92 -43.47 35.27
N ALA A 280 31.02 -43.52 36.03
CA ALA A 280 32.06 -44.56 35.95
C ALA A 280 31.50 -45.86 36.55
N VAL A 281 30.81 -45.73 37.69
CA VAL A 281 30.03 -46.82 38.33
C VAL A 281 29.03 -47.37 37.32
N GLU A 282 28.23 -46.54 36.66
CA GLU A 282 27.24 -47.04 35.65
C GLU A 282 28.00 -47.79 34.57
N GLU A 283 29.13 -47.24 34.08
CA GLU A 283 29.85 -47.86 32.94
C GLU A 283 30.43 -49.22 33.38
N MET A 284 30.96 -49.29 34.58
CA MET A 284 31.58 -50.53 35.11
CA MET A 284 31.58 -50.56 35.05
C MET A 284 30.49 -51.55 35.47
N LEU A 285 29.30 -51.07 35.85
CA LEU A 285 28.14 -51.95 36.04
C LEU A 285 27.85 -52.61 34.68
N ARG A 286 27.78 -51.81 33.60
CA ARG A 286 27.60 -52.34 32.22
C ARG A 286 28.59 -53.48 31.93
N TYR A 287 29.86 -53.28 32.26
CA TYR A 287 31.02 -53.95 31.66
C TYR A 287 31.31 -55.31 32.33
N THR A 288 30.86 -55.44 33.59
CA THR A 288 31.33 -56.43 34.57
C THR A 288 30.32 -57.56 34.67
N PRO A 289 30.71 -58.81 34.37
CA PRO A 289 29.86 -59.96 34.56
C PRO A 289 29.78 -60.33 36.02
N LEU A 290 28.95 -59.60 36.79
CA LEU A 290 28.74 -59.98 38.22
C LEU A 290 28.08 -61.35 38.20
N VAL A 291 27.07 -61.51 37.36
CA VAL A 291 26.38 -62.80 37.16
C VAL A 291 27.24 -63.59 36.19
N SER A 292 27.89 -64.65 36.67
CA SER A 292 29.02 -65.29 35.92
C SER A 292 28.51 -65.80 34.57
N ALA A 293 27.29 -66.34 34.54
CA ALA A 293 26.65 -66.88 33.32
C ALA A 293 25.14 -67.00 33.54
N GLY A 294 24.37 -66.76 32.49
CA GLY A 294 22.93 -67.06 32.51
C GLY A 294 22.17 -66.25 33.54
N SER A 295 21.07 -66.80 33.99
CA SER A 295 20.08 -66.03 34.77
C SER A 295 19.11 -67.01 35.39
N PHE A 296 18.29 -66.56 36.33
CA PHE A 296 17.02 -67.28 36.60
C PHE A 296 16.26 -67.35 35.32
N VAL A 297 15.71 -68.51 35.03
CA VAL A 297 15.03 -68.89 33.76
C VAL A 297 13.58 -68.38 33.72
N ARG A 298 13.13 -68.06 32.52
CA ARG A 298 11.77 -67.65 32.17
C ARG A 298 11.22 -68.69 31.21
N VAL A 299 9.97 -69.10 31.40
CA VAL A 299 9.29 -70.06 30.50
C VAL A 299 8.16 -69.31 29.81
N ALA A 300 8.16 -69.31 28.47
CA ALA A 300 7.09 -68.67 27.67
C ALA A 300 5.78 -69.32 28.10
N THR A 301 4.72 -68.57 28.39
CA THR A 301 3.36 -69.15 28.62
C THR A 301 2.51 -69.07 27.33
N GLU A 302 3.03 -68.42 26.29
CA GLU A 302 2.44 -68.28 24.94
C GLU A 302 3.63 -68.12 24.00
N ASP A 303 3.40 -68.31 22.71
CA ASP A 303 4.40 -68.07 21.65
C ASP A 303 4.80 -66.62 21.81
N VAL A 304 6.08 -66.28 21.62
CA VAL A 304 6.62 -64.91 21.81
C VAL A 304 7.66 -64.74 20.74
N GLU A 305 7.59 -63.63 19.98
CA GLU A 305 8.50 -63.31 18.85
CA GLU A 305 8.50 -63.33 18.86
C GLU A 305 9.77 -62.70 19.42
N LEU A 306 10.91 -63.32 19.15
CA LEU A 306 12.20 -62.66 19.40
C LEU A 306 12.81 -62.26 18.07
N SER A 307 13.98 -61.65 18.08
CA SER A 307 14.63 -61.07 16.87
C SER A 307 14.64 -62.13 15.78
N THR A 308 15.16 -63.35 16.07
CA THR A 308 15.41 -64.37 15.02
C THR A 308 14.43 -65.54 15.11
N VAL A 309 13.65 -65.65 16.15
CA VAL A 309 12.91 -66.92 16.36
C VAL A 309 11.69 -66.62 17.19
N THR A 310 10.66 -67.42 16.97
CA THR A 310 9.45 -67.47 17.83
C THR A 310 9.58 -68.60 18.84
N VAL A 311 9.69 -68.24 20.10
CA VAL A 311 9.76 -69.18 21.24
C VAL A 311 8.35 -69.72 21.41
N ARG A 312 8.19 -71.02 21.59
CA ARG A 312 6.88 -71.70 21.76
C ARG A 312 6.54 -71.72 23.24
N ALA A 313 5.24 -71.63 23.58
CA ALA A 313 4.72 -71.73 24.95
C ALA A 313 5.35 -72.98 25.57
N GLY A 314 5.93 -72.90 26.76
CA GLY A 314 6.54 -74.09 27.42
C GLY A 314 8.04 -74.22 27.17
N GLU A 315 8.59 -73.45 26.23
CA GLU A 315 10.04 -73.42 25.97
C GLU A 315 10.70 -72.43 26.92
N PRO A 316 11.78 -72.83 27.64
CA PRO A 316 12.55 -71.93 28.48
C PRO A 316 13.68 -71.15 27.80
N CYS A 317 14.03 -70.01 28.39
CA CYS A 317 14.95 -68.99 27.91
C CYS A 317 15.78 -68.55 29.10
N VAL A 318 17.04 -68.24 28.80
CA VAL A 318 17.97 -67.74 29.81
C VAL A 318 18.60 -66.53 29.15
N VAL A 319 18.92 -65.52 29.94
CA VAL A 319 19.65 -64.34 29.48
C VAL A 319 21.05 -64.36 30.03
N HIS A 320 22.00 -63.85 29.26
CA HIS A 320 23.29 -63.39 29.79
C HIS A 320 23.34 -61.85 29.85
N PHE A 321 23.10 -61.29 31.04
CA PHE A 321 23.09 -59.82 31.27
C PHE A 321 24.34 -59.16 30.65
N ALA A 322 25.57 -59.59 31.02
CA ALA A 322 26.85 -59.03 30.52
C ALA A 322 26.92 -59.06 29.00
N SER A 323 26.34 -60.06 28.31
CA SER A 323 26.34 -60.10 26.82
C SER A 323 25.38 -59.05 26.27
N ALA A 324 24.13 -58.96 26.77
CA ALA A 324 23.25 -57.81 26.46
C ALA A 324 24.01 -56.50 26.65
N ASN A 325 24.81 -56.35 27.68
CA ASN A 325 25.53 -55.08 27.97
C ASN A 325 26.77 -54.95 27.08
N ARG A 326 27.12 -55.92 26.24
CA ARG A 326 28.19 -55.75 25.22
C ARG A 326 27.56 -55.58 23.83
N ASP A 327 26.25 -55.34 23.73
CA ASP A 327 25.53 -55.34 22.43
C ASP A 327 25.95 -54.11 21.60
N GLU A 328 26.61 -54.33 20.47
CA GLU A 328 27.23 -53.32 19.58
C GLU A 328 26.17 -52.48 18.84
N GLU A 329 24.89 -52.85 18.85
CA GLU A 329 23.81 -52.03 18.25
CA GLU A 329 23.80 -52.04 18.25
C GLU A 329 23.29 -51.02 19.28
N VAL A 330 23.74 -51.12 20.52
CA VAL A 330 23.28 -50.24 21.63
C VAL A 330 24.44 -49.39 22.15
N PHE A 331 25.61 -49.95 22.34
CA PHE A 331 26.77 -49.21 22.88
C PHE A 331 27.85 -49.23 21.80
N ASP A 332 28.46 -48.09 21.52
CA ASP A 332 29.57 -47.96 20.54
C ASP A 332 30.85 -48.31 21.25
N HIS A 333 31.85 -48.85 20.55
CA HIS A 333 33.06 -49.44 21.18
C HIS A 333 32.66 -50.10 22.51
N ALA A 334 31.68 -51.01 22.41
CA ALA A 334 30.98 -51.73 23.51
C ALA A 334 31.99 -52.55 24.35
N ASP A 335 33.08 -52.97 23.72
CA ASP A 335 34.16 -53.77 24.36
CA ASP A 335 34.17 -53.77 24.36
C ASP A 335 35.19 -52.87 25.07
N GLU A 336 35.03 -51.55 25.03
CA GLU A 336 35.94 -50.62 25.76
C GLU A 336 35.22 -50.01 26.98
N LEU A 337 35.91 -49.92 28.11
CA LEU A 337 35.46 -49.09 29.24
C LEU A 337 35.55 -47.60 28.84
N ASP A 338 34.41 -46.92 28.80
CA ASP A 338 34.34 -45.46 28.54
C ASP A 338 33.43 -44.73 29.57
N PHE A 339 34.02 -43.96 30.49
CA PHE A 339 33.30 -43.16 31.52
C PHE A 339 32.67 -41.87 30.94
N HIS A 340 32.85 -41.58 29.66
CA HIS A 340 32.34 -40.34 29.00
C HIS A 340 31.22 -40.66 28.00
N ARG A 341 30.73 -41.87 28.03
CA ARG A 341 29.54 -42.35 27.28
C ARG A 341 28.38 -41.40 27.61
N GLU A 342 27.58 -41.02 26.61
CA GLU A 342 26.52 -39.99 26.79
CA GLU A 342 26.50 -40.01 26.69
C GLU A 342 25.19 -40.69 27.14
N ARG A 343 25.05 -41.95 26.74
CA ARG A 343 23.85 -42.83 26.77
C ARG A 343 24.30 -44.21 27.32
N ASN A 344 23.74 -44.70 28.42
CA ASN A 344 24.21 -46.00 28.98
C ASN A 344 23.04 -46.80 29.53
N PRO A 345 22.15 -47.30 28.65
CA PRO A 345 20.95 -48.03 29.05
C PRO A 345 21.25 -49.52 29.27
N HIS A 346 22.18 -49.82 30.17
CA HIS A 346 22.59 -51.18 30.62
C HIS A 346 21.48 -51.90 31.38
N ILE A 347 21.52 -53.25 31.37
CA ILE A 347 20.62 -54.05 32.24
C ILE A 347 21.46 -54.79 33.28
N ALA A 348 22.49 -54.14 33.85
CA ALA A 348 23.26 -54.77 34.94
C ALA A 348 22.33 -55.13 36.10
N PHE A 349 21.18 -54.44 36.23
CA PHE A 349 20.19 -54.57 37.33
C PHE A 349 18.98 -55.30 36.79
N GLY A 350 19.10 -55.99 35.66
CA GLY A 350 17.96 -56.63 34.99
C GLY A 350 16.97 -55.64 34.42
N HIS A 351 15.69 -56.02 34.31
CA HIS A 351 14.70 -55.28 33.53
C HIS A 351 13.33 -55.86 33.82
N GLY A 352 12.27 -55.07 33.65
CA GLY A 352 10.95 -55.69 33.84
C GLY A 352 10.59 -55.83 35.30
N ALA A 353 9.71 -56.75 35.60
CA ALA A 353 9.12 -56.83 36.95
C ALA A 353 10.21 -57.12 37.98
N HIS A 354 11.19 -58.01 37.67
CA HIS A 354 12.22 -58.47 38.63
CA HIS A 354 12.22 -58.47 38.64
C HIS A 354 13.41 -57.54 38.65
N HIS A 355 13.35 -56.40 37.89
CA HIS A 355 14.44 -55.39 37.93
C HIS A 355 14.93 -55.29 39.40
N CYS A 356 16.23 -55.28 39.62
CA CYS A 356 16.81 -55.31 40.99
C CYS A 356 16.09 -54.31 41.92
N ILE A 357 15.56 -54.77 43.05
CA ILE A 357 14.93 -53.86 44.03
C ILE A 357 16.01 -52.99 44.71
N GLY A 358 17.23 -53.52 44.86
CA GLY A 358 18.30 -52.81 45.58
C GLY A 358 19.11 -51.92 44.67
N ALA A 359 18.68 -51.70 43.43
CA ALA A 359 19.53 -51.05 42.42
C ALA A 359 20.02 -49.71 43.01
N GLN A 360 19.20 -48.98 43.75
CA GLN A 360 19.62 -47.60 44.13
C GLN A 360 20.57 -47.77 45.32
N LEU A 361 20.34 -48.74 46.21
CA LEU A 361 21.33 -49.00 47.28
C LEU A 361 22.68 -49.41 46.70
N GLY A 362 22.73 -50.29 45.69
CA GLY A 362 23.99 -50.76 45.10
C GLY A 362 24.75 -49.60 44.50
N ARG A 363 24.06 -48.80 43.70
CA ARG A 363 24.58 -47.53 43.15
C ARG A 363 25.15 -46.64 44.26
N LEU A 364 24.39 -46.38 45.31
CA LEU A 364 24.89 -45.50 46.39
C LEU A 364 26.19 -46.07 46.99
N GLU A 365 26.23 -47.40 47.24
CA GLU A 365 27.38 -48.05 47.93
C GLU A 365 28.62 -47.97 47.01
N LEU A 366 28.43 -48.14 45.72
CA LEU A 366 29.58 -48.19 44.78
C LEU A 366 30.11 -46.77 44.57
N GLN A 367 29.19 -45.81 44.51
CA GLN A 367 29.56 -44.37 44.37
C GLN A 367 30.44 -43.97 45.56
N GLU A 368 29.98 -44.27 46.76
CA GLU A 368 30.55 -43.74 48.02
C GLU A 368 31.83 -44.52 48.39
N ALA A 369 31.89 -45.83 48.14
CA ALA A 369 33.15 -46.59 48.27
C ALA A 369 34.19 -45.97 47.33
N LEU A 370 33.90 -45.84 46.04
CA LEU A 370 34.92 -45.47 45.03
C LEU A 370 35.30 -43.99 45.15
N SER A 371 34.30 -43.12 45.42
CA SER A 371 34.50 -41.67 45.59
C SER A 371 35.49 -41.44 46.74
N ALA A 372 35.20 -42.01 47.91
CA ALA A 372 36.11 -42.11 49.09
C ALA A 372 37.49 -42.60 48.69
N LEU A 373 37.61 -43.68 47.95
CA LEU A 373 38.96 -44.23 47.66
CA LEU A 373 38.94 -44.26 47.61
C LEU A 373 39.68 -43.25 46.75
N VAL A 374 38.98 -42.71 45.78
CA VAL A 374 39.57 -41.93 44.66
C VAL A 374 40.09 -40.59 45.22
N ARG A 375 39.45 -40.10 46.28
CA ARG A 375 39.70 -38.77 46.90
C ARG A 375 40.91 -38.82 47.82
N ARG A 376 40.97 -39.82 48.68
CA ARG A 376 41.90 -39.94 49.84
C ARG A 376 43.10 -40.82 49.49
N PHE A 377 42.99 -41.68 48.48
CA PHE A 377 44.01 -42.73 48.21
C PHE A 377 44.42 -42.64 46.76
N PRO A 378 44.93 -41.46 46.33
CA PRO A 378 45.26 -41.25 44.92
C PRO A 378 46.44 -42.10 44.44
N THR A 379 47.15 -42.74 45.38
CA THR A 379 48.36 -43.57 45.14
C THR A 379 48.02 -45.07 45.12
N LEU A 380 46.75 -45.44 45.39
CA LEU A 380 46.23 -46.85 45.53
C LEU A 380 46.74 -47.65 44.35
N ASP A 381 47.45 -48.76 44.57
CA ASP A 381 47.76 -49.70 43.46
C ASP A 381 47.51 -51.11 43.98
N LEU A 382 47.32 -52.05 43.05
CA LEU A 382 47.33 -53.49 43.33
C LEU A 382 48.74 -53.85 43.81
N ALA A 383 48.83 -54.41 45.01
CA ALA A 383 50.06 -54.77 45.72
C ALA A 383 50.13 -56.30 45.91
N GLU A 384 49.52 -57.06 44.99
CA GLU A 384 49.68 -58.52 44.79
C GLU A 384 49.59 -58.72 43.28
N PRO A 385 50.25 -59.72 42.68
CA PRO A 385 50.28 -59.87 41.23
C PRO A 385 48.93 -60.35 40.66
N VAL A 386 48.53 -59.77 39.53
CA VAL A 386 47.35 -60.18 38.72
C VAL A 386 47.26 -61.71 38.68
N ALA A 387 48.32 -62.40 38.23
CA ALA A 387 48.34 -63.87 38.01
C ALA A 387 47.90 -64.65 39.27
N GLY A 388 48.16 -64.12 40.46
CA GLY A 388 47.85 -64.77 41.75
C GLY A 388 46.45 -64.44 42.26
N LEU A 389 45.67 -63.61 41.54
CA LEU A 389 44.36 -63.10 42.06
C LEU A 389 43.41 -64.27 42.31
N LYS A 390 42.85 -64.27 43.51
CA LYS A 390 41.95 -65.31 44.02
C LYS A 390 40.47 -64.99 43.66
N TRP A 391 40.12 -65.15 42.40
CA TRP A 391 38.72 -65.14 41.94
C TRP A 391 37.91 -66.27 42.57
N LYS A 392 36.70 -65.98 43.03
CA LYS A 392 35.78 -66.97 43.60
C LYS A 392 35.42 -67.92 42.47
N GLN A 393 35.39 -69.19 42.80
CA GLN A 393 35.08 -70.19 41.76
C GLN A 393 33.89 -70.99 42.22
N GLY A 394 33.11 -71.49 41.28
CA GLY A 394 31.99 -72.38 41.58
C GLY A 394 30.80 -71.65 42.25
N MET A 395 30.69 -70.34 42.04
CA MET A 395 29.53 -69.48 42.45
C MET A 395 28.84 -68.84 41.24
N LEU A 396 27.54 -68.54 41.38
CA LEU A 396 26.72 -67.92 40.30
C LEU A 396 27.18 -66.50 40.01
N ILE A 397 27.95 -65.89 40.92
CA ILE A 397 28.50 -64.52 40.74
C ILE A 397 30.05 -64.51 40.80
N ARG A 398 30.68 -63.43 40.34
CA ARG A 398 32.16 -63.22 40.28
C ARG A 398 32.60 -62.10 41.24
N GLY A 399 33.79 -62.27 41.78
CA GLY A 399 34.49 -61.36 42.69
C GLY A 399 35.76 -62.00 43.25
N LEU A 400 36.56 -61.20 43.94
CA LEU A 400 37.86 -61.53 44.52
C LEU A 400 37.68 -61.95 45.99
N GLU A 401 38.39 -63.00 46.43
CA GLU A 401 38.46 -63.39 47.87
C GLU A 401 39.36 -62.43 48.65
N ARG A 402 40.25 -61.74 47.96
CA ARG A 402 41.31 -60.86 48.53
C ARG A 402 41.75 -59.86 47.46
N GLN A 403 42.10 -58.64 47.88
CA GLN A 403 42.65 -57.58 46.98
C GLN A 403 43.57 -56.70 47.82
N ILE A 404 44.81 -57.16 47.96
CA ILE A 404 45.90 -56.47 48.67
C ILE A 404 46.25 -55.23 47.85
N VAL A 405 46.19 -54.05 48.49
CA VAL A 405 46.46 -52.74 47.84
C VAL A 405 47.50 -52.02 48.68
N SER A 406 48.24 -51.12 48.04
CA SER A 406 49.17 -50.17 48.68
C SER A 406 48.79 -48.76 48.28
N TRP A 407 49.15 -47.81 49.14
CA TRP A 407 49.01 -46.35 48.91
C TRP A 407 50.20 -45.63 49.54
N PRO B 8 -29.57 -1.24 -38.66
CA PRO B 8 -30.92 -0.69 -38.35
C PRO B 8 -31.28 -0.68 -36.85
N THR B 9 -30.95 -1.74 -36.11
CA THR B 9 -31.10 -1.85 -34.62
C THR B 9 -30.43 -0.64 -33.96
N PRO B 10 -31.14 0.17 -33.14
CA PRO B 10 -30.61 1.44 -32.60
C PRO B 10 -29.24 1.29 -31.90
N ALA B 11 -28.31 2.20 -32.21
CA ALA B 11 -26.95 2.30 -31.63
C ALA B 11 -26.90 3.52 -30.69
N ASP B 12 -27.25 4.72 -31.22
CA ASP B 12 -27.19 5.98 -30.40
CA ASP B 12 -27.22 6.03 -30.49
C ASP B 12 -28.60 6.41 -29.96
N ALA B 13 -28.90 5.99 -28.72
CA ALA B 13 -29.94 6.51 -27.81
C ALA B 13 -29.19 7.36 -26.81
N VAL B 14 -28.96 8.59 -27.19
CA VAL B 14 -28.55 9.68 -26.27
C VAL B 14 -29.71 10.67 -26.40
N PRO B 15 -30.35 11.10 -25.30
CA PRO B 15 -31.41 12.10 -25.43
C PRO B 15 -30.83 13.34 -26.11
N ALA B 16 -31.66 13.91 -26.95
CA ALA B 16 -31.58 15.32 -27.35
C ALA B 16 -31.65 16.19 -26.08
N TYR B 17 -30.79 17.19 -25.99
CA TYR B 17 -30.89 18.26 -24.95
C TYR B 17 -30.81 19.62 -25.64
N PRO B 18 -31.68 20.59 -25.29
CA PRO B 18 -32.71 20.45 -24.24
C PRO B 18 -33.73 19.32 -24.39
N PHE B 19 -34.32 18.92 -23.27
CA PHE B 19 -35.30 17.83 -23.11
C PHE B 19 -36.63 18.23 -23.73
N SER B 20 -36.95 19.52 -23.69
CA SER B 20 -38.30 20.03 -24.03
C SER B 20 -38.27 21.53 -24.36
N LEU B 21 -39.38 21.98 -24.90
CA LEU B 21 -39.70 23.40 -25.01
C LEU B 21 -39.94 23.91 -23.58
N PRO B 22 -39.31 25.03 -23.22
CA PRO B 22 -39.48 25.59 -21.91
C PRO B 22 -40.90 26.13 -21.76
N HIS B 23 -41.47 25.95 -20.58
CA HIS B 23 -42.79 26.53 -20.27
C HIS B 23 -42.63 27.44 -19.06
N ALA B 24 -42.93 28.73 -19.21
CA ALA B 24 -42.79 29.72 -18.11
C ALA B 24 -41.40 29.63 -17.52
N LEU B 25 -41.33 29.49 -16.20
CA LEU B 25 -40.09 29.37 -15.39
C LEU B 25 -40.03 27.97 -14.80
N ASP B 26 -40.73 27.01 -15.42
CA ASP B 26 -40.79 25.62 -14.88
C ASP B 26 -39.57 24.85 -15.34
N LEU B 27 -39.16 23.87 -14.55
CA LEU B 27 -38.02 22.97 -14.90
C LEU B 27 -38.53 21.61 -15.36
N ASP B 28 -38.03 21.14 -16.50
CA ASP B 28 -38.37 19.78 -16.95
C ASP B 28 -38.17 18.84 -15.75
N PRO B 29 -39.19 18.00 -15.46
CA PRO B 29 -39.11 17.03 -14.37
C PRO B 29 -37.92 16.05 -14.50
N HIS B 30 -37.28 15.96 -15.67
CA HIS B 30 -36.17 14.97 -15.88
C HIS B 30 -34.95 15.40 -15.10
N TYR B 31 -34.79 16.67 -14.73
CA TYR B 31 -33.57 17.15 -14.03
C TYR B 31 -33.51 16.57 -12.61
N ALA B 32 -34.62 16.71 -11.87
CA ALA B 32 -34.84 16.07 -10.53
C ALA B 32 -34.50 14.57 -10.57
N GLU B 33 -35.02 13.86 -11.58
CA GLU B 33 -34.76 12.41 -11.81
C GLU B 33 -33.27 12.19 -11.99
N LEU B 34 -32.62 12.98 -12.85
CA LEU B 34 -31.19 12.79 -13.17
C LEU B 34 -30.39 13.04 -11.90
N ARG B 35 -30.77 14.08 -11.15
CA ARG B 35 -29.98 14.39 -9.94
C ARG B 35 -29.98 13.15 -9.05
N ARG B 36 -31.07 12.38 -9.03
CA ARG B 36 -31.31 11.37 -7.97
C ARG B 36 -30.62 10.08 -8.44
N ASP B 37 -30.77 9.67 -9.70
CA ASP B 37 -30.35 8.34 -10.21
C ASP B 37 -29.16 8.37 -11.20
N GLU B 38 -28.88 9.49 -11.89
CA GLU B 38 -27.89 9.50 -13.02
C GLU B 38 -27.40 10.93 -13.22
N PRO B 39 -26.69 11.50 -12.23
CA PRO B 39 -26.49 12.93 -12.16
C PRO B 39 -25.52 13.47 -13.20
N VAL B 40 -24.86 12.56 -13.90
CA VAL B 40 -23.91 12.88 -15.01
C VAL B 40 -24.24 11.91 -16.14
N SER B 41 -24.87 12.42 -17.20
CA SER B 41 -25.50 11.67 -18.31
C SER B 41 -25.17 12.35 -19.62
N ARG B 42 -25.08 11.54 -20.66
CA ARG B 42 -24.74 11.97 -22.03
CA ARG B 42 -24.72 12.02 -22.01
C ARG B 42 -26.01 12.52 -22.68
N VAL B 43 -25.85 13.50 -23.54
CA VAL B 43 -26.93 14.14 -24.28
C VAL B 43 -26.30 14.60 -25.59
N ARG B 44 -27.18 14.86 -26.53
CA ARG B 44 -26.81 15.42 -27.84
C ARG B 44 -27.36 16.86 -27.81
N LEU B 45 -26.45 17.80 -27.95
CA LEU B 45 -26.81 19.24 -27.94
C LEU B 45 -27.32 19.62 -29.33
N PRO B 46 -28.05 20.75 -29.45
CA PRO B 46 -28.63 21.20 -30.72
C PRO B 46 -27.60 21.29 -31.85
N TYR B 47 -26.37 21.70 -31.57
CA TYR B 47 -25.36 21.92 -32.64
C TYR B 47 -24.04 21.31 -32.21
N GLY B 48 -23.10 21.38 -33.14
CA GLY B 48 -21.85 20.64 -33.08
C GLY B 48 -22.13 19.14 -33.22
N GLU B 49 -21.09 18.34 -32.99
CA GLU B 49 -21.02 16.89 -33.37
C GLU B 49 -20.66 16.07 -32.13
N GLY B 50 -21.19 14.86 -32.05
CA GLY B 50 -20.94 13.89 -30.97
C GLY B 50 -21.80 14.29 -29.80
N THR B 51 -21.41 13.94 -28.58
CA THR B 51 -22.25 14.11 -27.37
C THR B 51 -21.46 14.89 -26.30
N ALA B 52 -22.12 15.18 -25.17
CA ALA B 52 -21.61 15.95 -24.00
C ALA B 52 -22.22 15.36 -22.75
N TRP B 53 -21.54 15.54 -21.63
CA TRP B 53 -22.05 15.16 -20.30
C TRP B 53 -22.84 16.35 -19.78
N LEU B 54 -24.07 16.10 -19.39
CA LEU B 54 -24.93 17.05 -18.70
C LEU B 54 -24.67 16.82 -17.23
N VAL B 55 -24.47 17.93 -16.53
CA VAL B 55 -24.18 17.97 -15.09
C VAL B 55 -25.34 18.65 -14.42
N THR B 56 -26.01 17.97 -13.49
CA THR B 56 -27.28 18.38 -12.88
C THR B 56 -27.11 18.75 -11.42
N ARG B 57 -25.99 18.42 -10.81
CA ARG B 57 -25.81 18.49 -9.34
C ARG B 57 -24.86 19.63 -9.01
N MET B 58 -25.01 20.25 -7.84
CA MET B 58 -24.15 21.39 -7.44
C MET B 58 -22.68 20.95 -7.32
N SER B 59 -22.38 19.81 -6.68
CA SER B 59 -20.98 19.37 -6.43
C SER B 59 -20.21 19.30 -7.76
N ASP B 60 -20.81 18.65 -8.74
CA ASP B 60 -20.30 18.44 -10.13
C ASP B 60 -20.26 19.78 -10.90
N ALA B 61 -21.30 20.62 -10.80
CA ALA B 61 -21.31 21.96 -11.48
C ALA B 61 -20.15 22.80 -10.97
N ARG B 62 -19.92 22.78 -9.67
CA ARG B 62 -18.75 23.51 -9.08
C ARG B 62 -17.45 22.97 -9.67
N ILE B 63 -17.38 21.68 -9.98
CA ILE B 63 -16.12 21.11 -10.55
C ILE B 63 -15.97 21.54 -12.00
N VAL B 64 -16.98 21.29 -12.81
CA VAL B 64 -16.94 21.69 -14.24
C VAL B 64 -16.66 23.22 -14.41
N LEU B 65 -17.31 24.07 -13.65
CA LEU B 65 -17.12 25.56 -13.76
C LEU B 65 -15.85 26.05 -13.04
N GLY B 66 -15.28 25.26 -12.10
CA GLY B 66 -14.32 25.77 -11.10
C GLY B 66 -12.93 25.18 -11.20
N ASP B 67 -12.66 24.31 -12.16
CA ASP B 67 -11.38 23.55 -12.25
C ASP B 67 -10.65 24.01 -13.51
N SER B 68 -9.36 24.27 -13.45
CA SER B 68 -8.58 24.64 -14.64
C SER B 68 -8.39 23.46 -15.55
N ARG B 69 -8.82 22.25 -15.17
CA ARG B 69 -8.75 21.11 -16.15
C ARG B 69 -9.93 21.13 -17.12
N PHE B 70 -10.76 22.16 -17.11
CA PHE B 70 -11.85 22.41 -18.09
C PHE B 70 -11.49 23.67 -18.85
N SER B 71 -11.46 23.59 -20.16
CA SER B 71 -11.15 24.70 -21.06
C SER B 71 -12.45 25.13 -21.73
N THR B 72 -12.69 26.45 -21.81
CA THR B 72 -13.75 27.01 -22.68
C THR B 72 -13.15 27.34 -24.04
N ALA B 73 -11.88 27.73 -24.08
CA ALA B 73 -11.23 28.05 -25.38
C ALA B 73 -11.32 26.83 -26.30
N ALA B 74 -11.26 25.63 -25.76
CA ALA B 74 -11.39 24.34 -26.47
C ALA B 74 -12.74 24.21 -27.18
N ALA B 75 -13.81 24.82 -26.67
CA ALA B 75 -15.18 24.61 -27.16
C ALA B 75 -15.49 25.50 -28.38
N THR B 76 -14.52 26.30 -28.84
CA THR B 76 -14.69 27.20 -30.03
C THR B 76 -14.60 26.37 -31.32
N ASP B 77 -13.99 25.19 -31.26
CA ASP B 77 -13.91 24.27 -32.42
C ASP B 77 -15.33 24.04 -32.90
N PRO B 78 -15.64 24.20 -34.21
CA PRO B 78 -17.00 24.16 -34.74
C PRO B 78 -17.74 22.83 -34.54
N ALA B 79 -16.98 21.74 -34.37
CA ALA B 79 -17.47 20.38 -34.03
C ALA B 79 -17.80 20.18 -32.53
N THR B 80 -17.36 21.04 -31.59
CA THR B 80 -17.83 20.96 -30.17
C THR B 80 -19.35 21.09 -30.07
N PRO B 81 -20.05 20.19 -29.33
CA PRO B 81 -21.43 20.40 -28.98
C PRO B 81 -21.62 21.82 -28.41
N ARG B 82 -22.77 22.43 -28.65
CA ARG B 82 -23.02 23.83 -28.23
C ARG B 82 -24.52 24.07 -28.27
N MET B 83 -25.03 25.02 -27.48
CA MET B 83 -26.49 25.20 -27.26
C MET B 83 -27.10 26.05 -28.36
N PHE B 84 -26.29 26.49 -29.32
CA PHE B 84 -26.60 27.63 -30.19
C PHE B 84 -25.91 27.46 -31.52
N PRO B 85 -26.52 28.05 -32.59
CA PRO B 85 -26.19 27.70 -33.96
C PRO B 85 -24.79 28.06 -34.45
N THR B 86 -24.20 29.15 -34.01
CA THR B 86 -22.86 29.53 -34.57
CA THR B 86 -22.87 29.62 -34.50
C THR B 86 -21.73 29.05 -33.66
N PRO B 87 -20.67 28.45 -34.27
CA PRO B 87 -19.48 28.12 -33.50
C PRO B 87 -19.16 29.31 -32.59
N PRO B 88 -18.80 29.09 -31.30
CA PRO B 88 -18.53 30.21 -30.40
C PRO B 88 -17.50 31.18 -30.98
N GLU B 89 -17.70 32.50 -30.81
CA GLU B 89 -16.65 33.46 -31.19
C GLU B 89 -15.44 33.30 -30.30
N PRO B 90 -14.26 33.08 -30.91
CA PRO B 90 -13.04 32.83 -30.14
C PRO B 90 -12.58 34.03 -29.33
N ASP B 91 -12.97 35.22 -29.79
CA ASP B 91 -12.64 36.49 -29.14
C ASP B 91 -13.54 36.66 -27.90
N GLY B 92 -14.64 35.91 -27.75
CA GLY B 92 -15.56 36.13 -26.59
C GLY B 92 -14.79 35.91 -25.28
N VAL B 93 -15.09 36.68 -24.21
CA VAL B 93 -14.57 36.39 -22.85
C VAL B 93 -14.82 34.93 -22.47
N LEU B 94 -16.04 34.47 -22.68
CA LEU B 94 -16.50 33.12 -22.29
C LEU B 94 -15.56 32.10 -22.90
N ALA B 95 -15.09 32.39 -24.11
CA ALA B 95 -14.31 31.43 -24.90
C ALA B 95 -12.84 31.59 -24.53
N GLN B 96 -12.50 32.40 -23.49
CA GLN B 96 -11.09 32.56 -23.01
C GLN B 96 -10.79 31.73 -21.71
N ASP B 97 -9.57 31.22 -21.61
CA ASP B 97 -9.08 30.44 -20.43
C ASP B 97 -8.07 31.33 -19.73
N PRO B 98 -7.96 31.30 -18.40
CA PRO B 98 -6.85 31.97 -17.72
C PRO B 98 -5.48 31.48 -18.25
N PRO B 99 -4.39 32.27 -18.22
CA PRO B 99 -4.39 33.64 -17.74
C PRO B 99 -4.93 34.73 -18.69
N ASP B 100 -5.05 34.46 -19.96
CA ASP B 100 -5.55 35.47 -20.92
C ASP B 100 -6.95 35.93 -20.47
N HIS B 101 -7.74 35.01 -19.96
CA HIS B 101 -9.10 35.35 -19.49
CA HIS B 101 -9.11 35.34 -19.48
C HIS B 101 -9.01 36.42 -18.39
N THR B 102 -8.08 36.21 -17.42
CA THR B 102 -7.81 37.11 -16.25
C THR B 102 -7.43 38.53 -16.74
N ARG B 103 -6.44 38.66 -17.63
CA ARG B 103 -6.02 39.94 -18.25
C ARG B 103 -7.24 40.59 -18.93
N LEU B 104 -8.03 39.85 -19.68
CA LEU B 104 -9.25 40.41 -20.34
C LEU B 104 -10.21 40.99 -19.29
N ARG B 105 -10.59 40.20 -18.29
CA ARG B 105 -11.48 40.69 -17.23
C ARG B 105 -10.89 41.92 -16.48
N ARG B 106 -9.57 42.01 -16.37
CA ARG B 106 -8.87 43.09 -15.65
C ARG B 106 -9.09 44.43 -16.36
N LEU B 107 -9.29 44.45 -17.68
CA LEU B 107 -9.62 45.73 -18.40
C LEU B 107 -10.78 46.50 -17.73
N VAL B 108 -11.61 45.82 -16.96
CA VAL B 108 -12.99 46.29 -16.66
C VAL B 108 -13.34 45.92 -15.22
N GLY B 109 -12.59 45.02 -14.58
CA GLY B 109 -12.98 44.49 -13.27
C GLY B 109 -13.10 45.59 -12.21
N LYS B 110 -12.29 46.63 -12.28
CA LYS B 110 -12.37 47.82 -11.39
CA LYS B 110 -12.40 47.72 -11.26
C LYS B 110 -13.85 48.24 -11.22
N ALA B 111 -14.53 48.50 -12.33
CA ALA B 111 -15.92 49.04 -12.36
C ALA B 111 -16.94 48.09 -11.70
N PHE B 112 -16.66 46.79 -11.60
CA PHE B 112 -17.70 45.82 -11.22
C PHE B 112 -17.45 45.28 -9.82
N THR B 113 -16.43 45.76 -9.09
CA THR B 113 -16.22 45.33 -7.66
C THR B 113 -17.45 45.76 -6.89
N ALA B 114 -17.79 45.06 -5.80
CA ALA B 114 -19.04 45.31 -5.06
C ALA B 114 -19.05 46.76 -4.57
N ARG B 115 -17.87 47.32 -4.27
CA ARG B 115 -17.73 48.69 -3.71
C ARG B 115 -18.05 49.72 -4.80
N ARG B 116 -17.48 49.54 -5.97
CA ARG B 116 -17.71 50.51 -7.05
C ARG B 116 -19.16 50.45 -7.51
N VAL B 117 -19.79 49.29 -7.40
CA VAL B 117 -21.18 49.10 -7.85
C VAL B 117 -22.10 49.76 -6.83
N GLU B 118 -21.73 49.66 -5.57
CA GLU B 118 -22.46 50.27 -4.44
C GLU B 118 -22.55 51.78 -4.68
N GLU B 119 -21.47 52.44 -5.08
CA GLU B 119 -21.48 53.89 -5.43
C GLU B 119 -22.55 54.21 -6.51
N MET B 120 -23.07 53.23 -7.22
CA MET B 120 -24.05 53.48 -8.29
CA MET B 120 -24.06 53.43 -8.29
C MET B 120 -25.47 53.54 -7.68
N ARG B 121 -25.67 53.06 -6.43
CA ARG B 121 -27.04 52.91 -5.87
C ARG B 121 -27.83 54.23 -5.95
N PRO B 122 -27.30 55.39 -5.51
CA PRO B 122 -28.03 56.67 -5.65
C PRO B 122 -28.60 56.95 -7.04
N ARG B 123 -27.76 56.90 -8.08
CA ARG B 123 -28.17 57.20 -9.47
C ARG B 123 -29.04 56.04 -9.93
N VAL B 124 -28.80 54.81 -9.49
CA VAL B 124 -29.77 53.73 -9.90
C VAL B 124 -31.16 53.98 -9.27
N ARG B 125 -31.24 54.30 -7.97
CA ARG B 125 -32.52 54.58 -7.26
C ARG B 125 -33.30 55.72 -7.96
N SER B 126 -32.58 56.77 -8.33
CA SER B 126 -33.19 57.96 -8.96
CA SER B 126 -33.20 57.96 -8.96
C SER B 126 -33.77 57.54 -10.30
N LEU B 127 -33.05 56.68 -11.03
CA LEU B 127 -33.55 56.19 -12.33
C LEU B 127 -34.79 55.34 -12.11
N VAL B 128 -34.80 54.45 -11.12
CA VAL B 128 -36.03 53.65 -10.86
C VAL B 128 -37.22 54.60 -10.55
N ASP B 129 -36.99 55.60 -9.69
CA ASP B 129 -38.04 56.51 -9.20
C ASP B 129 -38.62 57.22 -10.44
N SER B 130 -37.75 57.68 -11.33
CA SER B 130 -38.17 58.49 -12.49
C SER B 130 -39.10 57.65 -13.37
N LEU B 131 -38.75 56.39 -13.63
CA LEU B 131 -39.55 55.51 -14.53
C LEU B 131 -40.88 55.14 -13.88
N LEU B 132 -40.89 54.96 -12.57
CA LEU B 132 -42.13 54.60 -11.86
C LEU B 132 -43.01 55.86 -11.78
N ASP B 133 -42.42 57.05 -11.67
CA ASP B 133 -43.20 58.32 -11.80
C ASP B 133 -43.92 58.26 -13.16
N ASP B 134 -43.23 57.87 -14.21
CA ASP B 134 -43.82 57.86 -15.57
C ASP B 134 -44.95 56.85 -15.61
N MET B 135 -44.81 55.74 -14.91
CA MET B 135 -45.82 54.67 -14.93
CA MET B 135 -45.84 54.66 -14.96
C MET B 135 -47.08 55.16 -14.22
N VAL B 136 -46.91 55.85 -13.10
CA VAL B 136 -48.00 56.40 -12.27
C VAL B 136 -48.80 57.40 -13.11
N ALA B 137 -48.09 58.26 -13.82
CA ALA B 137 -48.59 59.26 -14.78
C ALA B 137 -49.45 58.53 -15.81
N HIS B 138 -48.95 57.43 -16.37
CA HIS B 138 -49.74 56.68 -17.39
C HIS B 138 -51.06 56.19 -16.80
N GLY B 139 -51.00 55.60 -15.60
CA GLY B 139 -52.14 55.11 -14.84
C GLY B 139 -52.23 53.62 -14.96
N SER B 140 -52.83 53.00 -13.94
CA SER B 140 -53.09 51.55 -13.87
C SER B 140 -54.23 51.19 -14.82
N PRO B 141 -54.21 50.06 -15.55
CA PRO B 141 -53.07 49.13 -15.57
C PRO B 141 -52.01 49.40 -16.66
N ALA B 142 -50.73 49.02 -16.44
CA ALA B 142 -49.68 49.33 -17.42
C ALA B 142 -48.63 48.21 -17.52
N ASP B 143 -47.92 48.23 -18.64
CA ASP B 143 -46.95 47.20 -18.99
C ASP B 143 -45.66 47.41 -18.18
N LEU B 144 -45.37 46.56 -17.17
CA LEU B 144 -44.10 46.67 -16.41
C LEU B 144 -42.92 46.58 -17.35
N VAL B 145 -43.03 45.93 -18.49
CA VAL B 145 -41.85 45.78 -19.39
C VAL B 145 -41.51 47.08 -20.09
N GLU B 146 -42.49 47.73 -20.72
CA GLU B 146 -42.31 49.08 -21.34
C GLU B 146 -41.82 50.08 -20.29
N PHE B 147 -42.41 50.07 -19.10
CA PHE B 147 -42.26 51.16 -18.10
C PHE B 147 -41.08 50.94 -17.15
N LEU B 148 -40.75 49.69 -16.77
CA LEU B 148 -39.64 49.41 -15.81
C LEU B 148 -38.65 48.39 -16.42
N ALA B 149 -39.05 47.15 -16.71
CA ALA B 149 -38.06 46.08 -17.00
C ALA B 149 -37.11 46.47 -18.14
N VAL B 150 -37.56 47.08 -19.23
CA VAL B 150 -36.67 47.39 -20.40
C VAL B 150 -35.87 48.65 -20.13
N PRO B 151 -36.50 49.84 -19.89
CA PRO B 151 -35.74 51.09 -19.84
C PRO B 151 -34.70 51.16 -18.73
N PHE B 152 -35.00 50.59 -17.57
CA PHE B 152 -34.13 50.78 -16.38
C PHE B 152 -32.76 50.16 -16.67
N PRO B 153 -32.65 48.84 -16.96
CA PRO B 153 -31.33 48.23 -17.17
C PRO B 153 -30.61 48.73 -18.42
N VAL B 154 -31.37 49.06 -19.44
CA VAL B 154 -30.84 49.63 -20.72
C VAL B 154 -30.16 50.98 -20.41
N ALA B 155 -30.85 51.84 -19.67
CA ALA B 155 -30.24 53.15 -19.34
C ALA B 155 -29.00 52.90 -18.46
N VAL B 156 -29.08 52.02 -17.45
CA VAL B 156 -27.89 51.83 -16.58
C VAL B 156 -26.66 51.44 -17.44
N ILE B 157 -26.77 50.44 -18.31
CA ILE B 157 -25.57 49.90 -18.98
C ILE B 157 -25.13 50.88 -20.03
N CYS B 158 -26.03 51.61 -20.71
CA CYS B 158 -25.57 52.63 -21.68
C CYS B 158 -24.78 53.71 -20.96
N GLU B 159 -25.21 54.11 -19.77
CA GLU B 159 -24.50 55.16 -18.98
C GLU B 159 -23.12 54.63 -18.57
N LEU B 160 -23.08 53.39 -18.08
CA LEU B 160 -21.81 52.80 -17.58
C LEU B 160 -20.80 52.67 -18.72
N LEU B 161 -21.19 52.15 -19.88
CA LEU B 161 -20.23 51.89 -21.01
C LEU B 161 -19.97 53.19 -21.74
N GLY B 162 -21.02 54.00 -21.92
CA GLY B 162 -21.03 55.20 -22.80
C GLY B 162 -21.56 54.85 -24.17
N VAL B 163 -22.57 54.00 -24.22
CA VAL B 163 -23.26 53.61 -25.47
C VAL B 163 -24.41 54.61 -25.65
N PRO B 164 -24.52 55.32 -26.78
CA PRO B 164 -25.63 56.22 -27.02
C PRO B 164 -27.00 55.53 -26.89
N LEU B 165 -27.91 56.13 -26.11
CA LEU B 165 -29.29 55.58 -25.90
C LEU B 165 -30.03 55.52 -27.23
N GLU B 166 -29.80 56.45 -28.15
CA GLU B 166 -30.57 56.46 -29.43
C GLU B 166 -30.23 55.19 -30.24
N ASP B 167 -29.19 54.43 -29.88
CA ASP B 167 -28.80 53.18 -30.61
C ASP B 167 -29.55 51.98 -30.01
N ARG B 168 -30.51 52.26 -29.12
CA ARG B 168 -31.27 51.23 -28.39
C ARG B 168 -31.80 50.21 -29.39
N ASP B 169 -32.37 50.65 -30.50
CA ASP B 169 -33.18 49.74 -31.36
C ASP B 169 -32.23 48.82 -32.10
N LEU B 170 -31.11 49.36 -32.54
CA LEU B 170 -30.08 48.56 -33.20
C LEU B 170 -29.51 47.57 -32.17
N PHE B 171 -29.03 48.01 -31.02
CA PHE B 171 -28.25 47.05 -30.16
C PHE B 171 -29.19 46.10 -29.44
N ARG B 172 -30.45 46.46 -29.19
CA ARG B 172 -31.45 45.46 -28.72
C ARG B 172 -31.61 44.37 -29.80
N THR B 173 -31.78 44.76 -31.07
CA THR B 173 -31.97 43.79 -32.17
C THR B 173 -30.74 42.85 -32.27
N PHE B 174 -29.53 43.38 -32.35
CA PHE B 174 -28.28 42.58 -32.32
C PHE B 174 -28.28 41.64 -31.08
N SER B 175 -28.51 42.18 -29.89
CA SER B 175 -28.42 41.42 -28.62
C SER B 175 -29.38 40.22 -28.64
N ASP B 176 -30.63 40.43 -29.05
CA ASP B 176 -31.64 39.36 -28.98
C ASP B 176 -31.24 38.29 -29.97
N ALA B 177 -30.86 38.67 -31.18
CA ALA B 177 -30.48 37.67 -32.20
C ALA B 177 -29.29 36.82 -31.69
N MET B 178 -28.32 37.45 -31.04
CA MET B 178 -27.07 36.78 -30.58
C MET B 178 -27.33 35.86 -29.39
N LEU B 179 -28.45 36.07 -28.68
CA LEU B 179 -29.03 35.15 -27.68
C LEU B 179 -30.06 34.20 -28.26
N SER B 180 -30.12 34.05 -29.58
CA SER B 180 -31.09 33.12 -30.21
C SER B 180 -30.66 31.64 -30.02
N SER B 181 -31.60 30.76 -29.70
CA SER B 181 -31.39 29.28 -29.58
C SER B 181 -31.80 28.64 -30.92
N THR B 182 -33.10 28.69 -31.25
CA THR B 182 -33.73 28.10 -32.48
C THR B 182 -34.37 29.12 -33.43
N ARG B 183 -34.26 30.43 -33.24
CA ARG B 183 -35.01 31.43 -34.04
C ARG B 183 -34.37 31.71 -35.39
N LEU B 184 -33.05 31.79 -35.43
CA LEU B 184 -32.24 32.23 -36.60
C LEU B 184 -31.17 31.19 -36.92
N THR B 185 -30.70 31.21 -38.15
CA THR B 185 -29.59 30.35 -38.62
C THR B 185 -28.26 30.94 -38.18
N ALA B 186 -27.21 30.18 -38.42
CA ALA B 186 -25.83 30.53 -38.09
C ALA B 186 -25.38 31.69 -38.97
N ALA B 187 -25.64 31.56 -40.25
CA ALA B 187 -25.27 32.57 -41.26
C ALA B 187 -25.79 33.95 -40.83
N GLU B 188 -27.02 33.99 -40.27
CA GLU B 188 -27.75 35.21 -39.87
C GLU B 188 -27.18 35.79 -38.56
N ILE B 189 -26.97 34.92 -37.56
CA ILE B 189 -26.38 35.31 -36.25
C ILE B 189 -24.95 35.80 -36.54
N GLN B 190 -24.23 35.14 -37.43
CA GLN B 190 -22.84 35.54 -37.75
CA GLN B 190 -22.84 35.54 -37.77
C GLN B 190 -22.87 36.96 -38.32
N ARG B 191 -23.83 37.24 -39.21
CA ARG B 191 -23.94 38.55 -39.85
C ARG B 191 -24.19 39.60 -38.76
N VAL B 192 -25.06 39.33 -37.78
CA VAL B 192 -25.28 40.22 -36.60
C VAL B 192 -23.97 40.38 -35.80
N GLN B 193 -23.33 39.27 -35.46
CA GLN B 193 -22.05 39.30 -34.72
C GLN B 193 -21.12 40.29 -35.40
N GLN B 194 -21.00 40.21 -36.72
CA GLN B 194 -20.00 41.03 -37.47
C GLN B 194 -20.47 42.50 -37.37
N ASP B 195 -21.78 42.75 -37.54
CA ASP B 195 -22.34 44.13 -37.48
C ASP B 195 -22.12 44.72 -36.10
N PHE B 196 -22.25 43.89 -35.05
CA PHE B 196 -22.10 44.34 -33.64
C PHE B 196 -20.62 44.71 -33.44
N MET B 197 -19.70 43.90 -33.99
CA MET B 197 -18.25 44.14 -33.75
C MET B 197 -17.90 45.47 -34.45
N VAL B 198 -18.42 45.70 -35.64
CA VAL B 198 -18.15 46.98 -36.36
C VAL B 198 -18.69 48.17 -35.56
N TYR B 199 -19.93 48.09 -35.07
CA TYR B 199 -20.58 49.14 -34.23
C TYR B 199 -19.70 49.41 -33.02
N MET B 200 -19.42 48.33 -32.24
CA MET B 200 -18.67 48.43 -30.96
C MET B 200 -17.23 48.85 -31.26
N ASP B 201 -16.63 48.40 -32.35
CA ASP B 201 -15.26 48.89 -32.71
C ASP B 201 -15.32 50.42 -32.96
N GLY B 202 -16.39 50.95 -33.59
CA GLY B 202 -16.45 52.40 -33.82
C GLY B 202 -16.44 53.14 -32.50
N LEU B 203 -17.32 52.73 -31.57
CA LEU B 203 -17.46 53.34 -30.22
C LEU B 203 -16.13 53.29 -29.47
N VAL B 204 -15.36 52.22 -29.55
CA VAL B 204 -14.11 52.30 -28.74
C VAL B 204 -13.01 53.07 -29.48
N ALA B 205 -12.91 53.02 -30.82
CA ALA B 205 -11.90 53.78 -31.61
C ALA B 205 -11.99 55.30 -31.33
N GLN B 206 -13.22 55.84 -31.29
CA GLN B 206 -13.54 57.26 -30.99
C GLN B 206 -12.90 57.76 -29.68
N ARG B 207 -12.45 56.87 -28.81
CA ARG B 207 -12.02 57.24 -27.43
C ARG B 207 -10.49 57.20 -27.34
N ARG B 208 -9.77 57.14 -28.44
CA ARG B 208 -8.30 56.92 -28.39
C ARG B 208 -7.52 58.25 -28.25
N ASP B 209 -8.00 59.40 -28.78
CA ASP B 209 -7.41 60.76 -28.62
CA ASP B 209 -7.41 60.76 -28.62
CA ASP B 209 -7.34 60.71 -28.46
C ASP B 209 -8.36 61.65 -27.79
N ALA B 210 -9.49 61.09 -27.35
CA ALA B 210 -10.55 61.75 -26.56
C ALA B 210 -10.87 60.87 -25.35
N PRO B 211 -9.94 60.76 -24.37
CA PRO B 211 -10.09 59.81 -23.26
C PRO B 211 -11.39 60.14 -22.52
N THR B 212 -12.35 59.21 -22.60
CA THR B 212 -13.65 59.30 -21.91
C THR B 212 -13.49 58.65 -20.53
N GLU B 213 -14.21 59.15 -19.53
CA GLU B 213 -14.41 58.49 -18.21
CA GLU B 213 -14.36 58.42 -18.24
C GLU B 213 -15.61 57.57 -18.38
N ASP B 214 -15.42 56.37 -18.92
CA ASP B 214 -16.49 55.36 -19.10
C ASP B 214 -15.84 54.03 -19.46
N LEU B 215 -16.55 52.92 -19.30
CA LEU B 215 -15.94 51.57 -19.43
C LEU B 215 -15.39 51.46 -20.85
N LEU B 216 -16.08 51.95 -21.88
CA LEU B 216 -15.52 51.94 -23.25
C LEU B 216 -14.17 52.70 -23.36
N GLY B 217 -13.97 53.78 -22.59
CA GLY B 217 -12.69 54.50 -22.51
C GLY B 217 -11.52 53.62 -21.99
N ALA B 218 -11.77 52.80 -20.98
CA ALA B 218 -10.80 51.76 -20.54
C ALA B 218 -10.50 50.80 -21.68
N LEU B 219 -11.50 50.35 -22.43
CA LEU B 219 -11.24 49.41 -23.55
C LEU B 219 -10.37 50.14 -24.56
N ALA B 220 -10.63 51.44 -24.75
CA ALA B 220 -9.89 52.27 -25.72
C ALA B 220 -8.43 52.36 -25.28
N LEU B 221 -8.13 52.67 -24.01
CA LEU B 221 -6.72 52.68 -23.52
C LEU B 221 -6.05 51.35 -23.85
N ALA B 222 -6.75 50.21 -23.82
CA ALA B 222 -6.11 48.89 -23.93
C ALA B 222 -5.74 48.59 -25.39
N THR B 223 -6.53 49.06 -26.37
CA THR B 223 -6.20 48.98 -27.81
C THR B 223 -4.83 49.65 -28.01
N ASP B 224 -4.65 50.86 -27.50
CA ASP B 224 -3.39 51.66 -27.62
C ASP B 224 -2.18 50.84 -27.14
N ASN B 225 -2.25 50.26 -25.93
CA ASN B 225 -1.08 49.67 -25.22
C ASN B 225 -1.49 48.40 -24.46
N ASP B 226 -1.45 47.23 -25.11
CA ASP B 226 -1.63 45.94 -24.40
C ASP B 226 -0.71 44.86 -24.98
N ASP B 227 -0.08 44.09 -24.09
CA ASP B 227 0.93 43.04 -24.38
C ASP B 227 0.25 41.79 -24.94
N HIS B 228 -0.85 41.30 -24.34
CA HIS B 228 -1.39 39.92 -24.57
C HIS B 228 -2.64 39.93 -25.47
N LEU B 229 -3.41 41.02 -25.50
CA LEU B 229 -4.83 40.95 -25.94
C LEU B 229 -4.98 41.57 -27.32
N THR B 230 -5.70 40.94 -28.25
CA THR B 230 -6.01 41.54 -29.58
C THR B 230 -7.09 42.62 -29.46
N LYS B 231 -7.25 43.39 -30.52
CA LYS B 231 -8.29 44.44 -30.65
C LYS B 231 -9.66 43.76 -30.64
N GLY B 232 -9.79 42.64 -31.35
CA GLY B 232 -11.05 41.85 -31.38
C GLY B 232 -11.47 41.40 -30.00
N GLU B 233 -10.53 40.99 -29.16
CA GLU B 233 -10.84 40.50 -27.80
C GLU B 233 -11.26 41.70 -26.94
N ILE B 234 -10.55 42.80 -27.07
CA ILE B 234 -10.86 44.03 -26.31
C ILE B 234 -12.27 44.53 -26.65
N VAL B 235 -12.61 44.60 -27.92
CA VAL B 235 -13.91 45.15 -28.41
C VAL B 235 -15.02 44.14 -28.18
N ASN B 236 -14.75 42.86 -28.30
CA ASN B 236 -15.79 41.85 -28.00
C ASN B 236 -16.25 41.98 -26.54
N MET B 237 -15.40 42.41 -25.60
CA MET B 237 -15.82 42.60 -24.20
C MET B 237 -16.91 43.67 -24.12
N GLY B 238 -16.76 44.75 -24.90
CA GLY B 238 -17.81 45.80 -25.04
C GLY B 238 -19.11 45.17 -25.49
N VAL B 239 -19.04 44.27 -26.48
CA VAL B 239 -20.27 43.63 -26.95
C VAL B 239 -20.90 42.84 -25.79
N SER B 240 -20.12 41.97 -25.14
CA SER B 240 -20.64 41.08 -24.07
C SER B 240 -21.23 41.95 -22.94
N LEU B 241 -20.56 43.04 -22.52
CA LEU B 241 -21.09 43.84 -21.39
C LEU B 241 -22.41 44.46 -21.81
N LEU B 242 -22.52 44.98 -23.04
CA LEU B 242 -23.78 45.62 -23.51
C LEU B 242 -24.90 44.59 -23.58
N ILE B 243 -24.61 43.43 -24.22
CA ILE B 243 -25.60 42.35 -24.32
C ILE B 243 -25.98 41.92 -22.92
N ALA B 244 -25.00 41.51 -22.13
CA ALA B 244 -25.36 40.86 -20.84
C ALA B 244 -25.89 41.90 -19.86
N GLY B 245 -25.42 43.14 -19.99
CA GLY B 245 -25.80 44.17 -19.03
C GLY B 245 -27.29 44.48 -19.10
N HIS B 246 -27.94 44.27 -20.24
CA HIS B 246 -29.40 44.52 -20.29
C HIS B 246 -30.16 43.23 -20.41
N GLU B 247 -29.73 42.28 -21.25
CA GLU B 247 -30.57 41.06 -21.46
C GLU B 247 -30.84 40.36 -20.13
N THR B 248 -29.90 40.27 -19.21
CA THR B 248 -30.15 39.48 -17.99
C THR B 248 -31.18 40.23 -17.12
N SER B 249 -30.84 41.45 -16.71
CA SER B 249 -31.68 42.21 -15.75
C SER B 249 -33.09 42.44 -16.30
N VAL B 250 -33.23 42.78 -17.59
CA VAL B 250 -34.56 43.01 -18.24
C VAL B 250 -35.40 41.77 -17.97
N ASN B 251 -34.86 40.58 -18.29
CA ASN B 251 -35.65 39.34 -18.13
C ASN B 251 -35.85 39.07 -16.64
N GLN B 252 -34.84 39.27 -15.80
CA GLN B 252 -34.95 38.86 -14.38
C GLN B 252 -35.91 39.79 -13.64
N ILE B 253 -36.02 41.06 -14.06
CA ILE B 253 -37.08 41.89 -13.42
C ILE B 253 -38.44 41.23 -13.70
N THR B 254 -38.69 40.82 -14.93
CA THR B 254 -40.03 40.23 -15.24
C THR B 254 -40.12 38.86 -14.54
N ASN B 255 -39.00 38.12 -14.48
CA ASN B 255 -39.01 36.75 -13.88
C ASN B 255 -39.37 36.87 -12.40
N LEU B 256 -38.80 37.87 -11.70
CA LEU B 256 -38.96 37.96 -10.22
C LEU B 256 -40.36 38.50 -9.92
N VAL B 257 -40.79 39.55 -10.61
CA VAL B 257 -42.18 40.05 -10.44
C VAL B 257 -43.13 38.88 -10.67
N HIS B 258 -42.97 38.08 -11.74
CA HIS B 258 -43.91 36.95 -12.03
C HIS B 258 -43.97 35.99 -10.84
N LEU B 259 -42.82 35.62 -10.24
CA LEU B 259 -42.81 34.76 -9.01
C LEU B 259 -43.54 35.44 -7.85
N LEU B 260 -43.37 36.75 -7.62
CA LEU B 260 -43.91 37.48 -6.43
C LEU B 260 -45.44 37.57 -6.54
N LEU B 261 -45.99 37.73 -7.75
CA LEU B 261 -47.44 38.05 -7.95
C LEU B 261 -48.27 36.79 -8.22
N THR B 262 -47.74 35.73 -8.81
CA THR B 262 -48.53 34.49 -9.05
C THR B 262 -48.78 33.75 -7.72
N GLU B 263 -47.98 33.94 -6.67
CA GLU B 263 -48.33 33.52 -5.28
C GLU B 263 -48.20 34.72 -4.34
N ARG B 264 -49.26 35.52 -4.21
CA ARG B 264 -49.14 36.95 -3.79
C ARG B 264 -48.62 37.04 -2.35
N LYS B 265 -48.70 35.98 -1.56
CA LYS B 265 -48.14 35.99 -0.18
CA LYS B 265 -48.11 35.95 -0.19
C LYS B 265 -46.66 36.41 -0.27
N ARG B 266 -45.93 35.95 -1.29
CA ARG B 266 -44.49 36.27 -1.54
C ARG B 266 -44.38 37.79 -1.67
N TYR B 267 -45.17 38.40 -2.54
CA TYR B 267 -45.14 39.87 -2.70
C TYR B 267 -45.55 40.50 -1.40
N GLU B 268 -46.65 40.02 -0.83
CA GLU B 268 -47.20 40.58 0.44
C GLU B 268 -46.13 40.54 1.55
N SER B 269 -45.24 39.53 1.54
CA SER B 269 -44.21 39.34 2.60
C SER B 269 -43.09 40.38 2.43
N LEU B 270 -42.85 40.87 1.21
CA LEU B 270 -41.89 41.99 1.01
C LEU B 270 -42.59 43.32 1.32
N VAL B 271 -43.88 43.46 1.01
CA VAL B 271 -44.61 44.74 1.26
C VAL B 271 -44.50 45.05 2.76
N ALA B 272 -44.70 44.04 3.61
CA ALA B 272 -44.65 44.05 5.10
C ALA B 272 -43.24 44.29 5.64
N ASP B 273 -42.19 43.95 4.90
CA ASP B 273 -40.79 44.06 5.40
C ASP B 273 -39.85 44.24 4.23
N PRO B 274 -39.76 45.48 3.70
CA PRO B 274 -38.85 45.80 2.60
C PRO B 274 -37.36 45.45 2.82
N ALA B 275 -36.91 45.26 4.08
CA ALA B 275 -35.51 44.93 4.40
C ALA B 275 -35.21 43.48 4.00
N LEU B 276 -36.26 42.68 3.75
CA LEU B 276 -36.20 41.25 3.33
C LEU B 276 -35.83 41.12 1.83
N VAL B 277 -35.92 42.20 1.06
CA VAL B 277 -35.80 42.12 -0.42
C VAL B 277 -34.42 41.59 -0.86
N PRO B 278 -33.26 42.02 -0.32
CA PRO B 278 -31.97 41.47 -0.74
C PRO B 278 -31.89 39.93 -0.64
N ALA B 279 -32.40 39.35 0.44
CA ALA B 279 -32.46 37.88 0.55
C ALA B 279 -33.52 37.33 -0.41
N ALA B 280 -34.65 38.01 -0.57
CA ALA B 280 -35.71 37.54 -1.48
C ALA B 280 -35.09 37.47 -2.87
N VAL B 281 -34.29 38.49 -3.22
CA VAL B 281 -33.54 38.52 -4.51
C VAL B 281 -32.60 37.29 -4.63
N GLU B 282 -31.81 36.96 -3.61
CA GLU B 282 -30.89 35.78 -3.67
C GLU B 282 -31.68 34.50 -3.98
N GLU B 283 -32.87 34.34 -3.39
CA GLU B 283 -33.67 33.12 -3.43
C GLU B 283 -34.37 32.98 -4.78
N MET B 284 -34.88 34.07 -5.36
CA MET B 284 -35.50 34.04 -6.72
CA MET B 284 -35.50 33.98 -6.70
C MET B 284 -34.38 33.86 -7.75
N LEU B 285 -33.20 34.42 -7.50
CA LEU B 285 -32.03 34.14 -8.38
C LEU B 285 -31.79 32.61 -8.47
N ARG B 286 -31.73 31.94 -7.33
CA ARG B 286 -31.56 30.46 -7.26
C ARG B 286 -32.68 29.75 -7.99
N TYR B 287 -33.92 30.14 -7.74
CA TYR B 287 -35.13 29.38 -8.12
C TYR B 287 -35.43 29.52 -9.61
N THR B 288 -34.86 30.51 -10.30
CA THR B 288 -35.29 30.95 -11.64
C THR B 288 -34.30 30.52 -12.69
N PRO B 289 -34.79 29.77 -13.69
CA PRO B 289 -34.00 29.38 -14.85
C PRO B 289 -33.88 30.51 -15.87
N LEU B 290 -33.07 31.50 -15.55
CA LEU B 290 -32.78 32.60 -16.49
C LEU B 290 -32.14 31.92 -17.70
N VAL B 291 -31.15 31.08 -17.43
CA VAL B 291 -30.54 30.34 -18.56
C VAL B 291 -31.50 29.20 -18.80
N SER B 292 -32.06 29.18 -19.99
CA SER B 292 -33.24 28.33 -20.29
C SER B 292 -32.82 26.86 -20.20
N ALA B 293 -31.61 26.56 -20.65
CA ALA B 293 -31.07 25.19 -20.68
C ALA B 293 -29.58 25.26 -20.87
N GLY B 294 -28.82 24.41 -20.17
CA GLY B 294 -27.42 24.20 -20.56
C GLY B 294 -26.59 25.40 -20.32
N SER B 295 -25.47 25.46 -21.02
CA SER B 295 -24.41 26.43 -20.71
C SER B 295 -23.45 26.50 -21.88
N PHE B 296 -22.55 27.43 -21.81
CA PHE B 296 -21.31 27.39 -22.59
C PHE B 296 -20.58 26.14 -22.12
N VAL B 297 -20.05 25.37 -23.08
CA VAL B 297 -19.48 24.01 -22.94
C VAL B 297 -18.07 24.10 -22.38
N ARG B 298 -17.75 23.26 -21.40
CA ARG B 298 -16.37 23.05 -20.88
C ARG B 298 -15.84 21.72 -21.45
N VAL B 299 -14.62 21.71 -22.02
CA VAL B 299 -13.96 20.53 -22.59
C VAL B 299 -12.80 20.18 -21.64
N ALA B 300 -12.75 18.97 -21.14
CA ALA B 300 -11.69 18.52 -20.20
C ALA B 300 -10.38 18.50 -20.95
N THR B 301 -9.31 19.05 -20.40
CA THR B 301 -7.96 19.04 -21.02
C THR B 301 -7.15 17.90 -20.40
N GLU B 302 -7.63 17.37 -19.27
CA GLU B 302 -7.15 16.18 -18.50
C GLU B 302 -8.38 15.47 -17.96
N ASP B 303 -8.19 14.27 -17.45
CA ASP B 303 -9.27 13.47 -16.86
C ASP B 303 -9.73 14.16 -15.59
N VAL B 304 -11.01 14.13 -15.33
CA VAL B 304 -11.57 14.76 -14.12
C VAL B 304 -12.64 13.86 -13.53
N GLU B 305 -12.60 13.68 -12.22
CA GLU B 305 -13.52 12.81 -11.46
C GLU B 305 -14.72 13.65 -11.12
N LEU B 306 -15.90 13.28 -11.59
CA LEU B 306 -17.19 13.83 -11.14
C LEU B 306 -17.82 12.82 -10.20
N SER B 307 -18.97 13.10 -9.61
CA SER B 307 -19.54 12.21 -8.57
C SER B 307 -19.58 10.72 -9.03
N THR B 308 -20.02 10.42 -10.27
CA THR B 308 -20.30 9.08 -10.77
C THR B 308 -19.46 8.68 -11.97
N VAL B 309 -18.66 9.58 -12.51
CA VAL B 309 -17.90 9.19 -13.71
C VAL B 309 -16.69 10.09 -13.88
N THR B 310 -15.64 9.55 -14.46
CA THR B 310 -14.42 10.31 -14.77
C THR B 310 -14.59 10.83 -16.19
N VAL B 311 -14.68 12.16 -16.37
CA VAL B 311 -14.72 12.78 -17.72
C VAL B 311 -13.30 12.65 -18.27
N ARG B 312 -13.17 12.21 -19.52
CA ARG B 312 -11.84 12.09 -20.14
C ARG B 312 -11.43 13.41 -20.78
N ALA B 313 -10.12 13.68 -20.78
CA ALA B 313 -9.49 14.65 -21.69
C ALA B 313 -10.17 14.59 -23.06
N GLY B 314 -10.79 15.72 -23.51
CA GLY B 314 -11.39 15.86 -24.85
C GLY B 314 -12.88 15.73 -24.81
N GLU B 315 -13.44 15.27 -23.71
CA GLU B 315 -14.90 15.12 -23.63
C GLU B 315 -15.51 16.44 -23.11
N PRO B 316 -16.61 16.90 -23.74
CA PRO B 316 -17.25 18.13 -23.39
C PRO B 316 -18.30 17.87 -22.32
N CYS B 317 -18.54 18.88 -21.47
CA CYS B 317 -19.60 18.92 -20.47
C CYS B 317 -20.38 20.26 -20.59
N VAL B 318 -21.60 20.24 -20.10
CA VAL B 318 -22.60 21.31 -20.16
C VAL B 318 -23.28 21.23 -18.80
N VAL B 319 -23.46 22.39 -18.15
CA VAL B 319 -24.17 22.50 -16.88
C VAL B 319 -25.58 23.05 -17.05
N HIS B 320 -26.49 22.61 -16.21
CA HIS B 320 -27.77 23.32 -16.03
C HIS B 320 -27.73 24.01 -14.68
N PHE B 321 -27.44 25.30 -14.70
CA PHE B 321 -27.34 26.16 -13.48
C PHE B 321 -28.56 25.91 -12.59
N ALA B 322 -29.75 26.03 -13.16
CA ALA B 322 -31.01 25.98 -12.41
C ALA B 322 -31.15 24.62 -11.72
N SER B 323 -30.74 23.53 -12.39
CA SER B 323 -30.76 22.18 -11.79
C SER B 323 -29.82 22.17 -10.58
N ALA B 324 -28.58 22.62 -10.74
CA ALA B 324 -27.63 22.69 -9.62
C ALA B 324 -28.27 23.43 -8.44
N ASN B 325 -29.11 24.43 -8.71
CA ASN B 325 -29.71 25.29 -7.66
C ASN B 325 -30.97 24.69 -7.06
N ARG B 326 -31.44 23.57 -7.60
CA ARG B 326 -32.50 22.71 -7.00
C ARG B 326 -31.87 21.49 -6.28
N ASP B 327 -30.55 21.42 -6.14
CA ASP B 327 -29.89 20.23 -5.53
C ASP B 327 -30.35 20.01 -4.08
N GLU B 328 -31.00 18.86 -3.85
N GLU B 328 -31.06 18.92 -3.77
CA GLU B 328 -31.64 18.43 -2.58
CA GLU B 328 -31.66 18.74 -2.41
C GLU B 328 -30.61 18.33 -1.44
C GLU B 328 -30.57 18.43 -1.37
N GLU B 329 -29.34 18.12 -1.77
CA GLU B 329 -28.22 17.87 -0.82
C GLU B 329 -27.72 19.19 -0.28
N VAL B 330 -27.92 20.26 -1.05
CA VAL B 330 -27.43 21.63 -0.69
C VAL B 330 -28.56 22.43 -0.05
N PHE B 331 -29.76 22.32 -0.55
CA PHE B 331 -30.85 23.20 -0.08
C PHE B 331 -31.98 22.34 0.48
N ASP B 332 -32.39 22.59 1.72
CA ASP B 332 -33.62 22.00 2.30
C ASP B 332 -34.82 22.58 1.53
N HIS B 333 -35.79 21.71 1.24
CA HIS B 333 -37.03 22.09 0.49
CA HIS B 333 -37.01 22.04 0.46
C HIS B 333 -36.64 22.87 -0.79
N ALA B 334 -35.57 22.42 -1.47
CA ALA B 334 -34.99 23.06 -2.67
C ALA B 334 -36.08 23.52 -3.65
N ASP B 335 -37.18 22.77 -3.79
CA ASP B 335 -38.33 22.95 -4.71
CA ASP B 335 -38.21 23.11 -4.81
C ASP B 335 -39.26 24.06 -4.22
N GLU B 336 -38.99 24.66 -3.07
CA GLU B 336 -39.85 25.72 -2.50
C GLU B 336 -39.10 27.05 -2.38
N LEU B 337 -39.80 28.14 -2.68
CA LEU B 337 -39.28 29.52 -2.54
C LEU B 337 -39.40 30.00 -1.09
N ASP B 338 -38.28 30.25 -0.45
CA ASP B 338 -38.20 30.57 0.98
C ASP B 338 -37.23 31.76 1.14
N PHE B 339 -37.73 32.91 1.60
CA PHE B 339 -36.94 34.17 1.67
C PHE B 339 -36.13 34.23 2.97
N HIS B 340 -36.25 33.19 3.80
CA HIS B 340 -35.68 33.13 5.17
C HIS B 340 -34.65 32.01 5.30
N ARG B 341 -34.05 31.59 4.19
CA ARG B 341 -32.95 30.59 4.23
C ARG B 341 -31.74 31.21 4.92
N GLU B 342 -31.11 30.41 5.79
N GLU B 342 -31.09 30.46 5.83
CA GLU B 342 -29.91 30.76 6.59
CA GLU B 342 -29.89 30.94 6.56
C GLU B 342 -28.69 30.81 5.66
C GLU B 342 -28.66 30.87 5.62
N ARG B 343 -28.62 29.89 4.72
CA ARG B 343 -27.53 29.81 3.71
C ARG B 343 -28.17 29.59 2.32
N ASN B 344 -27.66 30.34 1.35
CA ASN B 344 -28.10 30.28 -0.08
C ASN B 344 -26.86 30.35 -0.97
N PRO B 345 -26.06 29.26 -1.02
CA PRO B 345 -24.84 29.24 -1.84
C PRO B 345 -25.22 28.89 -3.29
N HIS B 346 -26.10 29.65 -3.95
CA HIS B 346 -26.62 29.28 -5.29
C HIS B 346 -25.53 29.57 -6.33
N ILE B 347 -25.69 29.08 -7.57
CA ILE B 347 -24.79 29.47 -8.68
C ILE B 347 -25.59 30.12 -9.82
N ALA B 348 -26.55 31.01 -9.53
CA ALA B 348 -27.35 31.78 -10.51
C ALA B 348 -26.46 32.65 -11.38
N PHE B 349 -25.25 32.98 -10.86
CA PHE B 349 -24.15 33.76 -11.49
C PHE B 349 -22.97 32.87 -11.87
N GLY B 350 -23.17 31.55 -11.97
CA GLY B 350 -22.04 30.65 -12.31
C GLY B 350 -21.03 30.58 -11.17
N HIS B 351 -19.78 30.34 -11.48
CA HIS B 351 -18.74 29.97 -10.49
CA HIS B 351 -18.80 29.79 -10.53
C HIS B 351 -17.45 29.73 -11.22
N GLY B 352 -16.38 29.96 -10.49
CA GLY B 352 -15.00 29.80 -11.01
C GLY B 352 -14.62 30.97 -11.89
N ALA B 353 -13.74 30.76 -12.85
CA ALA B 353 -13.12 31.86 -13.60
C ALA B 353 -14.20 32.80 -14.17
N HIS B 354 -15.26 32.23 -14.75
CA HIS B 354 -16.30 32.92 -15.56
CA HIS B 354 -16.29 32.95 -15.56
C HIS B 354 -17.45 33.41 -14.67
N HIS B 355 -17.35 33.28 -13.36
CA HIS B 355 -18.38 33.81 -12.42
C HIS B 355 -18.84 35.20 -12.94
N CYS B 356 -20.12 35.45 -13.06
CA CYS B 356 -20.66 36.72 -13.61
C CYS B 356 -19.90 37.94 -13.09
N ILE B 357 -19.18 38.59 -14.00
CA ILE B 357 -18.50 39.87 -13.72
C ILE B 357 -19.56 40.92 -13.32
N GLY B 358 -20.81 40.83 -13.73
CA GLY B 358 -21.81 41.86 -13.46
C GLY B 358 -22.68 41.47 -12.30
N ALA B 359 -22.26 40.46 -11.52
CA ALA B 359 -23.14 39.90 -10.48
C ALA B 359 -23.64 41.03 -9.58
N GLN B 360 -22.77 41.92 -9.12
CA GLN B 360 -23.12 42.98 -8.14
CA GLN B 360 -23.19 42.94 -8.12
C GLN B 360 -24.08 43.97 -8.84
N LEU B 361 -23.77 44.34 -10.07
CA LEU B 361 -24.70 45.24 -10.76
C LEU B 361 -26.09 44.58 -10.88
N GLY B 362 -26.20 43.32 -11.25
CA GLY B 362 -27.50 42.65 -11.38
C GLY B 362 -28.21 42.65 -10.05
N ARG B 363 -27.49 42.36 -8.97
CA ARG B 363 -28.09 42.37 -7.60
C ARG B 363 -28.59 43.79 -7.27
N LEU B 364 -27.77 44.80 -7.49
CA LEU B 364 -28.16 46.22 -7.19
C LEU B 364 -29.49 46.50 -7.93
N GLU B 365 -29.53 46.23 -9.23
CA GLU B 365 -30.66 46.61 -10.11
C GLU B 365 -31.93 45.91 -9.62
N LEU B 366 -31.83 44.62 -9.23
CA LEU B 366 -33.02 43.82 -8.87
C LEU B 366 -33.50 44.26 -7.46
N GLN B 367 -32.55 44.55 -6.59
CA GLN B 367 -32.84 45.13 -5.26
C GLN B 367 -33.57 46.46 -5.46
N GLU B 368 -33.00 47.41 -6.20
CA GLU B 368 -33.58 48.78 -6.26
C GLU B 368 -34.98 48.73 -6.89
N ALA B 369 -35.17 47.88 -7.92
CA ALA B 369 -36.45 47.73 -8.64
C ALA B 369 -37.49 47.10 -7.73
N LEU B 370 -37.13 46.08 -6.95
CA LEU B 370 -38.19 45.32 -6.21
C LEU B 370 -38.59 46.14 -4.98
N SER B 371 -37.57 46.71 -4.34
CA SER B 371 -37.71 47.51 -3.10
C SER B 371 -38.58 48.76 -3.40
N ALA B 372 -38.31 49.55 -4.44
CA ALA B 372 -39.20 50.64 -4.92
C ALA B 372 -40.64 50.12 -5.15
N LEU B 373 -40.86 49.01 -5.87
CA LEU B 373 -42.23 48.48 -6.18
C LEU B 373 -42.95 48.19 -4.85
N VAL B 374 -42.32 47.39 -4.03
CA VAL B 374 -42.92 46.89 -2.77
C VAL B 374 -43.24 48.08 -1.83
N ARG B 375 -42.49 49.17 -1.90
CA ARG B 375 -42.66 50.25 -0.89
C ARG B 375 -43.83 51.12 -1.35
N ARG B 376 -43.95 51.32 -2.66
CA ARG B 376 -44.81 52.32 -3.32
C ARG B 376 -46.10 51.70 -3.90
N PHE B 377 -46.13 50.40 -4.16
CA PHE B 377 -47.31 49.73 -4.75
C PHE B 377 -47.65 48.48 -3.97
N PRO B 378 -48.05 48.57 -2.69
CA PRO B 378 -48.45 47.39 -1.94
C PRO B 378 -49.62 46.64 -2.61
N THR B 379 -50.34 47.32 -3.51
CA THR B 379 -51.57 46.80 -4.17
C THR B 379 -51.23 46.21 -5.54
N LEU B 380 -49.95 46.10 -5.87
CA LEU B 380 -49.46 45.68 -7.22
C LEU B 380 -50.01 44.30 -7.49
N ASP B 381 -50.56 44.09 -8.68
CA ASP B 381 -51.05 42.75 -9.08
C ASP B 381 -50.91 42.57 -10.59
N LEU B 382 -50.85 41.32 -11.01
CA LEU B 382 -50.93 40.94 -12.44
C LEU B 382 -52.32 41.30 -12.98
N ALA B 383 -52.42 41.86 -14.19
CA ALA B 383 -53.67 42.37 -14.83
C ALA B 383 -53.85 41.83 -16.24
N GLU B 384 -53.18 40.73 -16.58
CA GLU B 384 -53.45 39.93 -17.79
C GLU B 384 -53.49 38.49 -17.32
N PRO B 385 -54.23 37.59 -18.00
CA PRO B 385 -54.40 36.25 -17.47
C PRO B 385 -53.05 35.55 -17.58
N VAL B 386 -52.73 34.75 -16.55
CA VAL B 386 -51.49 33.92 -16.45
C VAL B 386 -51.35 33.09 -17.72
N ALA B 387 -52.43 32.53 -18.23
CA ALA B 387 -52.35 31.54 -19.34
C ALA B 387 -52.03 32.27 -20.65
N GLY B 388 -52.13 33.61 -20.69
CA GLY B 388 -51.84 34.42 -21.89
C GLY B 388 -50.42 34.97 -21.93
N LEU B 389 -49.68 34.89 -20.83
CA LEU B 389 -48.37 35.59 -20.69
C LEU B 389 -47.51 35.20 -21.88
N LYS B 390 -46.91 36.18 -22.55
CA LYS B 390 -45.98 35.98 -23.68
C LYS B 390 -44.53 35.75 -23.20
N TRP B 391 -44.20 34.51 -22.88
CA TRP B 391 -42.81 34.12 -22.55
C TRP B 391 -42.02 34.25 -23.84
N LYS B 392 -40.80 34.79 -23.80
CA LYS B 392 -40.01 34.84 -25.05
C LYS B 392 -39.67 33.40 -25.42
N GLN B 393 -39.48 33.16 -26.73
CA GLN B 393 -39.38 31.79 -27.31
C GLN B 393 -38.19 31.81 -28.25
N GLY B 394 -37.51 30.69 -28.38
CA GLY B 394 -36.34 30.59 -29.26
C GLY B 394 -35.16 31.39 -28.76
N MET B 395 -35.07 31.67 -27.46
CA MET B 395 -33.91 32.34 -26.83
CA MET B 395 -33.83 32.27 -26.94
C MET B 395 -33.19 31.39 -25.84
N LEU B 396 -31.86 31.50 -25.74
CA LEU B 396 -31.05 30.87 -24.68
C LEU B 396 -31.47 31.33 -23.28
N ILE B 397 -32.22 32.43 -23.18
CA ILE B 397 -32.78 32.88 -21.87
C ILE B 397 -34.30 33.04 -21.91
N ARG B 398 -34.89 33.05 -20.74
CA ARG B 398 -36.32 33.20 -20.47
C ARG B 398 -36.65 34.57 -19.85
N GLY B 399 -37.78 35.10 -20.27
CA GLY B 399 -38.43 36.25 -19.65
C GLY B 399 -39.71 36.60 -20.37
N LEU B 400 -40.40 37.63 -19.91
CA LEU B 400 -41.72 38.05 -20.46
C LEU B 400 -41.55 39.19 -21.45
N GLU B 401 -42.15 39.01 -22.62
CA GLU B 401 -42.20 40.05 -23.68
CA GLU B 401 -42.19 40.04 -23.69
C GLU B 401 -43.10 41.18 -23.20
N ARG B 402 -43.96 40.91 -22.22
CA ARG B 402 -45.00 41.87 -21.73
C ARG B 402 -45.52 41.47 -20.35
N GLN B 403 -45.75 42.42 -19.44
CA GLN B 403 -46.21 42.11 -18.05
C GLN B 403 -47.16 43.22 -17.60
N ILE B 404 -48.44 43.10 -17.90
CA ILE B 404 -49.41 44.19 -17.57
C ILE B 404 -49.81 44.04 -16.11
N VAL B 405 -49.63 45.13 -15.35
CA VAL B 405 -49.91 45.11 -13.89
C VAL B 405 -50.89 46.25 -13.57
N SER B 406 -51.64 46.06 -12.50
CA SER B 406 -52.53 47.08 -11.91
C SER B 406 -52.04 47.38 -10.50
N TRP B 407 -52.51 48.49 -9.96
CA TRP B 407 -52.25 48.98 -8.58
C TRP B 407 -53.33 49.99 -8.23
N PRO C 8 -21.63 -48.73 -50.69
CA PRO C 8 -22.98 -48.83 -50.07
C PRO C 8 -23.43 -47.52 -49.40
N THR C 9 -23.29 -46.39 -50.11
CA THR C 9 -23.20 -45.02 -49.53
C THR C 9 -24.11 -44.10 -50.35
N PRO C 10 -25.24 -43.58 -49.77
CA PRO C 10 -25.92 -42.40 -50.28
C PRO C 10 -25.52 -41.14 -49.50
N ALA C 11 -24.26 -41.14 -48.98
CA ALA C 11 -23.48 -39.98 -48.44
C ALA C 11 -23.11 -39.01 -49.58
N ASP C 12 -23.12 -37.71 -49.24
N ASP C 12 -23.40 -37.71 -49.42
CA ASP C 12 -23.16 -36.59 -50.19
CA ASP C 12 -23.29 -36.77 -50.56
C ASP C 12 -21.70 -36.24 -50.55
C ASP C 12 -21.82 -36.32 -50.62
N ALA C 13 -21.32 -36.23 -51.83
CA ALA C 13 -19.96 -35.93 -52.23
C ALA C 13 -19.77 -34.43 -52.16
N VAL C 14 -19.51 -33.90 -50.97
CA VAL C 14 -19.28 -32.46 -50.70
C VAL C 14 -18.09 -32.31 -49.76
N PRO C 15 -17.37 -31.19 -49.80
CA PRO C 15 -16.28 -30.97 -48.86
C PRO C 15 -16.76 -30.82 -47.40
N ALA C 16 -15.87 -31.18 -46.51
CA ALA C 16 -16.01 -31.03 -45.05
C ALA C 16 -15.90 -29.54 -44.73
N TYR C 17 -16.70 -29.08 -43.77
CA TYR C 17 -16.57 -27.69 -43.26
C TYR C 17 -16.61 -27.84 -41.75
N PRO C 18 -15.76 -27.20 -40.93
CA PRO C 18 -14.69 -26.31 -41.35
C PRO C 18 -13.69 -26.90 -42.36
N PHE C 19 -13.09 -26.03 -43.18
CA PHE C 19 -12.12 -26.36 -44.25
C PHE C 19 -10.67 -26.54 -43.74
N SER C 20 -10.31 -25.97 -42.60
CA SER C 20 -8.91 -25.94 -42.15
C SER C 20 -8.90 -25.66 -40.65
N LEU C 21 -7.80 -26.03 -40.01
CA LEU C 21 -7.50 -25.71 -38.63
C LEU C 21 -7.40 -24.19 -38.55
N PRO C 22 -8.24 -23.54 -37.74
CA PRO C 22 -8.18 -22.08 -37.67
C PRO C 22 -6.81 -21.62 -37.12
N HIS C 23 -6.26 -20.56 -37.69
CA HIS C 23 -5.05 -19.95 -37.12
C HIS C 23 -5.28 -18.45 -36.78
N ALA C 24 -4.97 -18.05 -35.54
CA ALA C 24 -5.06 -16.65 -35.07
C ALA C 24 -6.45 -16.13 -35.49
N LEU C 25 -6.55 -14.95 -36.11
CA LEU C 25 -7.82 -14.39 -36.69
C LEU C 25 -7.83 -14.45 -38.22
N ASP C 26 -7.04 -15.34 -38.82
CA ASP C 26 -7.02 -15.49 -40.29
C ASP C 26 -8.36 -16.05 -40.76
N LEU C 27 -8.74 -15.68 -41.96
CA LEU C 27 -9.85 -16.34 -42.70
C LEU C 27 -9.22 -17.35 -43.65
N ASP C 28 -9.64 -18.58 -43.62
CA ASP C 28 -9.34 -19.54 -44.70
C ASP C 28 -9.55 -18.87 -46.04
N PRO C 29 -8.63 -19.01 -47.01
CA PRO C 29 -8.71 -18.25 -48.25
C PRO C 29 -9.76 -18.90 -49.19
N HIS C 30 -10.33 -20.05 -48.83
CA HIS C 30 -11.45 -20.62 -49.61
CA HIS C 30 -11.50 -20.68 -49.53
C HIS C 30 -12.65 -19.68 -49.56
N TYR C 31 -12.88 -18.93 -48.49
CA TYR C 31 -14.15 -18.14 -48.40
C TYR C 31 -14.24 -17.10 -49.55
N ALA C 32 -13.15 -16.41 -49.86
CA ALA C 32 -13.13 -15.42 -50.98
C ALA C 32 -13.32 -16.14 -52.34
N GLU C 33 -12.82 -17.35 -52.49
CA GLU C 33 -13.06 -18.20 -53.70
CA GLU C 33 -13.06 -18.11 -53.75
C GLU C 33 -14.56 -18.43 -53.83
N LEU C 34 -15.17 -18.95 -52.78
CA LEU C 34 -16.60 -19.30 -52.86
C LEU C 34 -17.43 -18.01 -53.09
N ARG C 35 -17.10 -16.90 -52.42
CA ARG C 35 -17.93 -15.66 -52.56
C ARG C 35 -17.91 -15.23 -54.03
N ARG C 36 -16.75 -15.29 -54.70
CA ARG C 36 -16.54 -14.97 -56.14
C ARG C 36 -17.29 -15.97 -57.04
N ASP C 37 -17.14 -17.28 -56.86
CA ASP C 37 -17.52 -18.34 -57.83
C ASP C 37 -18.66 -19.29 -57.40
N GLU C 38 -18.97 -19.42 -56.12
CA GLU C 38 -19.85 -20.48 -55.59
C GLU C 38 -20.27 -20.04 -54.20
N PRO C 39 -21.08 -18.97 -54.16
CA PRO C 39 -21.37 -18.26 -52.94
C PRO C 39 -22.22 -19.14 -52.04
N VAL C 40 -22.98 -20.05 -52.67
CA VAL C 40 -23.75 -21.05 -51.90
C VAL C 40 -23.27 -22.42 -52.33
N SER C 41 -22.73 -23.19 -51.36
CA SER C 41 -22.17 -24.53 -51.64
C SER C 41 -22.55 -25.53 -50.57
N ARG C 42 -22.81 -26.76 -50.99
CA ARG C 42 -23.12 -27.92 -50.11
CA ARG C 42 -23.14 -27.86 -50.04
C ARG C 42 -21.85 -28.33 -49.36
N VAL C 43 -21.95 -28.62 -48.08
CA VAL C 43 -20.79 -28.97 -47.20
C VAL C 43 -21.24 -29.98 -46.17
N ARG C 44 -20.31 -30.72 -45.62
CA ARG C 44 -20.59 -31.69 -44.52
C ARG C 44 -20.10 -31.07 -43.20
N LEU C 45 -21.01 -30.87 -42.24
CA LEU C 45 -20.59 -30.23 -40.97
C LEU C 45 -19.99 -31.35 -40.10
N PRO C 46 -19.32 -31.07 -38.99
CA PRO C 46 -18.63 -32.10 -38.22
C PRO C 46 -19.57 -33.01 -37.45
N TYR C 47 -20.78 -32.52 -37.10
CA TYR C 47 -21.78 -33.35 -36.38
C TYR C 47 -23.13 -33.26 -37.10
N GLY C 48 -24.04 -34.16 -36.72
CA GLY C 48 -25.31 -34.47 -37.43
C GLY C 48 -25.07 -35.27 -38.69
N GLU C 49 -26.12 -35.42 -39.52
CA GLU C 49 -26.08 -36.23 -40.76
CA GLU C 49 -26.21 -36.25 -40.75
C GLU C 49 -26.44 -35.36 -41.98
N GLY C 50 -26.08 -35.85 -43.16
CA GLY C 50 -26.29 -35.19 -44.45
C GLY C 50 -25.50 -33.90 -44.57
N THR C 51 -26.10 -32.93 -45.24
CA THR C 51 -25.34 -31.74 -45.74
CA THR C 51 -25.37 -31.75 -45.82
C THR C 51 -26.07 -30.44 -45.38
N ALA C 52 -25.36 -29.36 -45.49
CA ALA C 52 -25.92 -28.02 -45.27
C ALA C 52 -25.39 -27.10 -46.38
N TRP C 53 -26.16 -26.10 -46.73
CA TRP C 53 -25.69 -25.04 -47.66
C TRP C 53 -24.89 -24.05 -46.86
N LEU C 54 -23.65 -23.78 -47.26
CA LEU C 54 -22.77 -22.81 -46.61
C LEU C 54 -22.94 -21.49 -47.35
N VAL C 55 -23.23 -20.42 -46.61
CA VAL C 55 -23.55 -19.11 -47.20
C VAL C 55 -22.41 -18.18 -46.91
N THR C 56 -21.81 -17.58 -47.94
CA THR C 56 -20.57 -16.81 -47.72
C THR C 56 -20.73 -15.31 -47.96
N ARG C 57 -21.83 -14.87 -48.60
CA ARG C 57 -22.02 -13.45 -49.03
C ARG C 57 -23.01 -12.75 -48.11
N MET C 58 -22.92 -11.40 -48.07
CA MET C 58 -23.77 -10.55 -47.24
C MET C 58 -25.22 -10.71 -47.68
N SER C 59 -25.52 -10.66 -48.98
CA SER C 59 -26.92 -10.76 -49.49
C SER C 59 -27.60 -12.02 -48.94
N ASP C 60 -26.99 -13.17 -49.18
CA ASP C 60 -27.51 -14.47 -48.74
C ASP C 60 -27.58 -14.56 -47.22
N ALA C 61 -26.53 -14.14 -46.52
CA ALA C 61 -26.50 -14.20 -45.05
C ALA C 61 -27.73 -13.50 -44.46
N ARG C 62 -28.07 -12.32 -44.99
CA ARG C 62 -29.20 -11.50 -44.52
C ARG C 62 -30.54 -12.19 -44.80
N ILE C 63 -30.65 -12.96 -45.86
CA ILE C 63 -31.86 -13.81 -46.10
C ILE C 63 -31.88 -15.00 -45.15
N VAL C 64 -30.78 -15.73 -44.98
CA VAL C 64 -30.79 -16.91 -44.09
C VAL C 64 -31.13 -16.39 -42.70
N LEU C 65 -30.52 -15.31 -42.31
CA LEU C 65 -30.62 -14.88 -40.89
C LEU C 65 -31.91 -14.07 -40.63
N GLY C 66 -32.42 -13.39 -41.67
CA GLY C 66 -33.52 -12.42 -41.54
C GLY C 66 -34.89 -12.90 -42.02
N ASP C 67 -35.04 -14.06 -42.63
CA ASP C 67 -36.32 -14.38 -43.29
C ASP C 67 -37.03 -15.42 -42.44
N SER C 68 -38.34 -15.28 -42.21
CA SER C 68 -39.10 -16.14 -41.27
C SER C 68 -39.35 -17.51 -41.90
N ARG C 69 -39.04 -17.71 -43.18
CA ARG C 69 -39.13 -19.02 -43.88
C ARG C 69 -37.95 -19.95 -43.43
N PHE C 70 -37.13 -19.51 -42.48
CA PHE C 70 -36.11 -20.34 -41.82
C PHE C 70 -36.44 -20.46 -40.34
N SER C 71 -36.28 -21.68 -39.79
CA SER C 71 -36.50 -22.10 -38.39
C SER C 71 -35.18 -22.52 -37.74
N THR C 72 -34.86 -22.01 -36.54
CA THR C 72 -33.77 -22.53 -35.71
C THR C 72 -34.25 -23.73 -34.87
N ALA C 73 -35.53 -23.74 -34.47
CA ALA C 73 -36.16 -24.80 -33.64
C ALA C 73 -36.10 -26.12 -34.39
N ALA C 74 -36.37 -26.10 -35.69
CA ALA C 74 -36.20 -27.27 -36.56
C ALA C 74 -34.76 -27.81 -36.54
N ALA C 75 -33.75 -27.04 -36.09
CA ALA C 75 -32.36 -27.58 -36.14
C ALA C 75 -31.99 -28.36 -34.85
N THR C 76 -32.97 -28.59 -33.95
CA THR C 76 -32.76 -29.36 -32.70
C THR C 76 -32.83 -30.87 -32.97
N ASP C 77 -33.38 -31.28 -34.09
CA ASP C 77 -33.31 -32.69 -34.54
C ASP C 77 -31.83 -33.10 -34.52
N PRO C 78 -31.47 -34.09 -33.71
CA PRO C 78 -30.10 -34.62 -33.69
C PRO C 78 -29.49 -35.12 -35.00
N ALA C 79 -30.27 -35.34 -36.05
CA ALA C 79 -29.80 -35.62 -37.42
C ALA C 79 -29.48 -34.33 -38.15
N THR C 80 -29.91 -33.18 -37.67
CA THR C 80 -29.57 -31.92 -38.36
C THR C 80 -28.06 -31.66 -38.22
N PRO C 81 -27.40 -31.31 -39.34
CA PRO C 81 -26.01 -30.87 -39.27
C PRO C 81 -25.90 -29.76 -38.22
N ARG C 82 -24.67 -29.57 -37.70
CA ARG C 82 -24.38 -28.62 -36.63
C ARG C 82 -22.89 -28.54 -36.49
N MET C 83 -22.40 -27.46 -35.89
CA MET C 83 -20.96 -27.17 -35.81
C MET C 83 -20.35 -27.82 -34.57
N PHE C 84 -21.15 -28.43 -33.70
CA PHE C 84 -20.79 -28.77 -32.31
C PHE C 84 -21.33 -30.13 -31.92
N PRO C 85 -20.71 -30.81 -30.94
CA PRO C 85 -20.99 -32.24 -30.76
C PRO C 85 -22.43 -32.55 -30.29
N THR C 86 -23.00 -31.82 -29.32
CA THR C 86 -24.31 -32.27 -28.77
C THR C 86 -25.44 -31.71 -29.62
N PRO C 87 -26.54 -32.43 -29.83
CA PRO C 87 -27.73 -31.82 -30.40
C PRO C 87 -28.08 -30.57 -29.61
N PRO C 88 -28.58 -29.52 -30.26
CA PRO C 88 -28.85 -28.25 -29.60
C PRO C 88 -29.87 -28.39 -28.47
N GLU C 89 -29.65 -27.68 -27.36
CA GLU C 89 -30.64 -27.58 -26.26
C GLU C 89 -31.91 -27.00 -26.85
N PRO C 90 -33.02 -27.74 -26.91
CA PRO C 90 -34.27 -27.15 -27.40
C PRO C 90 -34.72 -25.88 -26.64
N ASP C 91 -34.42 -25.78 -25.35
CA ASP C 91 -34.85 -24.66 -24.49
C ASP C 91 -34.05 -23.41 -24.77
N GLY C 92 -32.96 -23.50 -25.55
CA GLY C 92 -32.03 -22.39 -25.70
C GLY C 92 -32.75 -21.35 -26.52
N VAL C 93 -32.57 -20.07 -26.23
CA VAL C 93 -33.26 -19.04 -27.03
C VAL C 93 -32.87 -19.09 -28.51
N LEU C 94 -31.63 -19.47 -28.79
CA LEU C 94 -31.09 -19.57 -30.17
C LEU C 94 -31.91 -20.62 -30.94
N ALA C 95 -32.50 -21.62 -30.28
CA ALA C 95 -33.35 -22.67 -30.92
C ALA C 95 -34.86 -22.40 -30.80
N GLN C 96 -35.25 -21.17 -30.50
CA GLN C 96 -36.69 -20.81 -30.46
C GLN C 96 -37.03 -20.02 -31.73
N ASP C 97 -38.17 -20.29 -32.33
CA ASP C 97 -38.78 -19.44 -33.40
C ASP C 97 -39.81 -18.50 -32.77
N PRO C 98 -39.98 -17.28 -33.32
CA PRO C 98 -41.12 -16.43 -32.96
C PRO C 98 -42.43 -17.15 -33.20
N PRO C 99 -43.51 -16.88 -32.43
CA PRO C 99 -43.47 -15.89 -31.35
C PRO C 99 -42.87 -16.25 -29.98
N ASP C 100 -42.71 -17.53 -29.70
CA ASP C 100 -42.11 -17.96 -28.40
C ASP C 100 -40.77 -17.26 -28.21
N HIS C 101 -39.97 -17.15 -29.27
CA HIS C 101 -38.66 -16.44 -29.21
CA HIS C 101 -38.66 -16.43 -29.25
C HIS C 101 -38.88 -15.00 -28.78
N THR C 102 -39.88 -14.34 -29.35
CA THR C 102 -40.17 -12.93 -29.06
C THR C 102 -40.55 -12.83 -27.60
N ARG C 103 -41.34 -13.78 -27.09
CA ARG C 103 -41.75 -13.75 -25.63
C ARG C 103 -40.48 -13.89 -24.76
N LEU C 104 -39.52 -14.73 -25.17
CA LEU C 104 -38.29 -14.91 -24.34
C LEU C 104 -37.48 -13.65 -24.34
N ARG C 105 -37.25 -13.07 -25.52
CA ARG C 105 -36.48 -11.83 -25.62
C ARG C 105 -37.14 -10.76 -24.75
N ARG C 106 -38.46 -10.69 -24.72
CA ARG C 106 -39.20 -9.57 -24.06
CA ARG C 106 -39.14 -9.53 -24.07
C ARG C 106 -38.95 -9.63 -22.56
N LEU C 107 -38.77 -10.84 -22.02
CA LEU C 107 -38.46 -11.05 -20.60
C LEU C 107 -37.28 -10.19 -20.13
N VAL C 108 -36.30 -9.96 -21.00
CA VAL C 108 -35.00 -9.34 -20.56
C VAL C 108 -34.67 -8.18 -21.47
N GLY C 109 -35.38 -8.02 -22.59
CA GLY C 109 -34.93 -7.08 -23.64
C GLY C 109 -34.82 -5.63 -23.13
N LYS C 110 -35.53 -5.26 -22.09
CA LYS C 110 -35.51 -3.84 -21.66
C LYS C 110 -34.12 -3.45 -21.15
N ALA C 111 -33.51 -4.30 -20.31
CA ALA C 111 -32.14 -4.11 -19.81
C ALA C 111 -31.15 -3.92 -20.98
N PHE C 112 -31.47 -4.29 -22.22
CA PHE C 112 -30.44 -4.32 -23.29
C PHE C 112 -30.69 -3.24 -24.34
N THR C 113 -31.67 -2.36 -24.18
CA THR C 113 -31.91 -1.29 -25.18
C THR C 113 -30.69 -0.38 -25.15
N ALA C 114 -30.45 0.29 -26.28
CA ALA C 114 -29.39 1.31 -26.41
C ALA C 114 -29.46 2.30 -25.24
N ARG C 115 -30.64 2.68 -24.78
CA ARG C 115 -30.77 3.72 -23.72
C ARG C 115 -30.40 3.08 -22.38
N ARG C 116 -30.95 1.91 -22.04
CA ARG C 116 -30.58 1.26 -20.76
C ARG C 116 -29.08 0.97 -20.72
N VAL C 117 -28.48 0.60 -21.83
CA VAL C 117 -27.02 0.31 -21.84
C VAL C 117 -26.23 1.63 -21.77
N GLU C 118 -26.62 2.68 -22.45
CA GLU C 118 -25.87 3.95 -22.34
C GLU C 118 -25.83 4.38 -20.89
N GLU C 119 -26.92 4.14 -20.13
CA GLU C 119 -26.95 4.54 -18.70
C GLU C 119 -25.86 3.82 -17.89
N MET C 120 -25.32 2.73 -18.39
CA MET C 120 -24.33 1.91 -17.64
CA MET C 120 -24.34 1.92 -17.62
C MET C 120 -22.94 2.51 -17.82
N ARG C 121 -22.78 3.45 -18.74
CA ARG C 121 -21.42 3.86 -19.18
C ARG C 121 -20.59 4.38 -18.01
N PRO C 122 -21.15 5.12 -17.01
CA PRO C 122 -20.30 5.66 -15.94
C PRO C 122 -19.70 4.60 -15.02
N ARG C 123 -20.57 3.71 -14.53
CA ARG C 123 -20.16 2.48 -13.79
C ARG C 123 -19.17 1.64 -14.61
N VAL C 124 -19.40 1.46 -15.91
CA VAL C 124 -18.53 0.57 -16.73
C VAL C 124 -17.16 1.22 -16.80
N ARG C 125 -17.13 2.53 -17.02
CA ARG C 125 -15.87 3.32 -17.10
C ARG C 125 -15.12 3.25 -15.78
N SER C 126 -15.85 3.24 -14.68
CA SER C 126 -15.29 3.20 -13.30
CA SER C 126 -15.24 3.23 -13.33
C SER C 126 -14.70 1.82 -13.04
N LEU C 127 -15.42 0.78 -13.45
CA LEU C 127 -14.90 -0.61 -13.40
C LEU C 127 -13.61 -0.70 -14.20
N VAL C 128 -13.57 -0.20 -15.43
CA VAL C 128 -12.33 -0.35 -16.29
C VAL C 128 -11.16 0.38 -15.62
N ASP C 129 -11.43 1.55 -15.04
CA ASP C 129 -10.38 2.41 -14.44
C ASP C 129 -9.82 1.69 -13.23
N SER C 130 -10.66 1.16 -12.36
CA SER C 130 -10.23 0.37 -11.20
C SER C 130 -9.36 -0.84 -11.62
N LEU C 131 -9.76 -1.57 -12.65
CA LEU C 131 -8.96 -2.75 -13.03
C LEU C 131 -7.64 -2.29 -13.63
N LEU C 132 -7.63 -1.22 -14.40
CA LEU C 132 -6.38 -0.76 -15.01
C LEU C 132 -5.50 -0.22 -13.89
N ASP C 133 -6.11 0.34 -12.81
CA ASP C 133 -5.34 0.77 -11.60
C ASP C 133 -4.56 -0.46 -11.05
N ASP C 134 -5.21 -1.61 -10.85
CA ASP C 134 -4.56 -2.87 -10.36
C ASP C 134 -3.43 -3.32 -11.29
N MET C 135 -3.63 -3.18 -12.58
CA MET C 135 -2.59 -3.58 -13.54
C MET C 135 -1.40 -2.64 -13.42
N VAL C 136 -1.59 -1.32 -13.21
CA VAL C 136 -0.39 -0.44 -13.16
C VAL C 136 0.29 -0.70 -11.80
N ALA C 137 -0.46 -1.02 -10.76
CA ALA C 137 0.10 -1.45 -9.46
C ALA C 137 0.97 -2.67 -9.68
N HIS C 138 0.49 -3.65 -10.42
CA HIS C 138 1.27 -4.89 -10.63
C HIS C 138 2.58 -4.50 -11.28
N GLY C 139 2.54 -3.58 -12.23
CA GLY C 139 3.76 -3.23 -12.99
C GLY C 139 3.85 -3.99 -14.29
N SER C 140 4.47 -3.35 -15.27
CA SER C 140 4.76 -3.86 -16.62
C SER C 140 5.98 -4.78 -16.55
N PRO C 141 6.00 -5.91 -17.27
CA PRO C 141 4.89 -6.33 -18.10
C PRO C 141 3.80 -7.10 -17.30
N ALA C 142 2.61 -7.22 -17.90
CA ALA C 142 1.44 -7.88 -17.26
C ALA C 142 0.56 -8.51 -18.33
N ASP C 143 -0.18 -9.52 -17.93
CA ASP C 143 -1.13 -10.24 -18.83
C ASP C 143 -2.43 -9.44 -18.90
N LEU C 144 -2.74 -8.85 -20.05
CA LEU C 144 -3.99 -8.07 -20.21
C LEU C 144 -5.21 -8.97 -19.98
N VAL C 145 -5.07 -10.28 -20.17
CA VAL C 145 -6.24 -11.18 -20.02
C VAL C 145 -6.61 -11.25 -18.54
N GLU C 146 -5.63 -11.40 -17.67
CA GLU C 146 -5.85 -11.59 -16.23
C GLU C 146 -6.30 -10.26 -15.67
N PHE C 147 -5.70 -9.18 -16.12
CA PHE C 147 -5.93 -7.84 -15.53
C PHE C 147 -7.09 -7.06 -16.14
N LEU C 148 -7.57 -7.35 -17.36
CA LEU C 148 -8.70 -6.56 -17.97
C LEU C 148 -9.69 -7.47 -18.72
N ALA C 149 -9.25 -8.26 -19.68
CA ALA C 149 -10.18 -8.94 -20.61
C ALA C 149 -11.05 -9.95 -19.90
N VAL C 150 -10.56 -10.62 -18.87
CA VAL C 150 -11.43 -11.54 -18.09
C VAL C 150 -12.22 -10.81 -17.02
N PRO C 151 -11.62 -10.13 -16.01
CA PRO C 151 -12.44 -9.60 -14.93
C PRO C 151 -13.42 -8.47 -15.32
N PHE C 152 -13.18 -7.71 -16.36
CA PHE C 152 -14.08 -6.56 -16.68
C PHE C 152 -15.47 -7.03 -17.12
N PRO C 153 -15.61 -7.78 -18.22
CA PRO C 153 -16.94 -8.23 -18.62
C PRO C 153 -17.55 -9.25 -17.66
N VAL C 154 -16.71 -10.01 -16.94
CA VAL C 154 -17.22 -10.97 -15.93
C VAL C 154 -17.96 -10.12 -14.88
N ALA C 155 -17.32 -9.06 -14.37
CA ALA C 155 -17.98 -8.22 -13.33
C ALA C 155 -19.24 -7.56 -13.91
N VAL C 156 -19.19 -7.13 -15.16
CA VAL C 156 -20.39 -6.45 -15.71
C VAL C 156 -21.52 -7.44 -15.74
N ILE C 157 -21.29 -8.65 -16.29
CA ILE C 157 -22.44 -9.59 -16.50
C ILE C 157 -22.95 -10.09 -15.15
N CYS C 158 -22.05 -10.37 -14.19
CA CYS C 158 -22.44 -10.84 -12.83
C CYS C 158 -23.38 -9.84 -12.19
N GLU C 159 -23.06 -8.55 -12.31
CA GLU C 159 -23.84 -7.47 -11.71
C GLU C 159 -25.16 -7.29 -12.48
N LEU C 160 -25.19 -7.36 -13.81
CA LEU C 160 -26.47 -7.22 -14.55
C LEU C 160 -27.38 -8.38 -14.18
N LEU C 161 -26.84 -9.63 -14.16
CA LEU C 161 -27.76 -10.78 -13.95
C LEU C 161 -28.01 -10.89 -12.46
N GLY C 162 -26.99 -10.63 -11.64
CA GLY C 162 -27.05 -11.01 -10.22
C GLY C 162 -26.55 -12.44 -10.02
N VAL C 163 -25.38 -12.77 -10.61
CA VAL C 163 -24.66 -14.05 -10.38
C VAL C 163 -23.48 -13.80 -9.45
N PRO C 164 -23.17 -14.66 -8.46
CA PRO C 164 -22.09 -14.39 -7.53
C PRO C 164 -20.73 -14.33 -8.24
N LEU C 165 -20.05 -13.21 -8.13
CA LEU C 165 -18.67 -13.03 -8.67
C LEU C 165 -17.78 -14.19 -8.24
N GLU C 166 -18.02 -14.79 -7.09
CA GLU C 166 -17.13 -15.83 -6.51
CA GLU C 166 -17.11 -15.82 -6.53
C GLU C 166 -17.35 -17.14 -7.28
N ASP C 167 -18.39 -17.22 -8.12
CA ASP C 167 -18.64 -18.42 -8.95
C ASP C 167 -17.86 -18.33 -10.28
N ARG C 168 -16.99 -17.32 -10.45
CA ARG C 168 -16.27 -17.11 -11.74
C ARG C 168 -15.75 -18.43 -12.29
N ASP C 169 -14.94 -19.18 -11.51
CA ASP C 169 -14.31 -20.40 -12.00
C ASP C 169 -15.36 -21.43 -12.38
N LEU C 170 -16.38 -21.63 -11.56
CA LEU C 170 -17.52 -22.52 -11.88
C LEU C 170 -18.16 -22.13 -13.22
N PHE C 171 -18.59 -20.89 -13.43
CA PHE C 171 -19.36 -20.65 -14.68
C PHE C 171 -18.38 -20.50 -15.86
N ARG C 172 -17.14 -20.01 -15.69
CA ARG C 172 -16.19 -19.99 -16.83
C ARG C 172 -15.84 -21.41 -17.34
N THR C 173 -15.78 -22.43 -16.46
CA THR C 173 -15.52 -23.85 -16.84
C THR C 173 -16.72 -24.38 -17.61
N PHE C 174 -17.91 -24.21 -17.08
CA PHE C 174 -19.15 -24.65 -17.73
C PHE C 174 -19.19 -24.01 -19.10
N SER C 175 -19.04 -22.71 -19.16
CA SER C 175 -19.19 -21.90 -20.40
C SER C 175 -18.19 -22.41 -21.46
N ASP C 176 -16.94 -22.57 -21.06
CA ASP C 176 -15.88 -22.98 -22.00
C ASP C 176 -16.27 -24.32 -22.61
N ALA C 177 -16.84 -25.22 -21.82
CA ALA C 177 -17.16 -26.57 -22.31
C ALA C 177 -18.35 -26.47 -23.26
N MET C 178 -19.38 -25.66 -22.90
CA MET C 178 -20.57 -25.48 -23.80
C MET C 178 -20.17 -24.85 -25.11
N LEU C 179 -19.04 -24.16 -25.14
CA LEU C 179 -18.53 -23.55 -26.38
C LEU C 179 -17.53 -24.48 -27.07
N SER C 180 -17.45 -25.73 -26.66
CA SER C 180 -16.51 -26.68 -27.29
C SER C 180 -16.92 -26.99 -28.73
N SER C 181 -15.96 -26.97 -29.63
CA SER C 181 -16.14 -27.42 -31.03
C SER C 181 -15.57 -28.84 -31.13
N THR C 182 -14.27 -29.05 -30.83
CA THR C 182 -13.54 -30.35 -30.96
C THR C 182 -12.92 -30.80 -29.61
N ARG C 183 -12.83 -29.92 -28.63
CA ARG C 183 -12.21 -30.18 -27.31
C ARG C 183 -12.87 -31.42 -26.70
N LEU C 184 -14.20 -31.44 -26.54
CA LEU C 184 -14.88 -32.45 -25.69
C LEU C 184 -15.86 -33.31 -26.51
N THR C 185 -16.18 -34.45 -25.95
CA THR C 185 -17.25 -35.38 -26.38
CA THR C 185 -17.26 -35.38 -26.38
C THR C 185 -18.64 -34.76 -26.11
N ALA C 186 -19.63 -35.23 -26.87
CA ALA C 186 -21.05 -34.90 -26.74
C ALA C 186 -21.47 -35.23 -25.30
N ALA C 187 -21.17 -36.44 -24.81
CA ALA C 187 -21.53 -36.87 -23.46
C ALA C 187 -21.02 -35.84 -22.45
N GLU C 188 -19.78 -35.45 -22.52
CA GLU C 188 -19.24 -34.58 -21.47
C GLU C 188 -19.95 -33.21 -21.55
N ILE C 189 -20.22 -32.73 -22.78
CA ILE C 189 -20.86 -31.40 -22.96
C ILE C 189 -22.30 -31.53 -22.45
N GLN C 190 -22.99 -32.58 -22.82
CA GLN C 190 -24.38 -32.77 -22.40
C GLN C 190 -24.46 -32.64 -20.88
N ARG C 191 -23.59 -33.33 -20.18
CA ARG C 191 -23.55 -33.34 -18.72
C ARG C 191 -23.32 -31.90 -18.20
N VAL C 192 -22.38 -31.17 -18.76
CA VAL C 192 -22.20 -29.75 -18.40
C VAL C 192 -23.51 -28.95 -18.66
N GLN C 193 -24.21 -29.18 -19.77
CA GLN C 193 -25.52 -28.49 -20.00
C GLN C 193 -26.46 -28.78 -18.83
N GLN C 194 -26.52 -30.04 -18.36
CA GLN C 194 -27.43 -30.42 -17.25
C GLN C 194 -27.01 -29.74 -15.95
N ASP C 195 -25.72 -29.68 -15.66
CA ASP C 195 -25.21 -29.06 -14.43
C ASP C 195 -25.38 -27.54 -14.49
N PHE C 196 -25.13 -26.86 -15.61
CA PHE C 196 -25.33 -25.40 -15.73
C PHE C 196 -26.82 -25.08 -15.45
N MET C 197 -27.76 -25.87 -15.97
CA MET C 197 -29.23 -25.64 -15.77
C MET C 197 -29.60 -25.81 -14.28
N VAL C 198 -29.09 -26.84 -13.63
CA VAL C 198 -29.39 -27.14 -12.19
C VAL C 198 -28.87 -25.96 -11.36
N TYR C 199 -27.69 -25.45 -11.69
CA TYR C 199 -27.02 -24.29 -11.06
C TYR C 199 -27.86 -23.00 -11.28
N MET C 200 -28.20 -22.67 -12.51
CA MET C 200 -28.99 -21.44 -12.80
C MET C 200 -30.39 -21.61 -12.16
N ASP C 201 -30.97 -22.80 -12.19
CA ASP C 201 -32.25 -23.07 -11.49
C ASP C 201 -32.12 -22.69 -10.01
N GLY C 202 -31.02 -23.13 -9.38
CA GLY C 202 -30.64 -22.79 -8.01
C GLY C 202 -30.57 -21.31 -7.79
N LEU C 203 -29.86 -20.60 -8.65
CA LEU C 203 -29.77 -19.13 -8.47
C LEU C 203 -31.18 -18.55 -8.54
N VAL C 204 -32.05 -18.99 -9.47
CA VAL C 204 -33.31 -18.25 -9.63
C VAL C 204 -34.26 -18.60 -8.44
N ALA C 205 -34.22 -19.84 -7.94
CA ALA C 205 -34.95 -20.34 -6.76
C ALA C 205 -34.66 -19.47 -5.53
N GLN C 206 -33.44 -18.97 -5.41
CA GLN C 206 -33.06 -17.98 -4.38
C GLN C 206 -34.06 -16.82 -4.31
N ARG C 207 -34.64 -16.40 -5.43
CA ARG C 207 -35.47 -15.17 -5.50
C ARG C 207 -36.88 -15.48 -4.96
N ARG C 208 -37.16 -16.74 -4.57
CA ARG C 208 -38.54 -17.28 -4.36
C ARG C 208 -39.26 -16.37 -3.36
N ASP C 209 -38.61 -16.11 -2.22
CA ASP C 209 -39.18 -15.20 -1.20
C ASP C 209 -38.22 -14.04 -0.94
N ALA C 210 -37.46 -13.63 -1.95
CA ALA C 210 -36.30 -12.74 -1.81
C ALA C 210 -35.98 -12.13 -3.18
N PRO C 211 -36.97 -11.42 -3.75
CA PRO C 211 -36.84 -10.80 -5.06
C PRO C 211 -35.61 -9.88 -5.10
N THR C 212 -34.93 -9.85 -6.25
CA THR C 212 -33.75 -9.01 -6.54
C THR C 212 -34.07 -8.12 -7.76
N GLU C 213 -33.42 -6.97 -7.84
CA GLU C 213 -33.56 -6.02 -8.99
C GLU C 213 -32.47 -6.33 -10.03
N ASP C 214 -32.62 -7.43 -10.74
CA ASP C 214 -31.55 -7.89 -11.65
C ASP C 214 -32.23 -8.83 -12.61
N LEU C 215 -31.51 -9.30 -13.59
CA LEU C 215 -32.23 -10.09 -14.63
C LEU C 215 -32.65 -11.43 -14.07
N LEU C 216 -31.89 -12.06 -13.16
CA LEU C 216 -32.35 -13.34 -12.57
C LEU C 216 -33.65 -13.09 -11.79
N GLY C 217 -33.80 -11.94 -11.16
CA GLY C 217 -35.06 -11.61 -10.44
C GLY C 217 -36.22 -11.49 -11.43
N ALA C 218 -36.01 -10.91 -12.61
CA ALA C 218 -37.06 -10.91 -13.64
C ALA C 218 -37.37 -12.33 -14.11
N LEU C 219 -36.35 -13.19 -14.23
CA LEU C 219 -36.56 -14.58 -14.75
C LEU C 219 -37.38 -15.33 -13.70
N ALA C 220 -37.14 -15.03 -12.42
CA ALA C 220 -37.80 -15.71 -11.28
C ALA C 220 -39.28 -15.31 -11.25
N LEU C 221 -39.62 -14.04 -11.47
CA LEU C 221 -41.05 -13.59 -11.61
C LEU C 221 -41.72 -14.24 -12.83
N ALA C 222 -41.03 -14.37 -13.98
CA ALA C 222 -41.61 -15.06 -15.16
C ALA C 222 -41.83 -16.55 -14.87
N THR C 223 -41.00 -17.24 -14.11
CA THR C 223 -41.21 -18.70 -13.92
C THR C 223 -42.45 -18.90 -13.04
N ASP C 224 -42.82 -17.92 -12.21
CA ASP C 224 -43.92 -18.08 -11.23
CA ASP C 224 -43.92 -18.08 -11.22
C ASP C 224 -45.26 -17.95 -11.96
N ASN C 225 -45.33 -17.08 -12.97
CA ASN C 225 -46.61 -16.79 -13.66
C ASN C 225 -46.31 -16.48 -15.12
N ASP C 226 -45.98 -17.49 -15.90
CA ASP C 226 -46.00 -17.37 -17.37
C ASP C 226 -46.73 -18.57 -17.93
N ASP C 227 -47.72 -18.31 -18.79
CA ASP C 227 -48.56 -19.35 -19.44
C ASP C 227 -48.01 -19.76 -20.78
N HIS C 228 -47.01 -19.06 -21.37
CA HIS C 228 -46.55 -19.41 -22.75
C HIS C 228 -45.19 -20.08 -22.75
N LEU C 229 -44.27 -19.71 -21.86
CA LEU C 229 -42.89 -20.25 -21.80
C LEU C 229 -42.80 -21.33 -20.70
N THR C 230 -41.98 -22.37 -20.86
CA THR C 230 -41.70 -23.36 -19.78
C THR C 230 -40.66 -22.77 -18.82
N LYS C 231 -40.60 -23.27 -17.58
CA LYS C 231 -39.51 -23.00 -16.61
C LYS C 231 -38.14 -23.21 -17.30
N GLY C 232 -37.98 -24.30 -18.00
CA GLY C 232 -36.75 -24.62 -18.72
C GLY C 232 -36.36 -23.49 -19.64
N GLU C 233 -37.28 -23.10 -20.51
CA GLU C 233 -36.99 -22.04 -21.49
C GLU C 233 -36.56 -20.80 -20.71
N ILE C 234 -37.24 -20.47 -19.64
CA ILE C 234 -37.03 -19.16 -18.97
C ILE C 234 -35.69 -19.18 -18.29
N VAL C 235 -35.39 -20.24 -17.57
CA VAL C 235 -34.10 -20.33 -16.81
C VAL C 235 -32.94 -20.47 -17.78
N ASN C 236 -33.10 -21.13 -18.92
CA ASN C 236 -32.00 -21.32 -19.88
C ASN C 236 -31.51 -19.96 -20.34
N MET C 237 -32.40 -18.97 -20.36
CA MET C 237 -32.03 -17.57 -20.70
CA MET C 237 -32.00 -17.57 -20.72
C MET C 237 -30.91 -17.08 -19.79
N GLY C 238 -31.02 -17.35 -18.51
CA GLY C 238 -29.94 -17.10 -17.54
C GLY C 238 -28.62 -17.70 -18.03
N VAL C 239 -28.60 -18.97 -18.46
CA VAL C 239 -27.34 -19.63 -18.96
C VAL C 239 -26.82 -18.88 -20.21
N SER C 240 -27.73 -18.63 -21.17
CA SER C 240 -27.37 -17.91 -22.44
C SER C 240 -26.77 -16.53 -22.08
N LEU C 241 -27.36 -15.78 -21.16
CA LEU C 241 -26.84 -14.41 -20.94
C LEU C 241 -25.48 -14.51 -20.22
N LEU C 242 -25.32 -15.45 -19.27
CA LEU C 242 -24.07 -15.58 -18.47
C LEU C 242 -22.94 -16.05 -19.40
N ILE C 243 -23.20 -16.99 -20.30
CA ILE C 243 -22.16 -17.51 -21.23
C ILE C 243 -21.82 -16.41 -22.24
N ALA C 244 -22.80 -15.96 -23.04
CA ALA C 244 -22.53 -14.97 -24.10
C ALA C 244 -21.96 -13.69 -23.47
N GLY C 245 -22.52 -13.30 -22.35
CA GLY C 245 -22.19 -12.00 -21.73
C GLY C 245 -20.76 -11.87 -21.24
N HIS C 246 -20.01 -12.96 -20.98
CA HIS C 246 -18.55 -12.85 -20.75
C HIS C 246 -17.81 -13.43 -21.94
N GLU C 247 -18.22 -14.57 -22.50
CA GLU C 247 -17.32 -15.30 -23.41
C GLU C 247 -17.02 -14.38 -24.60
N THR C 248 -18.02 -13.74 -25.18
CA THR C 248 -17.82 -12.88 -26.37
C THR C 248 -16.89 -11.72 -26.03
N SER C 249 -17.15 -10.97 -24.99
CA SER C 249 -16.37 -9.73 -24.69
C SER C 249 -14.93 -10.05 -24.29
N VAL C 250 -14.77 -11.07 -23.46
CA VAL C 250 -13.44 -11.46 -22.93
C VAL C 250 -12.55 -11.66 -24.14
N ASN C 251 -12.98 -12.48 -25.08
CA ASN C 251 -12.19 -12.77 -26.29
C ASN C 251 -12.04 -11.52 -27.17
N GLN C 252 -13.14 -10.80 -27.45
CA GLN C 252 -13.09 -9.61 -28.40
C GLN C 252 -12.15 -8.53 -27.85
N ILE C 253 -12.08 -8.31 -26.53
CA ILE C 253 -11.07 -7.32 -26.02
C ILE C 253 -9.67 -7.76 -26.48
N THR C 254 -9.31 -9.04 -26.33
CA THR C 254 -7.96 -9.58 -26.72
C THR C 254 -7.81 -9.54 -28.24
N ASN C 255 -8.86 -9.83 -28.99
CA ASN C 255 -8.84 -9.86 -30.46
C ASN C 255 -8.58 -8.42 -30.96
N LEU C 256 -9.26 -7.43 -30.41
CA LEU C 256 -9.09 -6.02 -30.87
C LEU C 256 -7.70 -5.54 -30.42
N VAL C 257 -7.27 -5.85 -29.20
CA VAL C 257 -5.92 -5.37 -28.82
C VAL C 257 -4.89 -6.05 -29.74
N HIS C 258 -5.07 -7.34 -30.12
CA HIS C 258 -4.18 -8.07 -31.05
C HIS C 258 -4.10 -7.32 -32.37
N LEU C 259 -5.25 -7.02 -32.97
CA LEU C 259 -5.20 -6.33 -34.27
C LEU C 259 -4.45 -5.01 -34.10
N LEU C 260 -4.66 -4.28 -32.99
CA LEU C 260 -4.11 -2.92 -32.86
C LEU C 260 -2.60 -2.93 -32.65
N LEU C 261 -2.05 -3.92 -31.93
CA LEU C 261 -0.61 -3.99 -31.59
C LEU C 261 0.19 -4.70 -32.69
N THR C 262 -0.39 -5.53 -33.56
CA THR C 262 0.42 -6.30 -34.53
C THR C 262 0.70 -5.47 -35.76
N GLU C 263 -0.13 -4.45 -36.00
CA GLU C 263 0.23 -3.32 -36.88
C GLU C 263 0.05 -2.02 -36.07
N ARG C 264 1.07 -1.59 -35.34
CA ARG C 264 0.94 -0.61 -34.25
C ARG C 264 0.48 0.77 -34.76
N LYS C 265 0.56 1.06 -36.06
CA LYS C 265 -0.01 2.32 -36.63
CA LYS C 265 0.00 2.34 -36.61
C LYS C 265 -1.50 2.41 -36.32
N ARG C 266 -2.19 1.27 -36.36
CA ARG C 266 -3.59 1.15 -35.90
C ARG C 266 -3.75 1.69 -34.48
N TYR C 267 -2.98 1.17 -33.51
CA TYR C 267 -2.99 1.64 -32.10
C TYR C 267 -2.73 3.15 -32.07
N GLU C 268 -1.65 3.57 -32.72
CA GLU C 268 -1.13 4.95 -32.78
C GLU C 268 -2.20 5.88 -33.34
N SER C 269 -2.94 5.43 -34.35
CA SER C 269 -4.01 6.26 -34.96
C SER C 269 -5.07 6.61 -33.89
N LEU C 270 -5.34 5.69 -32.96
CA LEU C 270 -6.35 5.86 -31.87
C LEU C 270 -5.72 6.62 -30.70
N VAL C 271 -4.44 6.39 -30.40
CA VAL C 271 -3.77 7.22 -29.37
C VAL C 271 -3.83 8.72 -29.75
N ALA C 272 -3.73 9.02 -31.04
CA ALA C 272 -3.73 10.38 -31.61
C ALA C 272 -5.12 10.98 -31.51
N ASP C 273 -6.13 10.26 -32.00
CA ASP C 273 -7.57 10.68 -32.03
C ASP C 273 -8.43 9.63 -31.30
N PRO C 274 -8.46 9.61 -29.95
CA PRO C 274 -9.29 8.69 -29.18
C PRO C 274 -10.80 8.71 -29.48
N ALA C 275 -11.26 9.80 -30.08
CA ALA C 275 -12.63 9.93 -30.60
C ALA C 275 -12.87 8.90 -31.69
N LEU C 276 -11.82 8.43 -32.34
CA LEU C 276 -11.94 7.40 -33.41
C LEU C 276 -12.32 5.97 -32.91
N VAL C 277 -12.33 5.74 -31.60
CA VAL C 277 -12.55 4.40 -31.01
C VAL C 277 -13.89 3.78 -31.43
N PRO C 278 -15.04 4.48 -31.35
CA PRO C 278 -16.29 3.81 -31.71
C PRO C 278 -16.28 3.20 -33.11
N ALA C 279 -15.81 3.97 -34.07
CA ALA C 279 -15.75 3.56 -35.49
C ALA C 279 -14.74 2.43 -35.64
N ALA C 280 -13.66 2.52 -34.88
CA ALA C 280 -12.59 1.48 -34.87
C ALA C 280 -13.15 0.16 -34.32
N VAL C 281 -13.98 0.22 -33.27
CA VAL C 281 -14.66 -0.96 -32.69
C VAL C 281 -15.54 -1.59 -33.78
N GLU C 282 -16.35 -0.78 -34.48
CA GLU C 282 -17.24 -1.37 -35.50
C GLU C 282 -16.39 -2.07 -36.54
N GLU C 283 -15.28 -1.46 -36.96
CA GLU C 283 -14.46 -1.99 -38.08
C GLU C 283 -13.74 -3.26 -37.64
N MET C 284 -13.32 -3.33 -36.40
CA MET C 284 -12.63 -4.53 -35.92
C MET C 284 -13.66 -5.62 -35.63
N LEU C 285 -14.91 -5.23 -35.23
CA LEU C 285 -16.01 -6.22 -35.14
C LEU C 285 -16.20 -6.85 -36.52
N ARG C 286 -16.34 -6.04 -37.57
CA ARG C 286 -16.47 -6.53 -38.96
C ARG C 286 -15.31 -7.50 -39.24
N TYR C 287 -14.08 -7.12 -38.91
CA TYR C 287 -12.86 -7.78 -39.45
C TYR C 287 -12.57 -9.14 -38.76
N THR C 288 -13.16 -9.40 -37.60
CA THR C 288 -12.70 -10.41 -36.63
C THR C 288 -13.62 -11.61 -36.67
N PRO C 289 -13.06 -12.78 -36.97
CA PRO C 289 -13.82 -14.02 -36.89
C PRO C 289 -13.92 -14.45 -35.40
N LEU C 290 -14.79 -13.77 -34.65
CA LEU C 290 -15.07 -14.25 -33.28
C LEU C 290 -15.66 -15.67 -33.36
N VAL C 291 -16.71 -15.83 -34.15
CA VAL C 291 -17.29 -17.16 -34.41
C VAL C 291 -16.30 -17.84 -35.38
N SER C 292 -15.63 -18.90 -34.93
CA SER C 292 -14.49 -19.47 -35.68
C SER C 292 -14.94 -20.02 -37.05
N ALA C 293 -16.06 -20.71 -37.13
CA ALA C 293 -16.60 -21.27 -38.37
C ALA C 293 -18.13 -21.39 -38.27
N GLY C 294 -18.86 -21.10 -39.35
CA GLY C 294 -20.29 -21.46 -39.40
C GLY C 294 -21.13 -20.74 -38.37
N SER C 295 -22.23 -21.33 -37.99
CA SER C 295 -23.26 -20.67 -37.17
C SER C 295 -24.23 -21.72 -36.67
N PHE C 296 -25.09 -21.36 -35.73
CA PHE C 296 -26.33 -22.12 -35.42
C PHE C 296 -27.09 -22.25 -36.71
N VAL C 297 -27.48 -23.50 -37.03
CA VAL C 297 -28.08 -23.84 -38.33
C VAL C 297 -29.51 -23.32 -38.45
N ARG C 298 -29.91 -22.91 -39.65
CA ARG C 298 -31.31 -22.54 -40.00
C ARG C 298 -31.83 -23.57 -41.00
N VAL C 299 -32.98 -24.17 -40.75
CA VAL C 299 -33.64 -25.10 -41.68
C VAL C 299 -34.84 -24.40 -42.32
N ALA C 300 -34.83 -24.23 -43.64
CA ALA C 300 -35.96 -23.74 -44.45
C ALA C 300 -37.22 -24.51 -44.06
N THR C 301 -38.33 -23.84 -43.82
CA THR C 301 -39.68 -24.45 -43.68
C THR C 301 -40.50 -24.14 -44.94
N GLU C 302 -39.95 -23.32 -45.83
CA GLU C 302 -40.48 -23.05 -47.20
C GLU C 302 -39.29 -22.96 -48.14
N ASP C 303 -39.51 -23.13 -49.43
CA ASP C 303 -38.52 -22.71 -50.43
C ASP C 303 -38.14 -21.23 -50.25
N VAL C 304 -36.83 -20.96 -50.38
CA VAL C 304 -36.27 -19.60 -50.31
C VAL C 304 -35.21 -19.47 -51.38
N GLU C 305 -35.21 -18.33 -52.09
CA GLU C 305 -34.31 -18.01 -53.23
CA GLU C 305 -34.30 -18.02 -53.21
C GLU C 305 -33.05 -17.32 -52.68
N LEU C 306 -31.87 -17.84 -53.00
CA LEU C 306 -30.61 -17.18 -52.60
C LEU C 306 -30.02 -16.76 -53.92
N SER C 307 -28.83 -16.17 -53.94
CA SER C 307 -28.19 -15.62 -55.16
C SER C 307 -28.21 -16.70 -56.25
N THR C 308 -27.71 -17.93 -55.95
CA THR C 308 -27.37 -18.94 -56.98
C THR C 308 -28.23 -20.20 -56.91
N VAL C 309 -29.12 -20.34 -55.95
CA VAL C 309 -29.82 -21.63 -55.73
C VAL C 309 -31.08 -21.31 -54.99
N THR C 310 -32.13 -22.09 -55.24
CA THR C 310 -33.33 -22.07 -54.35
C THR C 310 -33.18 -23.16 -53.29
N VAL C 311 -33.15 -22.77 -52.03
CA VAL C 311 -33.06 -23.70 -50.88
C VAL C 311 -34.43 -24.32 -50.72
N ARG C 312 -34.58 -25.65 -50.57
CA ARG C 312 -35.91 -26.26 -50.44
C ARG C 312 -36.31 -26.35 -48.97
N ALA C 313 -37.59 -26.25 -48.70
CA ALA C 313 -38.11 -26.66 -47.38
C ALA C 313 -37.30 -27.87 -46.90
N GLY C 314 -36.75 -27.83 -45.69
CA GLY C 314 -36.20 -29.01 -44.97
C GLY C 314 -34.71 -29.12 -45.18
N GLU C 315 -34.17 -28.33 -46.11
CA GLU C 315 -32.70 -28.25 -46.29
C GLU C 315 -32.11 -27.22 -45.30
N PRO C 316 -31.01 -27.60 -44.60
CA PRO C 316 -30.32 -26.73 -43.69
C PRO C 316 -29.27 -25.81 -44.33
N CYS C 317 -29.03 -24.67 -43.68
CA CYS C 317 -28.15 -23.59 -44.13
C CYS C 317 -27.32 -23.17 -42.92
N VAL C 318 -26.08 -22.82 -43.18
CA VAL C 318 -25.12 -22.29 -42.20
C VAL C 318 -24.50 -21.05 -42.85
N VAL C 319 -24.21 -20.05 -42.04
CA VAL C 319 -23.55 -18.77 -42.41
C VAL C 319 -22.17 -18.77 -41.78
N HIS C 320 -21.15 -18.29 -42.49
CA HIS C 320 -19.94 -17.77 -41.89
C HIS C 320 -20.03 -16.23 -41.78
N PHE C 321 -20.32 -15.73 -40.58
CA PHE C 321 -20.47 -14.27 -40.34
C PHE C 321 -19.26 -13.53 -40.92
N ALA C 322 -18.05 -13.94 -40.54
CA ALA C 322 -16.83 -13.23 -40.90
C ALA C 322 -16.70 -13.14 -42.43
N SER C 323 -17.17 -14.16 -43.16
CA SER C 323 -17.12 -14.20 -44.64
C SER C 323 -18.04 -13.10 -45.23
N ALA C 324 -19.27 -12.99 -44.75
CA ALA C 324 -20.22 -11.96 -45.14
C ALA C 324 -19.62 -10.60 -44.77
N ASN C 325 -18.91 -10.48 -43.67
CA ASN C 325 -18.27 -9.18 -43.33
C ASN C 325 -17.04 -8.89 -44.21
N ARG C 326 -16.63 -9.77 -45.13
CA ARG C 326 -15.49 -9.45 -46.05
C ARG C 326 -16.00 -9.30 -47.50
N ASP C 327 -17.33 -9.20 -47.73
CA ASP C 327 -17.96 -9.25 -49.06
C ASP C 327 -17.58 -8.00 -49.85
N GLU C 328 -16.72 -8.11 -50.88
CA GLU C 328 -16.19 -6.96 -51.68
CA GLU C 328 -16.18 -6.93 -51.62
C GLU C 328 -17.32 -6.19 -52.36
N GLU C 329 -18.52 -6.77 -52.43
CA GLU C 329 -19.73 -6.09 -52.98
C GLU C 329 -20.29 -5.05 -51.99
N VAL C 330 -20.00 -5.17 -50.71
CA VAL C 330 -20.59 -4.32 -49.65
C VAL C 330 -19.50 -3.41 -49.13
N PHE C 331 -18.23 -3.87 -49.04
CA PHE C 331 -17.15 -3.08 -48.41
C PHE C 331 -16.04 -2.87 -49.42
N ASP C 332 -15.59 -1.63 -49.62
CA ASP C 332 -14.41 -1.32 -50.45
C ASP C 332 -13.21 -1.82 -49.64
N HIS C 333 -12.19 -2.36 -50.30
CA HIS C 333 -10.94 -2.92 -49.72
C HIS C 333 -11.36 -3.76 -48.49
N ALA C 334 -12.26 -4.73 -48.68
CA ALA C 334 -12.89 -5.48 -47.56
C ALA C 334 -11.84 -6.21 -46.72
N ASP C 335 -10.66 -6.49 -47.27
CA ASP C 335 -9.67 -7.28 -46.49
C ASP C 335 -8.68 -6.30 -45.86
N GLU C 336 -9.02 -5.03 -45.87
CA GLU C 336 -8.23 -4.06 -45.06
C GLU C 336 -9.04 -3.55 -43.89
N LEU C 337 -8.37 -3.47 -42.76
CA LEU C 337 -8.83 -2.68 -41.59
C LEU C 337 -8.76 -1.19 -41.94
N ASP C 338 -9.88 -0.48 -41.90
CA ASP C 338 -9.96 0.95 -42.21
C ASP C 338 -10.93 1.60 -41.21
N PHE C 339 -10.40 2.36 -40.27
CA PHE C 339 -11.21 3.04 -39.22
C PHE C 339 -11.94 4.29 -39.73
N HIS C 340 -11.88 4.62 -41.05
CA HIS C 340 -12.51 5.86 -41.64
C HIS C 340 -13.51 5.46 -42.74
N ARG C 341 -13.99 4.23 -42.72
CA ARG C 341 -15.11 3.73 -43.53
C ARG C 341 -16.34 4.57 -43.27
N GLU C 342 -16.97 5.05 -44.34
CA GLU C 342 -18.15 5.95 -44.31
C GLU C 342 -19.37 5.19 -43.75
N ARG C 343 -19.53 3.98 -44.26
CA ARG C 343 -20.65 3.04 -43.96
CA ARG C 343 -20.64 3.05 -43.95
C ARG C 343 -20.03 1.71 -43.51
N ASN C 344 -20.65 1.04 -42.53
CA ASN C 344 -20.12 -0.26 -42.02
C ASN C 344 -21.27 -1.16 -41.61
N PRO C 345 -22.04 -1.66 -42.59
CA PRO C 345 -23.23 -2.45 -42.33
C PRO C 345 -22.85 -3.92 -42.09
N HIS C 346 -21.99 -4.17 -41.12
CA HIS C 346 -21.48 -5.51 -40.77
CA HIS C 346 -21.47 -5.51 -40.75
C HIS C 346 -22.54 -6.28 -39.98
N ILE C 347 -22.43 -7.63 -39.98
CA ILE C 347 -23.24 -8.55 -39.15
C ILE C 347 -22.33 -9.30 -38.13
N ALA C 348 -21.31 -8.69 -37.54
CA ALA C 348 -20.56 -9.30 -36.39
C ALA C 348 -21.53 -9.71 -35.30
N PHE C 349 -22.71 -9.06 -35.23
CA PHE C 349 -23.76 -9.34 -34.21
CA PHE C 349 -23.75 -9.35 -34.21
C PHE C 349 -24.90 -10.15 -34.81
N GLY C 350 -24.70 -10.70 -35.98
CA GLY C 350 -25.82 -11.43 -36.63
C GLY C 350 -26.85 -10.45 -37.21
N HIS C 351 -28.10 -10.91 -37.37
CA HIS C 351 -29.17 -10.21 -38.13
C HIS C 351 -30.50 -10.90 -37.91
N GLY C 352 -31.60 -10.21 -38.11
CA GLY C 352 -32.93 -10.83 -38.02
C GLY C 352 -33.30 -11.08 -36.57
N ALA C 353 -34.16 -12.01 -36.32
CA ALA C 353 -34.73 -12.19 -35.00
C ALA C 353 -33.63 -12.49 -33.96
N HIS C 354 -32.62 -13.28 -34.31
CA HIS C 354 -31.62 -13.74 -33.32
CA HIS C 354 -31.62 -13.74 -33.32
C HIS C 354 -30.47 -12.74 -33.20
N HIS C 355 -30.55 -11.60 -33.87
CA HIS C 355 -29.58 -10.50 -33.70
C HIS C 355 -29.16 -10.40 -32.24
N CYS C 356 -27.86 -10.28 -31.97
CA CYS C 356 -27.34 -10.31 -30.56
C CYS C 356 -28.20 -9.40 -29.67
N ILE C 357 -28.76 -9.90 -28.58
CA ILE C 357 -29.52 -9.07 -27.62
C ILE C 357 -28.52 -8.18 -26.88
N GLY C 358 -27.22 -8.59 -26.78
CA GLY C 358 -26.18 -7.84 -26.06
C GLY C 358 -25.35 -6.90 -26.93
N ALA C 359 -25.72 -6.70 -28.19
CA ALA C 359 -24.85 -5.93 -29.13
C ALA C 359 -24.47 -4.59 -28.49
N GLN C 360 -25.40 -3.86 -27.92
CA GLN C 360 -25.07 -2.49 -27.41
C GLN C 360 -24.16 -2.62 -26.19
N LEU C 361 -24.33 -3.64 -25.33
CA LEU C 361 -23.44 -3.81 -24.16
C LEU C 361 -22.05 -4.21 -24.64
N GLY C 362 -21.95 -5.11 -25.60
CA GLY C 362 -20.69 -5.44 -26.25
C GLY C 362 -20.01 -4.20 -26.80
N ARG C 363 -20.73 -3.43 -27.60
CA ARG C 363 -20.21 -2.11 -28.08
C ARG C 363 -19.65 -1.28 -26.89
N LEU C 364 -20.44 -1.13 -25.85
CA LEU C 364 -20.09 -0.29 -24.69
C LEU C 364 -18.79 -0.79 -24.04
N GLU C 365 -18.66 -2.10 -23.80
CA GLU C 365 -17.45 -2.68 -23.14
C GLU C 365 -16.25 -2.44 -24.05
N LEU C 366 -16.39 -2.69 -25.34
CA LEU C 366 -15.20 -2.62 -26.19
C LEU C 366 -14.80 -1.13 -26.30
N GLN C 367 -15.75 -0.20 -26.38
CA GLN C 367 -15.46 1.26 -26.50
C GLN C 367 -14.70 1.68 -25.23
N GLU C 368 -15.18 1.36 -24.04
CA GLU C 368 -14.62 1.87 -22.76
C GLU C 368 -13.28 1.17 -22.41
N ALA C 369 -13.13 -0.08 -22.79
CA ALA C 369 -11.85 -0.80 -22.60
C ALA C 369 -10.82 -0.17 -23.56
N LEU C 370 -11.12 -0.03 -24.82
CA LEU C 370 -10.07 0.45 -25.77
C LEU C 370 -9.79 1.95 -25.56
N SER C 371 -10.78 2.76 -25.30
CA SER C 371 -10.64 4.22 -25.05
C SER C 371 -9.80 4.43 -23.78
N ALA C 372 -10.02 3.66 -22.74
CA ALA C 372 -9.18 3.70 -21.52
C ALA C 372 -7.74 3.30 -21.84
N LEU C 373 -7.50 2.25 -22.65
CA LEU C 373 -6.12 1.78 -22.93
C LEU C 373 -5.35 2.85 -23.71
N VAL C 374 -5.95 3.27 -24.80
CA VAL C 374 -5.43 4.25 -25.78
C VAL C 374 -5.13 5.61 -25.11
N ARG C 375 -5.89 6.03 -24.09
CA ARG C 375 -5.69 7.39 -23.50
C ARG C 375 -4.62 7.28 -22.41
N ARG C 376 -4.51 6.14 -21.71
CA ARG C 376 -3.70 6.03 -20.47
C ARG C 376 -2.41 5.24 -20.75
N PHE C 377 -2.40 4.36 -21.75
CA PHE C 377 -1.17 3.62 -22.17
C PHE C 377 -0.92 3.83 -23.65
N PRO C 378 -0.47 5.03 -24.08
CA PRO C 378 -0.05 5.25 -25.46
C PRO C 378 1.24 4.53 -25.84
N THR C 379 2.01 4.02 -24.86
CA THR C 379 3.25 3.23 -25.09
C THR C 379 2.94 1.71 -25.20
N LEU C 380 1.66 1.32 -25.10
CA LEU C 380 1.25 -0.11 -24.90
C LEU C 380 1.84 -0.91 -26.04
N ASP C 381 2.47 -2.04 -25.74
CA ASP C 381 2.89 -2.95 -26.82
C ASP C 381 2.82 -4.41 -26.35
N LEU C 382 2.79 -5.34 -27.30
CA LEU C 382 2.88 -6.79 -27.02
C LEU C 382 4.27 -7.14 -26.48
N ALA C 383 4.33 -7.96 -25.44
CA ALA C 383 5.57 -8.25 -24.71
C ALA C 383 5.69 -9.76 -24.59
N GLU C 384 5.18 -10.48 -25.58
CA GLU C 384 5.44 -11.93 -25.79
C GLU C 384 5.50 -12.11 -27.28
N PRO C 385 6.36 -13.00 -27.79
CA PRO C 385 6.44 -13.21 -29.23
C PRO C 385 5.08 -13.56 -29.82
N VAL C 386 4.85 -13.00 -31.01
CA VAL C 386 3.70 -13.29 -31.90
C VAL C 386 3.62 -14.80 -32.16
N ALA C 387 4.68 -15.44 -32.65
CA ALA C 387 4.75 -16.90 -32.90
C ALA C 387 4.30 -17.71 -31.68
N GLY C 388 4.45 -17.20 -30.46
CA GLY C 388 4.13 -18.00 -29.25
C GLY C 388 2.71 -17.78 -28.76
N LEU C 389 1.90 -16.93 -29.39
CA LEU C 389 0.59 -16.53 -28.78
C LEU C 389 -0.28 -17.78 -28.56
N LYS C 390 -0.92 -17.85 -27.42
CA LYS C 390 -1.77 -18.99 -27.07
C LYS C 390 -3.18 -18.72 -27.58
N TRP C 391 -3.41 -18.87 -28.85
CA TRP C 391 -4.80 -18.89 -29.37
C TRP C 391 -5.56 -20.10 -28.82
N LYS C 392 -6.78 -19.88 -28.34
CA LYS C 392 -7.65 -20.93 -27.80
C LYS C 392 -7.95 -21.89 -28.95
N GLN C 393 -7.82 -23.18 -28.66
CA GLN C 393 -7.97 -24.28 -29.63
CA GLN C 393 -8.01 -24.25 -29.67
C GLN C 393 -9.28 -25.02 -29.29
N GLY C 394 -10.02 -25.47 -30.29
CA GLY C 394 -11.06 -26.45 -30.05
C GLY C 394 -12.36 -25.82 -29.55
N MET C 395 -12.56 -24.50 -29.77
CA MET C 395 -13.81 -23.82 -29.33
C MET C 395 -14.48 -23.21 -30.54
N LEU C 396 -15.79 -23.05 -30.41
CA LEU C 396 -16.60 -22.45 -31.47
C LEU C 396 -16.28 -20.97 -31.65
N ILE C 397 -15.52 -20.35 -30.75
CA ILE C 397 -15.10 -18.94 -30.88
C ILE C 397 -13.58 -18.85 -30.66
N ARG C 398 -12.99 -17.68 -30.95
CA ARG C 398 -11.55 -17.42 -31.05
C ARG C 398 -11.18 -16.29 -30.09
N GLY C 399 -9.98 -16.38 -29.55
CA GLY C 399 -9.35 -15.43 -28.62
C GLY C 399 -8.07 -15.98 -28.00
N LEU C 400 -7.34 -15.12 -27.29
CA LEU C 400 -6.09 -15.49 -26.60
C LEU C 400 -6.31 -15.99 -25.18
N GLU C 401 -5.54 -16.98 -24.73
CA GLU C 401 -5.55 -17.38 -23.29
C GLU C 401 -4.73 -16.40 -22.51
N ARG C 402 -3.83 -15.74 -23.22
CA ARG C 402 -2.88 -14.80 -22.59
C ARG C 402 -2.50 -13.71 -23.59
N GLN C 403 -2.18 -12.52 -23.09
CA GLN C 403 -1.66 -11.37 -23.88
C GLN C 403 -0.82 -10.49 -22.94
N ILE C 404 0.46 -10.85 -22.78
CA ILE C 404 1.43 -10.06 -21.98
C ILE C 404 1.73 -8.80 -22.77
N VAL C 405 1.48 -7.68 -22.13
CA VAL C 405 1.73 -6.35 -22.72
C VAL C 405 2.75 -5.65 -21.81
N SER C 406 3.37 -4.63 -22.38
CA SER C 406 4.27 -3.72 -21.69
C SER C 406 3.77 -2.31 -21.99
N TRP C 407 4.15 -1.36 -21.13
CA TRP C 407 3.86 0.09 -21.25
C TRP C 407 4.95 0.87 -20.50
N PRO D 8 17.89 -44.01 28.69
CA PRO D 8 19.10 -44.76 29.06
C PRO D 8 19.15 -44.93 30.59
N THR D 9 20.10 -44.25 31.25
CA THR D 9 20.15 -44.26 32.74
C THR D 9 19.81 -42.84 33.22
N PRO D 10 18.69 -42.63 33.96
CA PRO D 10 18.31 -41.29 34.42
C PRO D 10 19.31 -40.65 35.41
N ALA D 11 19.75 -41.44 36.40
CA ALA D 11 20.72 -41.03 37.44
C ALA D 11 20.24 -39.79 38.21
N ASP D 12 18.94 -39.68 38.48
CA ASP D 12 18.40 -38.53 39.26
C ASP D 12 17.55 -39.05 40.42
N ALA D 13 17.93 -38.72 41.67
CA ALA D 13 17.17 -39.18 42.85
C ALA D 13 17.10 -38.09 43.93
N VAL D 14 17.29 -36.81 43.57
CA VAL D 14 17.29 -35.76 44.64
C VAL D 14 16.17 -34.75 44.39
N PRO D 15 15.52 -34.21 45.44
CA PRO D 15 14.43 -33.27 45.28
C PRO D 15 14.83 -31.89 44.75
N ALA D 16 13.87 -31.21 44.12
CA ALA D 16 14.03 -29.84 43.58
C ALA D 16 14.09 -28.85 44.76
N TYR D 17 15.05 -27.95 44.75
CA TYR D 17 15.06 -26.84 45.73
C TYR D 17 15.06 -25.50 45.00
N PRO D 18 14.17 -24.54 45.35
CA PRO D 18 13.23 -24.67 46.47
C PRO D 18 12.09 -25.69 46.38
N PHE D 19 11.60 -26.02 47.57
CA PHE D 19 10.54 -27.01 47.88
C PHE D 19 9.21 -26.61 47.25
N SER D 20 8.86 -25.34 47.30
CA SER D 20 7.52 -24.83 46.91
C SER D 20 7.54 -23.33 46.64
N LEU D 21 6.61 -22.82 45.84
CA LEU D 21 6.36 -21.36 45.79
C LEU D 21 6.01 -20.90 47.21
N PRO D 22 6.59 -19.77 47.68
CA PRO D 22 6.33 -19.24 49.03
C PRO D 22 4.97 -18.54 49.31
N HIS D 23 4.45 -18.62 50.54
CA HIS D 23 3.24 -17.85 50.97
C HIS D 23 3.66 -16.82 52.02
N ALA D 24 3.64 -15.53 51.67
CA ALA D 24 3.84 -14.43 52.63
C ALA D 24 5.14 -14.72 53.40
N LEU D 25 5.10 -14.72 54.72
CA LEU D 25 6.33 -14.89 55.53
C LEU D 25 6.39 -16.29 56.16
N ASP D 26 5.42 -17.17 55.89
CA ASP D 26 5.44 -18.50 56.55
C ASP D 26 6.38 -19.40 55.76
N LEU D 27 6.72 -20.53 56.38
CA LEU D 27 7.94 -21.33 56.11
C LEU D 27 7.51 -22.77 55.80
N ASP D 28 7.90 -23.31 54.63
CA ASP D 28 7.58 -24.70 54.20
C ASP D 28 7.89 -25.65 55.36
N PRO D 29 6.98 -26.59 55.71
CA PRO D 29 7.21 -27.43 56.90
C PRO D 29 8.30 -28.50 56.72
N HIS D 30 8.82 -28.74 55.50
CA HIS D 30 9.92 -29.71 55.25
CA HIS D 30 9.90 -29.71 55.25
C HIS D 30 11.19 -29.23 55.97
N TYR D 31 11.26 -27.94 56.32
CA TYR D 31 12.42 -27.33 57.01
C TYR D 31 12.50 -27.89 58.43
N ALA D 32 11.35 -27.99 59.13
CA ALA D 32 11.30 -28.49 60.53
C ALA D 32 11.47 -30.02 60.48
N GLU D 33 10.74 -30.68 59.58
CA GLU D 33 10.88 -32.14 59.39
CA GLU D 33 10.87 -32.13 59.26
C GLU D 33 12.37 -32.44 59.16
N LEU D 34 13.05 -31.66 58.31
CA LEU D 34 14.48 -31.88 57.95
C LEU D 34 15.38 -31.64 59.17
N ARG D 35 15.12 -30.57 59.94
CA ARG D 35 16.00 -30.19 61.08
C ARG D 35 16.05 -31.40 62.01
N ARG D 36 14.91 -32.05 62.26
CA ARG D 36 14.77 -33.25 63.13
CA ARG D 36 14.80 -33.25 63.16
C ARG D 36 15.54 -34.44 62.54
N ASP D 37 15.07 -34.96 61.42
CA ASP D 37 15.41 -36.31 60.90
C ASP D 37 16.60 -36.31 59.94
N GLU D 38 16.69 -35.31 59.06
CA GLU D 38 17.77 -35.21 58.02
C GLU D 38 18.18 -33.75 57.81
N PRO D 39 19.03 -33.21 58.70
CA PRO D 39 19.32 -31.77 58.72
C PRO D 39 20.27 -31.31 57.61
N VAL D 40 21.03 -32.24 56.99
CA VAL D 40 21.86 -32.00 55.77
C VAL D 40 21.41 -32.97 54.67
N SER D 41 20.68 -32.49 53.68
CA SER D 41 20.01 -33.32 52.63
C SER D 41 20.29 -32.76 51.24
N ARG D 42 20.60 -33.67 50.32
CA ARG D 42 20.86 -33.45 48.88
C ARG D 42 19.66 -32.73 48.25
N VAL D 43 19.93 -31.84 47.31
CA VAL D 43 18.87 -31.17 46.48
C VAL D 43 19.50 -30.68 45.17
N ARG D 44 18.63 -30.50 44.17
CA ARG D 44 18.91 -29.96 42.81
CA ARG D 44 19.06 -29.90 42.88
C ARG D 44 18.50 -28.49 42.82
N LEU D 45 19.41 -27.57 42.52
CA LEU D 45 19.12 -26.14 42.61
C LEU D 45 18.50 -25.75 41.25
N PRO D 46 17.78 -24.62 41.15
CA PRO D 46 16.99 -24.32 39.96
C PRO D 46 17.86 -24.03 38.75
N TYR D 47 19.12 -23.64 38.95
CA TYR D 47 20.11 -23.44 37.87
C TYR D 47 21.43 -24.08 38.26
N GLY D 48 22.39 -24.00 37.34
CA GLY D 48 23.63 -24.78 37.41
C GLY D 48 23.32 -26.27 37.22
N GLU D 49 24.33 -27.14 37.36
CA GLU D 49 24.20 -28.61 37.10
CA GLU D 49 24.17 -28.61 37.11
C GLU D 49 24.69 -29.39 38.33
N GLY D 50 24.15 -30.59 38.50
CA GLY D 50 24.45 -31.50 39.62
C GLY D 50 23.59 -31.14 40.82
N THR D 51 24.09 -31.47 42.01
CA THR D 51 23.33 -31.50 43.26
C THR D 51 24.09 -30.61 44.25
N ALA D 52 23.49 -30.26 45.37
CA ALA D 52 24.18 -29.51 46.46
C ALA D 52 23.57 -29.98 47.78
N TRP D 53 24.26 -29.73 48.90
CA TRP D 53 23.76 -30.07 50.26
C TRP D 53 22.93 -28.89 50.79
N LEU D 54 21.67 -29.12 51.14
CA LEU D 54 20.87 -28.13 51.87
C LEU D 54 21.19 -28.27 53.35
N VAL D 55 21.50 -27.15 53.99
CA VAL D 55 21.93 -27.05 55.42
C VAL D 55 20.88 -26.23 56.16
N THR D 56 20.09 -26.87 57.03
CA THR D 56 18.84 -26.30 57.62
C THR D 56 18.99 -25.94 59.08
N ARG D 57 20.17 -26.18 59.67
CA ARG D 57 20.37 -26.13 61.13
C ARG D 57 21.39 -25.04 61.47
N MET D 58 21.26 -24.46 62.66
CA MET D 58 22.13 -23.34 63.16
CA MET D 58 22.14 -23.33 63.10
C MET D 58 23.60 -23.77 63.12
N SER D 59 23.92 -24.89 63.79
CA SER D 59 25.32 -25.35 63.97
C SER D 59 26.02 -25.55 62.61
N ASP D 60 25.39 -26.29 61.69
CA ASP D 60 25.90 -26.50 60.31
C ASP D 60 25.93 -25.15 59.55
N ALA D 61 24.96 -24.27 59.81
CA ALA D 61 24.90 -23.02 58.99
C ALA D 61 26.13 -22.20 59.31
N ARG D 62 26.57 -22.24 60.57
CA ARG D 62 27.75 -21.45 61.03
C ARG D 62 29.02 -22.04 60.43
N ILE D 63 29.09 -23.37 60.33
CA ILE D 63 30.27 -24.02 59.72
C ILE D 63 30.33 -23.62 58.25
N VAL D 64 29.24 -23.81 57.51
CA VAL D 64 29.20 -23.48 56.06
C VAL D 64 29.52 -21.99 55.86
N LEU D 65 28.98 -21.10 56.70
CA LEU D 65 29.23 -19.63 56.50
C LEU D 65 30.58 -19.19 57.11
N GLY D 66 31.25 -19.99 57.97
CA GLY D 66 32.35 -19.44 58.82
C GLY D 66 33.75 -19.95 58.47
N ASP D 67 33.87 -20.92 57.58
CA ASP D 67 35.11 -21.75 57.55
C ASP D 67 35.81 -21.41 56.25
N SER D 68 37.11 -21.14 56.20
CA SER D 68 37.80 -20.85 54.91
C SER D 68 37.93 -22.08 54.01
N ARG D 69 37.49 -23.27 54.39
CA ARG D 69 37.51 -24.44 53.46
C ARG D 69 36.25 -24.44 52.58
N PHE D 70 35.28 -23.59 52.92
CA PHE D 70 34.07 -23.28 52.13
C PHE D 70 34.30 -22.01 51.31
N SER D 71 34.28 -22.09 49.98
CA SER D 71 34.72 -20.99 49.08
C SER D 71 33.52 -20.52 48.26
N THR D 72 33.26 -19.21 48.27
CA THR D 72 32.25 -18.55 47.40
C THR D 72 32.85 -18.29 46.00
N ALA D 73 34.14 -17.96 45.88
CA ALA D 73 34.76 -17.76 44.53
C ALA D 73 34.64 -19.02 43.64
N ALA D 74 35.00 -20.20 44.18
CA ALA D 74 34.78 -21.52 43.56
C ALA D 74 33.44 -21.54 42.82
N ALA D 75 32.41 -20.86 43.36
CA ALA D 75 31.00 -21.06 42.92
C ALA D 75 30.58 -20.09 41.81
N THR D 76 31.55 -19.39 41.19
CA THR D 76 31.35 -18.62 39.93
C THR D 76 31.35 -19.55 38.71
N ASP D 77 32.07 -20.69 38.74
CA ASP D 77 31.98 -21.70 37.63
C ASP D 77 30.49 -21.88 37.30
N PRO D 78 30.10 -21.54 36.04
CA PRO D 78 28.70 -21.57 35.59
C PRO D 78 27.98 -22.90 35.80
N ALA D 79 28.74 -23.99 35.95
CA ALA D 79 28.25 -25.36 36.19
C ALA D 79 27.79 -25.56 37.64
N THR D 80 28.26 -24.71 38.58
CA THR D 80 27.88 -24.81 40.01
C THR D 80 26.39 -24.56 40.21
N PRO D 81 25.68 -25.37 41.04
CA PRO D 81 24.28 -25.08 41.33
C PRO D 81 24.21 -23.65 41.91
N ARG D 82 23.09 -22.97 41.72
CA ARG D 82 22.79 -21.61 42.21
C ARG D 82 21.26 -21.41 42.23
N MET D 83 20.77 -20.39 42.96
CA MET D 83 19.33 -20.14 43.27
C MET D 83 18.74 -19.25 42.18
N PHE D 84 19.64 -18.75 41.33
CA PHE D 84 19.30 -17.67 40.37
C PHE D 84 19.95 -17.90 39.01
N PRO D 85 19.31 -17.36 37.93
CA PRO D 85 19.61 -17.79 36.56
C PRO D 85 21.02 -17.50 36.02
N THR D 86 21.63 -16.35 36.26
CA THR D 86 22.96 -16.09 35.61
CA THR D 86 22.97 -15.97 35.69
C THR D 86 24.07 -16.57 36.55
N PRO D 87 25.10 -17.23 35.96
CA PRO D 87 26.29 -17.59 36.74
C PRO D 87 26.70 -16.35 37.54
N PRO D 88 27.20 -16.47 38.79
CA PRO D 88 27.50 -15.31 39.61
C PRO D 88 28.63 -14.44 39.08
N GLU D 89 28.51 -13.12 39.24
CA GLU D 89 29.54 -12.20 38.71
C GLU D 89 30.77 -12.37 39.56
N PRO D 90 31.89 -12.81 38.98
CA PRO D 90 33.13 -13.04 39.75
C PRO D 90 33.70 -11.79 40.45
N ASP D 91 33.42 -10.61 39.92
CA ASP D 91 33.69 -9.31 40.59
C ASP D 91 32.79 -9.09 41.82
N GLY D 92 31.66 -9.77 42.00
CA GLY D 92 30.81 -9.53 43.20
C GLY D 92 31.56 -9.78 44.52
N VAL D 93 31.31 -8.96 45.55
CA VAL D 93 31.88 -9.07 46.93
C VAL D 93 31.55 -10.47 47.45
N LEU D 94 30.31 -10.91 47.26
CA LEU D 94 29.87 -12.27 47.65
C LEU D 94 30.79 -13.33 46.98
N ALA D 95 31.28 -13.10 45.77
CA ALA D 95 32.00 -14.17 45.03
C ALA D 95 33.49 -14.11 45.36
N GLN D 96 33.90 -13.32 46.36
CA GLN D 96 35.30 -13.26 46.84
C GLN D 96 35.41 -14.09 48.13
N ASP D 97 36.60 -14.70 48.33
CA ASP D 97 37.01 -15.42 49.55
C ASP D 97 37.99 -14.50 50.24
N PRO D 98 38.16 -14.60 51.58
CA PRO D 98 39.31 -13.95 52.20
C PRO D 98 40.65 -14.54 51.70
N PRO D 99 41.76 -13.78 51.71
CA PRO D 99 41.78 -12.38 52.16
C PRO D 99 41.42 -11.25 51.18
N ASP D 100 41.25 -11.52 49.87
CA ASP D 100 40.85 -10.44 48.88
C ASP D 100 39.48 -9.85 49.27
N HIS D 101 38.52 -10.70 49.61
CA HIS D 101 37.22 -10.31 50.21
CA HIS D 101 37.22 -10.28 50.19
C HIS D 101 37.45 -9.25 51.31
N THR D 102 38.36 -9.58 52.25
CA THR D 102 38.65 -8.76 53.44
C THR D 102 39.13 -7.39 52.95
N ARG D 103 40.02 -7.38 51.96
CA ARG D 103 40.56 -6.09 51.40
C ARG D 103 39.43 -5.29 50.72
N LEU D 104 38.58 -5.97 49.97
CA LEU D 104 37.46 -5.33 49.20
C LEU D 104 36.49 -4.63 50.18
N ARG D 105 36.20 -5.31 51.27
CA ARG D 105 35.26 -4.86 52.31
C ARG D 105 35.81 -3.65 53.04
N ARG D 106 37.12 -3.59 53.18
CA ARG D 106 37.87 -2.56 53.94
C ARG D 106 37.75 -1.20 53.18
N LEU D 107 37.44 -1.20 51.90
CA LEU D 107 37.17 0.03 51.12
C LEU D 107 36.00 0.87 51.67
N VAL D 108 34.99 0.27 52.31
CA VAL D 108 33.77 0.98 52.79
C VAL D 108 33.51 0.60 54.24
N GLY D 109 34.26 -0.35 54.81
CA GLY D 109 33.88 -0.94 56.10
C GLY D 109 33.87 0.10 57.21
N LYS D 110 34.74 1.10 57.15
CA LYS D 110 34.77 2.13 58.22
CA LYS D 110 34.79 2.31 58.02
C LYS D 110 33.37 2.79 58.41
N ALA D 111 32.62 3.11 57.35
CA ALA D 111 31.27 3.76 57.33
C ALA D 111 30.21 2.85 57.93
N PHE D 112 30.46 1.54 58.10
CA PHE D 112 29.40 0.57 58.43
C PHE D 112 29.65 -0.01 59.81
N THR D 113 30.66 0.47 60.54
CA THR D 113 30.86 0.04 61.95
C THR D 113 29.71 0.58 62.78
N ALA D 114 29.39 -0.10 63.88
CA ALA D 114 28.22 0.28 64.66
C ALA D 114 28.37 1.76 65.07
N ARG D 115 29.58 2.24 65.39
CA ARG D 115 29.67 3.58 66.02
C ARG D 115 29.45 4.61 64.91
N ARG D 116 29.87 4.38 63.67
CA ARG D 116 29.63 5.35 62.55
CA ARG D 116 29.63 5.34 62.55
C ARG D 116 28.15 5.31 62.12
N VAL D 117 27.50 4.17 62.25
CA VAL D 117 26.08 4.05 61.89
C VAL D 117 25.29 4.75 63.00
N GLU D 118 25.71 4.63 64.24
CA GLU D 118 24.94 5.17 65.37
C GLU D 118 24.95 6.71 65.26
N GLU D 119 26.03 7.26 64.69
CA GLU D 119 26.19 8.73 64.42
C GLU D 119 25.11 9.22 63.44
N MET D 120 24.57 8.34 62.62
CA MET D 120 23.55 8.67 61.59
CA MET D 120 23.57 8.74 61.61
C MET D 120 22.18 8.86 62.25
N ARG D 121 22.01 8.38 63.49
CA ARG D 121 20.64 8.25 64.04
C ARG D 121 19.93 9.61 63.95
N PRO D 122 20.53 10.76 64.33
CA PRO D 122 19.80 12.03 64.31
C PRO D 122 19.26 12.40 62.93
N ARG D 123 20.06 12.33 61.88
CA ARG D 123 19.65 12.58 60.46
CA ARG D 123 19.58 12.65 60.50
C ARG D 123 18.60 11.55 60.04
N VAL D 124 18.71 10.33 60.50
CA VAL D 124 17.81 9.26 60.02
C VAL D 124 16.44 9.52 60.61
N ARG D 125 16.41 9.88 61.89
CA ARG D 125 15.17 10.13 62.68
C ARG D 125 14.44 11.35 62.10
N SER D 126 15.21 12.30 61.58
CA SER D 126 14.64 13.52 60.98
C SER D 126 13.98 13.15 59.64
N LEU D 127 14.60 12.25 58.88
CA LEU D 127 14.06 11.68 57.64
C LEU D 127 12.73 10.98 57.95
N VAL D 128 12.68 10.07 58.92
CA VAL D 128 11.42 9.35 59.26
C VAL D 128 10.30 10.37 59.63
N ASP D 129 10.61 11.38 60.45
CA ASP D 129 9.60 12.33 60.98
C ASP D 129 9.01 13.11 59.81
N SER D 130 9.86 13.56 58.91
CA SER D 130 9.50 14.31 57.70
C SER D 130 8.58 13.45 56.83
N LEU D 131 8.87 12.15 56.65
CA LEU D 131 8.09 11.31 55.74
C LEU D 131 6.74 10.98 56.38
N LEU D 132 6.75 10.68 57.67
CA LEU D 132 5.50 10.38 58.41
C LEU D 132 4.59 11.63 58.38
N ASP D 133 5.16 12.83 58.47
CA ASP D 133 4.44 14.13 58.38
C ASP D 133 3.63 14.12 57.08
N ASP D 134 4.29 13.80 55.95
CA ASP D 134 3.63 13.63 54.63
C ASP D 134 2.47 12.65 54.74
N MET D 135 2.67 11.54 55.39
CA MET D 135 1.57 10.57 55.47
C MET D 135 0.45 11.17 56.32
N VAL D 136 0.72 11.95 57.38
CA VAL D 136 -0.38 12.46 58.25
C VAL D 136 -1.21 13.46 57.41
N ALA D 137 -0.48 14.26 56.62
CA ALA D 137 -0.98 15.29 55.67
C ALA D 137 -1.92 14.63 54.64
N HIS D 138 -1.55 13.49 54.06
CA HIS D 138 -2.42 12.71 53.12
C HIS D 138 -3.67 12.24 53.88
N GLY D 139 -3.52 11.86 55.16
CA GLY D 139 -4.58 11.37 56.07
C GLY D 139 -4.86 9.92 55.71
N SER D 140 -5.52 9.16 56.60
CA SER D 140 -5.76 7.70 56.44
C SER D 140 -6.98 7.45 55.58
N PRO D 141 -7.09 6.21 55.04
CA PRO D 141 -5.97 5.26 55.02
C PRO D 141 -4.87 5.63 53.99
N ALA D 142 -3.65 5.09 54.14
CA ALA D 142 -2.55 5.33 53.17
C ALA D 142 -1.64 4.11 53.03
N ASP D 143 -0.88 4.11 51.92
CA ASP D 143 0.05 3.01 51.53
C ASP D 143 1.40 3.22 52.23
N LEU D 144 1.59 2.49 53.33
CA LEU D 144 2.87 2.55 54.10
C LEU D 144 4.05 2.30 53.17
N VAL D 145 3.92 1.48 52.14
CA VAL D 145 5.00 1.23 51.14
C VAL D 145 5.38 2.57 50.50
N GLU D 146 4.42 3.30 49.90
CA GLU D 146 4.59 4.59 49.20
C GLU D 146 5.19 5.64 50.12
N PHE D 147 4.53 5.84 51.25
CA PHE D 147 4.88 6.87 52.26
C PHE D 147 6.16 6.62 53.07
N LEU D 148 6.45 5.38 53.47
CA LEU D 148 7.63 5.16 54.34
C LEU D 148 8.59 4.07 53.87
N ALA D 149 8.06 2.88 53.58
CA ALA D 149 8.89 1.69 53.34
C ALA D 149 9.88 1.89 52.20
N VAL D 150 9.46 2.55 51.13
CA VAL D 150 10.33 2.78 49.95
C VAL D 150 11.17 4.02 50.15
N PRO D 151 10.58 5.22 50.35
CA PRO D 151 11.38 6.45 50.33
C PRO D 151 12.43 6.54 51.47
N PHE D 152 12.18 5.93 52.63
CA PHE D 152 13.06 6.10 53.81
C PHE D 152 14.41 5.47 53.47
N PRO D 153 14.51 4.15 53.23
CA PRO D 153 15.80 3.52 52.90
C PRO D 153 16.48 3.99 51.63
N VAL D 154 15.70 4.29 50.60
CA VAL D 154 16.18 4.88 49.31
C VAL D 154 16.84 6.24 49.62
N ALA D 155 16.19 7.12 50.36
CA ALA D 155 16.85 8.39 50.75
C ALA D 155 18.15 8.08 51.52
N VAL D 156 18.13 7.24 52.55
CA VAL D 156 19.36 6.99 53.36
C VAL D 156 20.54 6.50 52.47
N ILE D 157 20.32 5.49 51.63
CA ILE D 157 21.42 4.91 50.81
C ILE D 157 21.84 5.85 49.68
N CYS D 158 20.91 6.57 49.01
CA CYS D 158 21.39 7.60 48.03
C CYS D 158 22.28 8.65 48.73
N GLU D 159 21.91 9.08 49.96
CA GLU D 159 22.75 10.04 50.73
C GLU D 159 24.10 9.39 51.11
N LEU D 160 24.09 8.17 51.65
CA LEU D 160 25.34 7.55 52.14
C LEU D 160 26.25 7.28 50.96
N LEU D 161 25.70 6.78 49.84
CA LEU D 161 26.50 6.45 48.64
C LEU D 161 26.87 7.73 47.86
N GLY D 162 25.93 8.71 47.76
CA GLY D 162 25.96 9.83 46.81
C GLY D 162 25.40 9.45 45.44
N VAL D 163 24.20 8.88 45.41
CA VAL D 163 23.47 8.47 44.20
C VAL D 163 22.28 9.41 44.10
N PRO D 164 22.02 10.07 42.95
CA PRO D 164 20.93 11.02 42.88
C PRO D 164 19.61 10.31 43.20
N LEU D 165 18.85 10.88 44.12
CA LEU D 165 17.47 10.47 44.52
C LEU D 165 16.56 10.35 43.30
N GLU D 166 16.81 11.12 42.24
CA GLU D 166 15.91 11.09 41.05
CA GLU D 166 16.00 11.13 40.99
C GLU D 166 16.22 9.87 40.16
N ASP D 167 17.26 9.07 40.45
CA ASP D 167 17.52 7.79 39.73
C ASP D 167 16.72 6.67 40.39
N ARG D 168 15.89 7.01 41.38
CA ARG D 168 15.12 5.97 42.09
C ARG D 168 14.61 4.93 41.08
N ASP D 169 13.82 5.30 40.06
CA ASP D 169 13.06 4.32 39.23
C ASP D 169 14.03 3.50 38.37
N LEU D 170 15.10 4.15 37.89
CA LEU D 170 16.20 3.46 37.23
C LEU D 170 16.74 2.37 38.19
N PHE D 171 17.25 2.71 39.39
CA PHE D 171 18.08 1.70 40.12
C PHE D 171 17.14 0.68 40.77
N ARG D 172 15.90 1.08 41.11
CA ARG D 172 14.84 0.11 41.56
C ARG D 172 14.56 -0.94 40.47
N THR D 173 14.41 -0.57 39.21
CA THR D 173 14.18 -1.58 38.11
C THR D 173 15.39 -2.52 37.95
N PHE D 174 16.62 -1.98 37.93
CA PHE D 174 17.83 -2.78 37.76
C PHE D 174 17.94 -3.75 38.95
N SER D 175 17.82 -3.21 40.14
CA SER D 175 17.88 -3.97 41.41
C SER D 175 16.84 -5.08 41.40
N ASP D 176 15.58 -4.74 41.13
CA ASP D 176 14.47 -5.72 41.11
C ASP D 176 14.87 -6.85 40.15
N ALA D 177 15.23 -6.51 38.92
CA ALA D 177 15.70 -7.56 37.95
C ALA D 177 16.79 -8.44 38.61
N MET D 178 17.82 -7.85 39.22
CA MET D 178 19.06 -8.63 39.50
C MET D 178 18.89 -9.56 40.69
N LEU D 179 17.74 -9.40 41.39
CA LEU D 179 17.19 -10.27 42.46
C LEU D 179 16.02 -11.13 41.97
N SER D 180 15.90 -11.41 40.66
CA SER D 180 14.89 -12.39 40.17
C SER D 180 15.33 -13.78 40.59
N SER D 181 14.37 -14.58 41.02
CA SER D 181 14.54 -16.04 41.16
C SER D 181 14.11 -16.65 39.82
N THR D 182 12.81 -16.52 39.47
CA THR D 182 12.15 -17.17 38.29
C THR D 182 11.56 -16.12 37.30
N ARG D 183 11.25 -14.88 37.71
CA ARG D 183 10.55 -13.86 36.85
CA ARG D 183 10.56 -13.89 36.84
C ARG D 183 11.24 -13.76 35.47
N LEU D 184 12.56 -13.58 35.45
CA LEU D 184 13.38 -13.28 34.25
C LEU D 184 14.33 -14.43 33.86
N THR D 185 14.83 -14.36 32.64
CA THR D 185 15.88 -15.22 32.09
C THR D 185 17.26 -14.66 32.48
N ALA D 186 18.26 -15.51 32.40
CA ALA D 186 19.71 -15.21 32.44
C ALA D 186 20.09 -14.12 31.44
N ALA D 187 19.72 -14.27 30.15
CA ALA D 187 20.05 -13.28 29.11
C ALA D 187 19.63 -11.89 29.56
N GLU D 188 18.39 -11.75 30.05
CA GLU D 188 17.76 -10.47 30.54
C GLU D 188 18.49 -9.97 31.80
N ILE D 189 18.69 -10.82 32.81
CA ILE D 189 19.39 -10.40 34.05
C ILE D 189 20.82 -9.93 33.68
N GLN D 190 21.48 -10.68 32.81
CA GLN D 190 22.87 -10.37 32.38
CA GLN D 190 22.87 -10.38 32.34
C GLN D 190 22.91 -8.99 31.71
N ARG D 191 21.89 -8.67 30.90
CA ARG D 191 21.81 -7.34 30.23
CA ARG D 191 21.71 -7.34 30.23
C ARG D 191 21.66 -6.25 31.29
N VAL D 192 20.88 -6.48 32.35
CA VAL D 192 20.70 -5.48 33.45
C VAL D 192 22.00 -5.37 34.25
N GLN D 193 22.73 -6.47 34.46
CA GLN D 193 24.04 -6.41 35.16
C GLN D 193 24.98 -5.52 34.38
N GLN D 194 25.00 -5.70 33.06
CA GLN D 194 25.88 -4.90 32.17
CA GLN D 194 25.91 -4.89 32.19
C GLN D 194 25.47 -3.44 32.31
N ASP D 195 24.16 -3.17 32.29
CA ASP D 195 23.60 -1.80 32.30
C ASP D 195 23.85 -1.12 33.66
N PHE D 196 23.65 -1.83 34.78
CA PHE D 196 23.91 -1.34 36.16
C PHE D 196 25.40 -1.01 36.29
N MET D 197 26.26 -1.86 35.70
CA MET D 197 27.72 -1.72 35.86
C MET D 197 28.15 -0.44 35.16
N VAL D 198 27.72 -0.19 33.91
CA VAL D 198 28.10 1.05 33.18
CA VAL D 198 28.11 1.05 33.17
C VAL D 198 27.48 2.25 33.90
N TYR D 199 26.21 2.13 34.36
CA TYR D 199 25.47 3.15 35.16
C TYR D 199 26.28 3.50 36.41
N MET D 200 26.70 2.53 37.23
CA MET D 200 27.59 2.82 38.41
C MET D 200 28.99 3.25 37.95
N ASP D 201 29.52 2.69 36.88
CA ASP D 201 30.80 3.19 36.33
C ASP D 201 30.59 4.69 36.08
N GLY D 202 29.47 5.04 35.49
CA GLY D 202 29.21 6.45 35.10
C GLY D 202 29.23 7.35 36.32
N LEU D 203 28.60 6.93 37.42
CA LEU D 203 28.57 7.71 38.67
C LEU D 203 30.00 7.86 39.21
N VAL D 204 30.75 6.75 39.32
CA VAL D 204 32.13 6.73 39.91
C VAL D 204 33.05 7.61 39.06
N ALA D 205 32.85 7.63 37.74
CA ALA D 205 33.65 8.43 36.78
C ALA D 205 33.56 9.92 37.12
N GLN D 206 32.39 10.42 37.56
CA GLN D 206 32.15 11.86 37.87
C GLN D 206 33.09 12.35 38.99
N ARG D 207 33.63 11.45 39.80
CA ARG D 207 34.55 11.75 40.94
C ARG D 207 36.02 11.83 40.44
N ARG D 208 36.31 11.32 39.23
CA ARG D 208 37.68 11.40 38.65
CA ARG D 208 37.66 11.42 38.59
C ARG D 208 38.10 12.88 38.59
N ASP D 209 37.23 13.77 38.12
CA ASP D 209 37.53 15.22 38.11
CA ASP D 209 37.48 15.24 38.11
C ASP D 209 37.37 15.76 39.55
N ALA D 210 36.14 15.74 40.11
CA ALA D 210 35.78 16.36 41.40
C ALA D 210 35.43 15.30 42.44
N PRO D 211 36.31 15.05 43.45
CA PRO D 211 36.03 14.06 44.52
C PRO D 211 34.79 14.43 45.35
N THR D 212 34.11 13.46 46.00
CA THR D 212 32.91 13.70 46.87
C THR D 212 33.17 13.04 48.20
N GLU D 213 32.58 13.52 49.28
CA GLU D 213 32.70 12.91 50.62
CA GLU D 213 32.72 12.89 50.61
C GLU D 213 31.50 11.98 50.83
N ASP D 214 31.55 10.80 50.23
CA ASP D 214 30.46 9.79 50.29
C ASP D 214 31.10 8.45 49.93
N LEU D 215 30.40 7.32 49.99
CA LEU D 215 31.05 6.00 49.72
CA LEU D 215 31.05 6.01 49.72
C LEU D 215 31.51 5.92 48.26
N LEU D 216 30.73 6.46 47.32
CA LEU D 216 31.12 6.51 45.90
C LEU D 216 32.45 7.27 45.75
N GLY D 217 32.72 8.32 46.53
CA GLY D 217 34.03 9.00 46.58
C GLY D 217 35.16 8.08 47.03
N ALA D 218 34.98 7.34 48.12
CA ALA D 218 35.96 6.35 48.61
C ALA D 218 36.25 5.32 47.51
N LEU D 219 35.23 4.84 46.80
CA LEU D 219 35.40 3.88 45.68
C LEU D 219 36.09 4.56 44.49
N ALA D 220 35.78 5.80 44.14
CA ALA D 220 36.45 6.50 43.01
C ALA D 220 37.97 6.50 43.26
N LEU D 221 38.37 6.98 44.45
CA LEU D 221 39.79 7.10 44.87
C LEU D 221 40.41 5.71 44.91
N ALA D 222 39.61 4.69 45.24
CA ALA D 222 40.05 3.28 45.37
C ALA D 222 40.65 2.75 44.08
N THR D 223 40.11 3.22 42.95
CA THR D 223 40.48 2.70 41.61
C THR D 223 41.96 2.88 41.34
N ASP D 224 42.58 3.94 41.86
CA ASP D 224 44.02 4.20 41.57
C ASP D 224 44.95 3.07 42.04
N ASN D 225 44.77 2.54 43.25
CA ASN D 225 45.70 1.49 43.72
C ASN D 225 45.13 0.11 43.39
N ASP D 226 45.68 -0.55 42.37
CA ASP D 226 45.23 -1.92 41.98
C ASP D 226 46.07 -2.90 42.79
N ASP D 227 45.96 -2.82 44.11
CA ASP D 227 46.80 -3.68 45.00
CA ASP D 227 46.72 -3.69 45.07
C ASP D 227 46.49 -5.17 44.74
N HIS D 228 45.25 -5.63 44.99
CA HIS D 228 44.68 -6.95 44.65
CA HIS D 228 44.74 -6.91 44.41
C HIS D 228 43.25 -6.75 44.11
N LEU D 229 42.83 -5.48 43.90
CA LEU D 229 41.41 -5.06 43.68
CA LEU D 229 41.42 -5.06 43.69
C LEU D 229 41.24 -4.43 42.29
N THR D 230 40.51 -5.12 41.41
CA THR D 230 40.23 -4.67 40.01
C THR D 230 39.20 -3.54 39.99
N LYS D 231 39.27 -2.69 38.95
CA LYS D 231 38.27 -1.65 38.59
CA LYS D 231 38.27 -1.62 38.67
C LYS D 231 36.85 -2.20 38.74
N GLY D 232 36.66 -3.45 38.29
CA GLY D 232 35.35 -4.14 38.24
C GLY D 232 34.83 -4.42 39.63
N GLU D 233 35.73 -4.71 40.55
CA GLU D 233 35.36 -5.18 41.92
C GLU D 233 34.88 -3.96 42.70
N ILE D 234 35.63 -2.86 42.59
CA ILE D 234 35.30 -1.54 43.19
C ILE D 234 33.90 -1.12 42.70
N VAL D 235 33.71 -1.07 41.39
CA VAL D 235 32.43 -0.52 40.88
C VAL D 235 31.32 -1.49 41.26
N ASN D 236 31.60 -2.80 41.27
CA ASN D 236 30.53 -3.77 41.65
C ASN D 236 30.08 -3.52 43.09
N MET D 237 31.01 -3.07 43.94
CA MET D 237 30.71 -2.80 45.37
C MET D 237 29.62 -1.73 45.45
N GLY D 238 29.80 -0.68 44.67
CA GLY D 238 28.75 0.33 44.41
C GLY D 238 27.41 -0.28 44.15
N VAL D 239 27.35 -1.29 43.27
CA VAL D 239 26.07 -1.91 42.83
C VAL D 239 25.52 -2.69 44.04
N SER D 240 26.36 -3.48 44.70
CA SER D 240 25.86 -4.35 45.80
C SER D 240 25.31 -3.42 46.91
N LEU D 241 26.03 -2.34 47.24
CA LEU D 241 25.57 -1.41 48.31
C LEU D 241 24.25 -0.74 47.89
N LEU D 242 24.15 -0.33 46.62
CA LEU D 242 22.90 0.32 46.13
C LEU D 242 21.74 -0.66 46.20
N ILE D 243 21.92 -1.89 45.75
CA ILE D 243 20.83 -2.89 45.71
C ILE D 243 20.46 -3.26 47.13
N ALA D 244 21.42 -3.78 47.88
CA ALA D 244 21.18 -4.33 49.24
C ALA D 244 20.70 -3.19 50.14
N GLY D 245 21.29 -2.02 49.96
CA GLY D 245 20.99 -0.85 50.81
C GLY D 245 19.53 -0.42 50.79
N HIS D 246 18.76 -0.69 49.74
CA HIS D 246 17.32 -0.36 49.79
C HIS D 246 16.47 -1.61 49.80
N GLU D 247 16.82 -2.62 49.00
CA GLU D 247 15.94 -3.77 48.76
C GLU D 247 15.65 -4.45 50.09
N THR D 248 16.65 -4.62 50.94
CA THR D 248 16.50 -5.32 52.24
C THR D 248 15.56 -4.48 53.10
N SER D 249 15.93 -3.26 53.40
CA SER D 249 15.21 -2.44 54.41
C SER D 249 13.77 -2.16 53.96
N VAL D 250 13.57 -1.89 52.67
CA VAL D 250 12.19 -1.66 52.08
C VAL D 250 11.32 -2.86 52.38
N ASN D 251 11.76 -4.07 52.03
CA ASN D 251 10.87 -5.24 52.21
C ASN D 251 10.68 -5.44 53.70
N GLN D 252 11.76 -5.31 54.44
CA GLN D 252 11.80 -5.66 55.88
C GLN D 252 10.92 -4.72 56.69
N ILE D 253 10.87 -3.42 56.38
CA ILE D 253 9.87 -2.51 57.03
C ILE D 253 8.47 -3.09 56.80
N THR D 254 8.13 -3.50 55.57
CA THR D 254 6.77 -4.01 55.29
C THR D 254 6.62 -5.35 56.04
N ASN D 255 7.70 -6.15 56.15
CA ASN D 255 7.60 -7.48 56.78
C ASN D 255 7.34 -7.30 58.26
N LEU D 256 8.06 -6.38 58.92
CA LEU D 256 7.94 -6.24 60.39
CA LEU D 256 7.93 -6.26 60.39
C LEU D 256 6.56 -5.65 60.69
N VAL D 257 6.14 -4.65 59.95
CA VAL D 257 4.77 -4.10 60.20
C VAL D 257 3.74 -5.23 60.05
N HIS D 258 3.85 -6.08 59.02
CA HIS D 258 2.85 -7.16 58.82
CA HIS D 258 2.93 -7.23 58.78
C HIS D 258 2.83 -8.06 60.06
N LEU D 259 3.98 -8.60 60.49
CA LEU D 259 4.01 -9.48 61.68
C LEU D 259 3.34 -8.74 62.86
N LEU D 260 3.52 -7.42 62.96
CA LEU D 260 3.07 -6.63 64.14
C LEU D 260 1.54 -6.48 64.10
N LEU D 261 0.93 -6.37 62.90
CA LEU D 261 -0.51 -6.01 62.72
C LEU D 261 -1.42 -7.25 62.69
N THR D 262 -1.18 -8.29 61.88
CA THR D 262 -1.74 -9.66 62.13
C THR D 262 -1.27 -10.07 63.52
N GLU D 263 -2.14 -10.62 64.39
CA GLU D 263 -1.92 -10.75 65.85
CA GLU D 263 -1.90 -10.76 65.85
C GLU D 263 -1.40 -9.42 66.42
N ARG D 264 -2.32 -8.43 66.51
CA ARG D 264 -1.97 -7.02 66.82
CA ARG D 264 -2.00 -7.01 66.84
C ARG D 264 -1.32 -6.93 68.21
N LYS D 265 -1.72 -7.80 69.12
CA LYS D 265 -1.14 -7.91 70.49
CA LYS D 265 -1.16 -7.86 70.50
C LYS D 265 0.29 -7.38 70.45
N ARG D 266 1.05 -7.89 69.48
CA ARG D 266 2.48 -7.59 69.20
C ARG D 266 2.73 -6.08 69.09
N TYR D 267 1.93 -5.37 68.28
CA TYR D 267 1.99 -3.89 68.13
C TYR D 267 1.66 -3.18 69.45
N GLU D 268 0.66 -3.66 70.18
CA GLU D 268 0.16 -2.97 71.42
C GLU D 268 1.24 -3.04 72.50
N SER D 269 1.97 -4.16 72.51
CA SER D 269 3.10 -4.39 73.44
C SER D 269 4.18 -3.33 73.16
N LEU D 270 4.31 -2.92 71.89
CA LEU D 270 5.36 -1.93 71.52
C LEU D 270 4.83 -0.54 71.83
N VAL D 271 3.55 -0.27 71.56
CA VAL D 271 2.87 1.05 71.84
C VAL D 271 3.04 1.37 73.32
N ALA D 272 2.86 0.38 74.18
CA ALA D 272 2.96 0.56 75.65
C ALA D 272 4.41 0.75 76.06
N ASP D 273 5.37 0.07 75.42
CA ASP D 273 6.82 0.24 75.74
C ASP D 273 7.67 0.47 74.49
N PRO D 274 7.80 1.71 73.97
CA PRO D 274 8.62 1.93 72.79
C PRO D 274 10.06 1.42 72.96
N ALA D 275 10.55 1.27 74.20
CA ALA D 275 11.96 0.91 74.45
C ALA D 275 12.15 -0.60 74.20
N LEU D 276 11.07 -1.32 73.99
CA LEU D 276 11.12 -2.76 73.60
C LEU D 276 11.38 -2.91 72.09
N VAL D 277 11.46 -1.81 71.33
CA VAL D 277 11.54 -1.88 69.84
C VAL D 277 12.83 -2.58 69.41
N PRO D 278 14.04 -2.18 69.88
CA PRO D 278 15.29 -2.80 69.42
C PRO D 278 15.32 -4.34 69.53
N ALA D 279 14.70 -4.86 70.59
CA ALA D 279 14.65 -6.29 70.96
C ALA D 279 13.63 -6.96 70.06
N ALA D 280 12.49 -6.29 69.84
CA ALA D 280 11.42 -6.73 68.89
C ALA D 280 11.98 -6.81 67.46
N VAL D 281 12.72 -5.78 67.00
CA VAL D 281 13.45 -5.85 65.69
C VAL D 281 14.29 -7.15 65.64
N GLU D 282 15.20 -7.37 66.62
CA GLU D 282 16.12 -8.53 66.64
C GLU D 282 15.27 -9.79 66.48
N GLU D 283 14.19 -9.90 67.25
CA GLU D 283 13.29 -11.07 67.22
C GLU D 283 12.66 -11.22 65.83
N MET D 284 12.08 -10.14 65.27
CA MET D 284 11.38 -10.23 63.98
C MET D 284 12.39 -10.46 62.85
N LEU D 285 13.67 -10.10 63.04
CA LEU D 285 14.77 -10.41 62.07
C LEU D 285 14.99 -11.94 62.06
N ARG D 286 15.13 -12.55 63.23
CA ARG D 286 15.20 -14.02 63.41
C ARG D 286 14.00 -14.63 62.68
N TYR D 287 12.81 -14.21 63.07
CA TYR D 287 11.52 -14.82 62.70
C TYR D 287 11.13 -14.69 61.22
N THR D 288 11.77 -13.84 60.40
CA THR D 288 11.32 -13.46 59.04
C THR D 288 12.19 -14.05 57.95
N PRO D 289 11.59 -14.76 56.97
CA PRO D 289 12.32 -15.19 55.79
C PRO D 289 12.37 -14.10 54.73
N LEU D 290 13.41 -13.28 54.83
CA LEU D 290 13.67 -12.20 53.86
C LEU D 290 14.26 -12.82 52.61
N VAL D 291 15.32 -13.62 52.80
CA VAL D 291 15.90 -14.48 51.72
C VAL D 291 14.92 -15.62 51.56
N SER D 292 14.28 -15.73 50.38
CA SER D 292 13.02 -16.53 50.23
C SER D 292 13.36 -17.98 50.46
N ALA D 293 14.46 -18.40 49.84
CA ALA D 293 15.02 -19.75 49.95
C ALA D 293 16.50 -19.75 49.57
N GLY D 294 17.24 -20.63 50.24
CA GLY D 294 18.66 -20.79 49.98
C GLY D 294 19.42 -19.54 50.27
N SER D 295 20.56 -19.49 49.57
CA SER D 295 21.75 -18.64 49.83
C SER D 295 22.65 -18.67 48.61
N PHE D 296 23.54 -17.70 48.52
CA PHE D 296 24.77 -17.84 47.72
C PHE D 296 25.50 -19.07 48.23
N VAL D 297 26.02 -19.85 47.29
CA VAL D 297 26.49 -21.25 47.44
C VAL D 297 27.95 -21.24 47.91
N ARG D 298 28.30 -22.19 48.78
CA ARG D 298 29.70 -22.43 49.24
C ARG D 298 30.15 -23.79 48.72
N VAL D 299 31.32 -23.84 48.10
CA VAL D 299 31.89 -25.13 47.60
C VAL D 299 33.04 -25.50 48.51
N ALA D 300 33.03 -26.69 49.10
CA ALA D 300 34.18 -27.14 49.92
C ALA D 300 35.42 -27.16 49.02
N THR D 301 36.58 -26.66 49.46
CA THR D 301 37.92 -26.85 48.80
C THR D 301 38.70 -27.98 49.49
N GLU D 302 38.18 -28.49 50.61
CA GLU D 302 38.70 -29.73 51.24
C GLU D 302 37.56 -30.26 52.11
N ASP D 303 37.66 -31.49 52.56
CA ASP D 303 36.53 -32.18 53.22
C ASP D 303 36.20 -31.35 54.45
N VAL D 304 34.92 -31.24 54.83
CA VAL D 304 34.47 -30.58 56.10
C VAL D 304 33.40 -31.41 56.77
N GLU D 305 33.45 -31.51 58.08
CA GLU D 305 32.53 -32.40 58.81
C GLU D 305 31.32 -31.59 59.25
N LEU D 306 30.12 -31.92 58.82
CA LEU D 306 28.89 -31.23 59.27
C LEU D 306 28.20 -32.15 60.28
N SER D 307 26.98 -31.89 60.74
CA SER D 307 26.49 -32.63 61.92
C SER D 307 26.49 -34.13 61.54
N THR D 308 25.81 -34.45 60.44
CA THR D 308 25.44 -35.82 60.01
C THR D 308 26.29 -36.29 58.83
N VAL D 309 27.10 -35.45 58.22
CA VAL D 309 27.79 -35.88 56.97
C VAL D 309 29.07 -35.11 56.78
N THR D 310 30.01 -35.70 56.07
CA THR D 310 31.28 -35.05 55.71
C THR D 310 31.18 -34.57 54.27
N VAL D 311 31.07 -33.25 54.09
CA VAL D 311 30.97 -32.69 52.73
C VAL D 311 32.38 -32.84 52.18
N ARG D 312 32.50 -33.35 50.96
CA ARG D 312 33.79 -33.54 50.26
C ARG D 312 34.16 -32.26 49.52
N ALA D 313 35.46 -32.02 49.47
CA ALA D 313 36.13 -31.11 48.52
C ALA D 313 35.40 -31.12 47.19
N GLY D 314 34.94 -29.96 46.70
CA GLY D 314 34.26 -29.88 45.40
C GLY D 314 32.75 -30.06 45.49
N GLU D 315 32.19 -30.53 46.61
CA GLU D 315 30.69 -30.61 46.71
C GLU D 315 30.17 -29.24 47.13
N PRO D 316 29.10 -28.73 46.48
CA PRO D 316 28.53 -27.44 46.85
C PRO D 316 27.51 -27.56 47.98
N CYS D 317 27.44 -26.52 48.83
CA CYS D 317 26.48 -26.34 49.94
C CYS D 317 25.63 -25.06 49.80
N VAL D 318 24.41 -25.12 50.28
CA VAL D 318 23.52 -23.96 50.33
C VAL D 318 22.79 -24.00 51.67
N VAL D 319 22.58 -22.82 52.27
CA VAL D 319 21.97 -22.59 53.59
C VAL D 319 20.59 -21.96 53.45
N HIS D 320 19.68 -22.35 54.34
CA HIS D 320 18.43 -21.58 54.54
C HIS D 320 18.54 -20.81 55.85
N PHE D 321 18.88 -19.53 55.74
CA PHE D 321 19.04 -18.61 56.90
C PHE D 321 17.83 -18.77 57.84
N ALA D 322 16.62 -18.64 57.33
CA ALA D 322 15.38 -18.58 58.15
C ALA D 322 15.22 -19.89 58.94
N SER D 323 15.58 -21.02 58.33
CA SER D 323 15.54 -22.36 58.95
C SER D 323 16.46 -22.41 60.16
N ALA D 324 17.75 -22.16 59.97
CA ALA D 324 18.69 -21.98 61.10
C ALA D 324 18.06 -21.13 62.20
N ASN D 325 17.17 -20.17 61.90
CA ASN D 325 16.70 -19.21 62.93
C ASN D 325 15.51 -19.79 63.70
N ARG D 326 14.96 -20.93 63.25
CA ARG D 326 13.88 -21.67 63.93
C ARG D 326 14.43 -22.95 64.59
N ASP D 327 15.74 -23.11 64.70
CA ASP D 327 16.39 -24.34 65.25
C ASP D 327 16.05 -24.44 66.75
N GLU D 328 15.40 -25.53 67.16
CA GLU D 328 14.75 -25.62 68.51
CA GLU D 328 14.75 -25.68 68.48
C GLU D 328 15.80 -25.96 69.55
N GLU D 329 17.02 -26.33 69.13
CA GLU D 329 18.17 -26.58 70.03
C GLU D 329 18.88 -25.28 70.41
N VAL D 330 18.58 -24.15 69.76
CA VAL D 330 19.25 -22.84 70.07
C VAL D 330 18.23 -21.81 70.58
N PHE D 331 17.01 -21.76 70.07
CA PHE D 331 15.95 -20.86 70.59
C PHE D 331 14.84 -21.71 71.22
N ASP D 332 14.43 -21.40 72.44
CA ASP D 332 13.24 -22.03 73.09
CA ASP D 332 13.24 -22.03 73.09
C ASP D 332 11.99 -21.51 72.36
N HIS D 333 10.94 -22.35 72.24
CA HIS D 333 9.65 -22.03 71.57
C HIS D 333 9.93 -21.27 70.26
N ALA D 334 10.76 -21.89 69.42
CA ALA D 334 11.34 -21.30 68.19
C ALA D 334 10.27 -20.82 67.18
N ASP D 335 9.02 -21.26 67.21
CA ASP D 335 7.97 -20.74 66.27
CA ASP D 335 7.97 -20.77 66.29
C ASP D 335 7.10 -19.71 67.01
N GLU D 336 7.56 -19.16 68.13
CA GLU D 336 6.75 -18.12 68.80
CA GLU D 336 6.80 -18.14 68.89
C GLU D 336 7.56 -16.81 68.80
N LEU D 337 6.86 -15.72 68.51
CA LEU D 337 7.46 -14.36 68.46
C LEU D 337 7.50 -13.86 69.91
N ASP D 338 8.66 -13.97 70.57
CA ASP D 338 8.84 -13.56 71.99
C ASP D 338 9.85 -12.41 72.01
N PHE D 339 9.38 -11.17 72.20
CA PHE D 339 10.23 -9.96 72.23
C PHE D 339 11.03 -9.90 73.53
N HIS D 340 10.63 -10.68 74.54
CA HIS D 340 11.28 -10.73 75.88
C HIS D 340 12.38 -11.79 75.97
N ARG D 341 12.50 -12.66 74.96
CA ARG D 341 13.42 -13.83 74.99
C ARG D 341 14.84 -13.36 75.28
N GLU D 342 15.48 -13.97 76.28
CA GLU D 342 16.74 -13.47 76.89
CA GLU D 342 16.74 -13.50 76.90
C GLU D 342 17.88 -13.55 75.86
N ARG D 343 17.92 -14.63 75.08
CA ARG D 343 19.02 -14.98 74.13
CA ARG D 343 19.03 -14.90 74.12
C ARG D 343 18.46 -15.03 72.69
N ASN D 344 19.14 -14.36 71.75
CA ASN D 344 18.70 -14.26 70.33
C ASN D 344 19.91 -14.18 69.39
N PRO D 345 20.75 -15.24 69.33
CA PRO D 345 21.91 -15.28 68.43
C PRO D 345 21.56 -15.66 66.98
N HIS D 346 20.63 -14.93 66.32
CA HIS D 346 20.08 -15.29 64.99
C HIS D 346 21.12 -15.03 63.91
N ILE D 347 20.97 -15.59 62.70
CA ILE D 347 21.90 -15.30 61.57
C ILE D 347 21.09 -14.63 60.44
N ALA D 348 20.15 -13.76 60.79
CA ALA D 348 19.34 -12.94 59.85
C ALA D 348 20.28 -12.13 58.96
N PHE D 349 21.51 -11.86 59.43
CA PHE D 349 22.58 -11.10 58.72
C PHE D 349 23.71 -12.03 58.24
N GLY D 350 23.44 -13.33 58.18
CA GLY D 350 24.52 -14.25 57.82
C GLY D 350 25.49 -14.44 58.98
N HIS D 351 26.75 -14.74 58.65
CA HIS D 351 27.78 -15.31 59.54
CA HIS D 351 27.82 -15.17 59.56
C HIS D 351 29.11 -15.39 58.78
N GLY D 352 30.23 -15.29 59.45
CA GLY D 352 31.51 -15.55 58.78
C GLY D 352 31.89 -14.38 57.91
N ALA D 353 32.72 -14.62 56.90
CA ALA D 353 33.38 -13.52 56.17
C ALA D 353 32.29 -12.63 55.54
N HIS D 354 31.21 -13.19 54.99
CA HIS D 354 30.18 -12.43 54.24
CA HIS D 354 30.21 -12.37 54.24
C HIS D 354 29.12 -11.83 55.17
N HIS D 355 29.27 -11.99 56.49
CA HIS D 355 28.33 -11.35 57.44
C HIS D 355 27.86 -9.98 56.88
N CYS D 356 26.57 -9.69 56.85
CA CYS D 356 25.98 -8.44 56.25
C CYS D 356 26.78 -7.22 56.67
N ILE D 357 27.45 -6.55 55.73
CA ILE D 357 28.20 -5.33 56.05
C ILE D 357 27.23 -4.21 56.47
N GLY D 358 25.97 -4.22 56.08
CA GLY D 358 25.02 -3.14 56.44
C GLY D 358 24.12 -3.52 57.60
N ALA D 359 24.49 -4.53 58.37
CA ALA D 359 23.68 -5.04 59.47
C ALA D 359 23.41 -3.88 60.43
N GLN D 360 24.41 -3.07 60.76
CA GLN D 360 24.14 -1.95 61.74
C GLN D 360 23.21 -0.88 61.11
N LEU D 361 23.34 -0.57 59.83
CA LEU D 361 22.44 0.41 59.14
C LEU D 361 21.02 -0.16 59.05
N GLY D 362 20.92 -1.43 58.73
CA GLY D 362 19.61 -2.08 58.67
C GLY D 362 18.96 -1.99 60.02
N ARG D 363 19.70 -2.30 61.11
CA ARG D 363 19.15 -2.24 62.49
C ARG D 363 18.67 -0.79 62.79
N LEU D 364 19.42 0.22 62.42
CA LEU D 364 19.07 1.65 62.69
C LEU D 364 17.74 1.99 61.98
N GLU D 365 17.59 1.63 60.71
CA GLU D 365 16.43 2.01 59.87
C GLU D 365 15.19 1.35 60.47
N LEU D 366 15.30 0.06 60.81
CA LEU D 366 14.10 -0.69 61.28
C LEU D 366 13.74 -0.13 62.66
N GLN D 367 14.72 0.14 63.48
CA GLN D 367 14.53 0.73 64.82
C GLN D 367 13.74 2.04 64.67
N GLU D 368 14.24 2.95 63.83
CA GLU D 368 13.76 4.35 63.82
C GLU D 368 12.37 4.41 63.16
N ALA D 369 12.11 3.52 62.19
CA ALA D 369 10.83 3.40 61.48
C ALA D 369 9.79 2.89 62.45
N LEU D 370 10.05 1.77 63.12
CA LEU D 370 9.06 1.11 64.00
C LEU D 370 8.85 1.95 65.26
N SER D 371 9.92 2.42 65.87
CA SER D 371 9.80 3.23 67.11
C SER D 371 8.88 4.44 66.81
N ALA D 372 9.08 5.14 65.69
CA ALA D 372 8.36 6.41 65.40
C ALA D 372 6.86 6.10 65.21
N LEU D 373 6.55 4.96 64.58
CA LEU D 373 5.18 4.47 64.30
C LEU D 373 4.41 4.17 65.59
N VAL D 374 5.06 3.40 66.43
CA VAL D 374 4.42 2.84 67.64
C VAL D 374 4.19 4.03 68.60
N ARG D 375 5.00 5.08 68.52
CA ARG D 375 4.97 6.21 69.47
C ARG D 375 3.90 7.24 69.05
N ARG D 376 3.58 7.27 67.75
CA ARG D 376 2.86 8.38 67.06
C ARG D 376 1.51 7.89 66.48
N PHE D 377 1.35 6.58 66.21
CA PHE D 377 0.11 5.97 65.67
C PHE D 377 -0.24 4.77 66.56
N PRO D 378 -0.60 4.95 67.85
CA PRO D 378 -1.06 3.81 68.63
C PRO D 378 -2.21 3.08 67.90
N THR D 379 -2.98 3.82 67.09
CA THR D 379 -4.21 3.29 66.45
C THR D 379 -3.87 2.58 65.14
N LEU D 380 -2.60 2.35 64.82
CA LEU D 380 -2.18 1.86 63.47
C LEU D 380 -2.78 0.48 63.25
N ASP D 381 -3.35 0.23 62.08
CA ASP D 381 -3.95 -1.09 61.77
C ASP D 381 -3.95 -1.31 60.26
N LEU D 382 -4.06 -2.56 59.86
CA LEU D 382 -4.13 -2.90 58.44
C LEU D 382 -5.50 -2.43 57.93
N ALA D 383 -5.56 -1.85 56.74
CA ALA D 383 -6.79 -1.29 56.13
C ALA D 383 -6.92 -1.81 54.69
N GLU D 384 -6.60 -3.08 54.48
CA GLU D 384 -6.90 -3.87 53.25
C GLU D 384 -6.95 -5.33 53.67
N PRO D 385 -7.64 -6.19 52.89
CA PRO D 385 -7.88 -7.56 53.33
C PRO D 385 -6.54 -8.29 53.31
N VAL D 386 -6.21 -8.97 54.41
CA VAL D 386 -5.05 -9.91 54.52
C VAL D 386 -5.06 -10.86 53.32
N ALA D 387 -6.24 -11.25 52.86
CA ALA D 387 -6.39 -12.30 51.83
C ALA D 387 -5.70 -11.83 50.54
N GLY D 388 -5.76 -10.54 50.21
CA GLY D 388 -5.30 -10.01 48.91
C GLY D 388 -4.04 -9.19 49.03
N LEU D 389 -3.27 -9.35 50.10
CA LEU D 389 -1.96 -8.66 50.25
C LEU D 389 -1.11 -9.01 49.02
N LYS D 390 -0.49 -8.01 48.40
CA LYS D 390 0.32 -8.19 47.17
CA LYS D 390 0.30 -8.27 47.17
C LYS D 390 1.77 -8.48 47.56
N TRP D 391 2.12 -9.74 47.86
CA TRP D 391 3.50 -10.22 48.11
C TRP D 391 4.28 -10.24 46.79
N LYS D 392 5.46 -9.62 46.73
CA LYS D 392 6.38 -9.75 45.56
C LYS D 392 6.65 -11.26 45.28
N GLN D 393 6.66 -11.63 44.00
CA GLN D 393 6.66 -12.99 43.41
CA GLN D 393 6.83 -13.04 43.61
C GLN D 393 7.91 -13.12 42.53
N GLY D 394 8.59 -14.25 42.54
CA GLY D 394 9.67 -14.55 41.58
C GLY D 394 10.90 -13.72 41.81
N MET D 395 11.09 -13.25 43.06
CA MET D 395 12.38 -12.64 43.51
C MET D 395 13.03 -13.53 44.59
N LEU D 396 14.33 -13.41 44.73
CA LEU D 396 15.17 -14.09 45.76
C LEU D 396 14.85 -13.55 47.17
N ILE D 397 14.17 -12.40 47.27
CA ILE D 397 13.71 -11.95 48.61
C ILE D 397 12.18 -11.75 48.67
N ARG D 398 11.61 -11.63 49.88
CA ARG D 398 10.15 -11.47 50.11
C ARG D 398 9.83 -10.08 50.66
N GLY D 399 8.59 -9.63 50.44
CA GLY D 399 8.00 -8.40 50.99
C GLY D 399 6.71 -8.00 50.27
N LEU D 400 6.05 -6.96 50.78
CA LEU D 400 4.72 -6.51 50.30
C LEU D 400 4.95 -5.51 49.18
N GLU D 401 4.06 -5.43 48.19
CA GLU D 401 4.18 -4.44 47.10
C GLU D 401 3.45 -3.18 47.52
N ARG D 402 2.53 -3.34 48.46
CA ARG D 402 1.60 -2.33 48.98
C ARG D 402 1.13 -2.78 50.36
N GLN D 403 0.89 -1.80 51.25
CA GLN D 403 0.48 -2.11 52.64
C GLN D 403 -0.33 -0.95 53.17
N ILE D 404 -1.59 -0.89 52.75
CA ILE D 404 -2.57 0.17 53.13
CA ILE D 404 -2.55 0.18 53.13
C ILE D 404 -2.84 0.02 54.63
N VAL D 405 -2.65 1.11 55.38
CA VAL D 405 -2.91 1.17 56.85
C VAL D 405 -3.78 2.40 57.17
N SER D 406 -4.33 2.41 58.38
CA SER D 406 -5.18 3.48 58.94
C SER D 406 -4.77 3.82 60.39
N TRP D 407 -5.14 5.02 60.86
CA TRP D 407 -4.99 5.51 62.25
C TRP D 407 -6.05 6.55 62.61
N ALA E 11 59.04 9.80 4.78
CA ALA E 11 58.04 9.00 5.56
C ALA E 11 56.88 8.58 4.65
N ASP E 12 55.76 8.12 5.23
CA ASP E 12 54.45 7.89 4.57
C ASP E 12 53.43 8.91 5.10
N ALA E 13 52.18 8.81 4.61
CA ALA E 13 51.02 9.61 5.08
C ALA E 13 49.78 8.70 5.17
N VAL E 14 48.91 9.05 6.11
CA VAL E 14 47.84 8.18 6.69
CA VAL E 14 47.86 8.17 6.68
C VAL E 14 46.87 7.79 5.58
N PRO E 15 46.43 6.50 5.48
CA PRO E 15 45.42 6.08 4.50
C PRO E 15 43.94 6.47 4.79
N ALA E 16 43.22 6.78 3.71
CA ALA E 16 41.77 7.10 3.72
C ALA E 16 40.99 5.83 4.07
N TYR E 17 40.17 5.94 5.11
CA TYR E 17 39.10 4.99 5.47
C TYR E 17 37.79 5.75 5.21
N PRO E 18 36.79 5.20 4.49
CA PRO E 18 36.80 3.83 3.95
C PRO E 18 37.86 3.51 2.88
N PHE E 19 38.34 2.25 2.86
CA PHE E 19 39.48 1.75 2.02
C PHE E 19 39.05 1.61 0.57
N SER E 20 37.75 1.53 0.28
CA SER E 20 37.20 1.31 -1.09
C SER E 20 35.68 1.52 -1.16
N LEU E 21 35.19 1.84 -2.35
CA LEU E 21 33.79 1.57 -2.74
C LEU E 21 33.44 0.14 -2.31
N PRO E 22 32.39 -0.04 -1.45
CA PRO E 22 31.91 -1.38 -1.09
C PRO E 22 31.22 -2.15 -2.25
N HIS E 23 31.41 -3.47 -2.27
CA HIS E 23 30.84 -4.38 -3.31
C HIS E 23 30.07 -5.54 -2.62
N ALA E 24 28.75 -5.63 -2.86
CA ALA E 24 27.86 -6.64 -2.24
C ALA E 24 28.07 -6.67 -0.72
N LEU E 25 28.23 -7.85 -0.14
CA LEU E 25 28.54 -8.01 1.30
C LEU E 25 30.03 -8.34 1.49
N ASP E 26 30.90 -8.06 0.50
CA ASP E 26 32.35 -8.45 0.60
C ASP E 26 33.14 -7.49 1.47
N LEU E 27 34.18 -8.02 2.13
CA LEU E 27 35.09 -7.25 3.03
C LEU E 27 36.35 -6.93 2.25
N ASP E 28 36.77 -5.66 2.22
CA ASP E 28 38.04 -5.21 1.61
C ASP E 28 39.12 -6.13 2.19
N PRO E 29 39.90 -6.84 1.35
CA PRO E 29 40.81 -7.88 1.87
C PRO E 29 41.85 -7.28 2.84
N HIS E 30 42.16 -6.00 2.67
CA HIS E 30 42.98 -5.16 3.58
C HIS E 30 42.70 -5.48 5.07
N TYR E 31 41.46 -5.78 5.49
CA TYR E 31 41.10 -5.83 6.94
C TYR E 31 41.83 -6.99 7.61
N ALA E 32 41.86 -8.15 6.96
CA ALA E 32 42.57 -9.36 7.45
C ALA E 32 44.06 -9.02 7.63
N GLU E 33 44.66 -8.38 6.61
CA GLU E 33 46.10 -7.98 6.61
C GLU E 33 46.35 -7.15 7.87
N LEU E 34 45.49 -6.18 8.13
CA LEU E 34 45.62 -5.22 9.26
CA LEU E 34 45.58 -5.22 9.26
C LEU E 34 45.40 -5.96 10.59
N ARG E 35 44.54 -6.99 10.60
CA ARG E 35 44.26 -7.81 11.82
CA ARG E 35 44.27 -7.80 11.82
C ARG E 35 45.51 -8.64 12.14
N ARG E 36 46.05 -9.29 11.11
CA ARG E 36 47.33 -10.06 11.16
CA ARG E 36 47.32 -10.06 11.22
C ARG E 36 48.47 -9.12 11.59
N ASP E 37 48.70 -8.06 10.78
CA ASP E 37 49.94 -7.22 10.78
C ASP E 37 49.82 -5.93 11.62
N GLU E 38 48.63 -5.34 11.80
CA GLU E 38 48.49 -4.04 12.55
C GLU E 38 47.07 -3.85 13.07
N PRO E 39 46.68 -4.58 14.15
CA PRO E 39 45.33 -4.54 14.70
C PRO E 39 44.69 -3.13 14.88
N VAL E 40 45.52 -2.17 15.33
CA VAL E 40 45.16 -0.76 15.62
C VAL E 40 46.09 0.16 14.82
N SER E 41 45.56 0.77 13.75
CA SER E 41 46.29 1.55 12.72
C SER E 41 45.66 2.94 12.53
N ARG E 42 46.46 3.91 12.07
CA ARG E 42 45.99 5.30 11.79
C ARG E 42 45.17 5.29 10.50
N VAL E 43 44.01 5.99 10.50
CA VAL E 43 43.23 6.31 9.26
C VAL E 43 42.85 7.80 9.25
N ARG E 44 42.44 8.25 8.07
CA ARG E 44 41.81 9.57 7.89
CA ARG E 44 41.83 9.58 7.82
C ARG E 44 40.35 9.32 7.48
N LEU E 45 39.44 9.75 8.33
CA LEU E 45 37.98 9.61 8.08
C LEU E 45 37.61 10.70 7.07
N PRO E 46 36.46 10.57 6.37
CA PRO E 46 36.05 11.57 5.37
C PRO E 46 35.67 12.97 5.88
N TYR E 47 35.52 13.15 7.20
CA TYR E 47 35.01 14.43 7.78
C TYR E 47 35.68 14.63 9.15
N GLY E 48 35.72 15.90 9.61
CA GLY E 48 36.43 16.32 10.83
C GLY E 48 37.93 16.37 10.57
N GLU E 49 38.70 16.90 11.52
CA GLU E 49 40.14 17.24 11.34
C GLU E 49 40.98 16.07 11.85
N GLY E 50 42.24 15.98 11.40
CA GLY E 50 43.24 15.08 11.96
C GLY E 50 42.97 13.63 11.58
N THR E 51 43.48 12.71 12.40
CA THR E 51 43.49 11.24 12.17
C THR E 51 42.86 10.51 13.35
N ALA E 52 42.48 9.24 13.13
CA ALA E 52 41.83 8.35 14.13
C ALA E 52 42.44 6.96 14.09
N TRP E 53 42.20 6.18 15.15
CA TRP E 53 42.55 4.73 15.22
C TRP E 53 41.40 3.95 14.59
N LEU E 54 41.70 3.10 13.61
CA LEU E 54 40.83 1.95 13.23
C LEU E 54 41.23 0.75 14.12
N VAL E 55 40.32 0.21 14.95
CA VAL E 55 40.57 -1.10 15.61
C VAL E 55 39.85 -2.14 14.76
N THR E 56 40.47 -3.32 14.59
CA THR E 56 40.08 -4.36 13.59
C THR E 56 39.79 -5.72 14.23
N ARG E 57 40.02 -5.91 15.52
CA ARG E 57 39.95 -7.24 16.18
C ARG E 57 39.00 -7.21 17.36
N MET E 58 38.46 -8.38 17.75
CA MET E 58 37.36 -8.53 18.74
C MET E 58 37.79 -7.88 20.05
N SER E 59 39.04 -8.14 20.44
CA SER E 59 39.57 -7.75 21.77
C SER E 59 39.66 -6.23 21.91
N ASP E 60 40.19 -5.57 20.89
CA ASP E 60 40.40 -4.09 20.87
C ASP E 60 39.02 -3.39 20.86
N ALA E 61 38.10 -3.92 20.05
CA ALA E 61 36.71 -3.41 19.88
C ALA E 61 35.94 -3.48 21.22
N ARG E 62 35.96 -4.63 21.93
CA ARG E 62 35.20 -4.75 23.21
C ARG E 62 35.73 -3.73 24.23
N ILE E 63 36.98 -3.27 24.10
CA ILE E 63 37.56 -2.30 25.08
C ILE E 63 37.02 -0.92 24.73
N VAL E 64 37.21 -0.52 23.47
CA VAL E 64 36.73 0.80 22.92
C VAL E 64 35.22 0.99 23.18
N LEU E 65 34.40 -0.01 22.87
CA LEU E 65 32.92 0.03 22.98
C LEU E 65 32.44 -0.20 24.43
N GLY E 66 33.28 -0.76 25.30
CA GLY E 66 32.90 -1.31 26.62
C GLY E 66 33.38 -0.47 27.78
N ASP E 67 34.63 0.01 27.69
CA ASP E 67 35.36 0.76 28.74
C ASP E 67 34.90 2.23 28.85
N SER E 68 34.43 2.67 30.03
CA SER E 68 33.91 4.03 30.29
C SER E 68 35.05 5.06 30.20
N ARG E 69 36.25 4.64 29.80
CA ARG E 69 37.39 5.56 29.53
C ARG E 69 37.26 6.16 28.13
N PHE E 70 36.39 5.57 27.29
CA PHE E 70 35.94 6.07 25.96
C PHE E 70 34.56 6.74 26.11
N SER E 71 34.42 7.95 25.53
CA SER E 71 33.16 8.76 25.52
C SER E 71 32.69 8.94 24.07
N THR E 72 31.40 8.78 23.82
CA THR E 72 30.75 9.18 22.54
C THR E 72 30.43 10.69 22.55
N ALA E 73 30.07 11.24 23.71
CA ALA E 73 29.74 12.69 23.88
C ALA E 73 30.92 13.56 23.38
N ALA E 74 32.16 13.12 23.65
CA ALA E 74 33.40 13.83 23.27
C ALA E 74 33.45 14.01 21.75
N ALA E 75 32.93 13.06 20.97
CA ALA E 75 32.91 13.10 19.49
C ALA E 75 31.91 14.12 18.91
N THR E 76 31.14 14.87 19.70
CA THR E 76 30.14 15.84 19.17
C THR E 76 30.86 17.05 18.57
N ASP E 77 32.09 17.30 19.02
CA ASP E 77 32.99 18.32 18.45
C ASP E 77 33.10 18.12 16.92
N PRO E 78 32.88 19.17 16.07
CA PRO E 78 33.07 19.04 14.63
C PRO E 78 34.49 18.65 14.20
N ALA E 79 35.47 18.96 15.04
CA ALA E 79 36.90 18.62 14.79
C ALA E 79 37.04 17.09 14.76
N THR E 80 36.26 16.38 15.59
CA THR E 80 36.55 14.95 15.80
C THR E 80 36.18 14.24 14.50
N PRO E 81 37.13 13.39 13.99
CA PRO E 81 36.85 12.52 12.86
C PRO E 81 35.48 11.85 13.00
N ARG E 82 34.89 11.55 11.85
CA ARG E 82 33.56 10.93 11.75
C ARG E 82 33.45 10.41 10.31
N MET E 83 32.61 9.39 10.13
CA MET E 83 32.36 8.69 8.84
C MET E 83 31.37 9.49 8.00
N PHE E 84 30.80 10.56 8.54
CA PHE E 84 29.59 11.18 7.97
C PHE E 84 29.65 12.72 7.99
N PRO E 85 28.94 13.39 7.05
CA PRO E 85 29.19 14.79 6.75
C PRO E 85 28.81 15.72 7.92
N THR E 86 27.71 15.49 8.60
CA THR E 86 27.24 16.43 9.63
C THR E 86 27.86 16.02 10.96
N PRO E 87 28.45 16.97 11.70
CA PRO E 87 28.82 16.74 13.10
C PRO E 87 27.72 16.00 13.88
N PRO E 88 28.06 15.06 14.77
CA PRO E 88 27.04 14.34 15.54
C PRO E 88 26.00 15.17 16.30
N GLU E 89 24.70 14.92 16.05
CA GLU E 89 23.61 15.59 16.81
C GLU E 89 23.77 15.31 18.32
N PRO E 90 24.04 16.36 19.11
CA PRO E 90 24.29 16.20 20.55
C PRO E 90 23.16 15.58 21.40
N ASP E 91 21.90 15.64 20.98
CA ASP E 91 20.77 15.02 21.73
C ASP E 91 20.63 13.52 21.38
N GLY E 92 21.41 13.01 20.42
CA GLY E 92 21.28 11.62 19.93
C GLY E 92 21.74 10.66 21.00
N VAL E 93 21.05 9.53 21.17
CA VAL E 93 21.43 8.46 22.15
CA VAL E 93 21.45 8.52 22.20
C VAL E 93 22.90 8.10 21.95
N LEU E 94 23.33 7.99 20.70
CA LEU E 94 24.73 7.55 20.42
C LEU E 94 25.73 8.53 21.06
N ALA E 95 25.37 9.83 21.17
CA ALA E 95 26.28 10.92 21.61
C ALA E 95 26.18 11.16 23.12
N GLN E 96 25.49 10.30 23.87
CA GLN E 96 25.36 10.41 25.34
C GLN E 96 26.32 9.41 26.00
N ASP E 97 26.92 9.79 27.13
CA ASP E 97 27.64 8.84 28.01
C ASP E 97 26.75 8.49 29.18
N PRO E 98 27.02 7.36 29.85
CA PRO E 98 26.40 7.08 31.14
C PRO E 98 26.90 8.10 32.15
N PRO E 99 26.06 8.53 33.12
CA PRO E 99 24.72 7.99 33.30
C PRO E 99 23.55 8.61 32.51
N ASP E 100 23.78 9.71 31.78
CA ASP E 100 22.64 10.38 31.11
C ASP E 100 22.13 9.38 30.08
N HIS E 101 23.08 8.78 29.36
CA HIS E 101 22.82 7.72 28.37
CA HIS E 101 22.79 7.74 28.36
C HIS E 101 21.79 6.75 28.95
N THR E 102 22.11 6.24 30.13
CA THR E 102 21.36 5.16 30.81
C THR E 102 19.94 5.67 31.07
N ARG E 103 19.83 6.91 31.57
CA ARG E 103 18.54 7.56 31.97
C ARG E 103 17.73 7.78 30.67
N LEU E 104 18.44 8.08 29.58
CA LEU E 104 17.82 8.28 28.24
C LEU E 104 17.30 6.95 27.71
N ARG E 105 18.07 5.87 27.88
CA ARG E 105 17.65 4.51 27.40
C ARG E 105 16.47 4.03 28.23
N ARG E 106 16.37 4.47 29.48
CA ARG E 106 15.33 4.05 30.45
C ARG E 106 13.94 4.54 30.02
N LEU E 107 13.84 5.60 29.21
CA LEU E 107 12.53 6.14 28.74
C LEU E 107 11.79 5.04 27.97
N VAL E 108 12.57 4.14 27.36
CA VAL E 108 12.20 3.23 26.24
C VAL E 108 12.54 1.75 26.54
N GLY E 109 13.43 1.49 27.50
CA GLY E 109 14.05 0.17 27.76
C GLY E 109 13.05 -0.96 28.03
N LYS E 110 11.96 -0.67 28.76
CA LYS E 110 10.93 -1.67 29.13
C LYS E 110 10.39 -2.37 27.88
N ALA E 111 10.18 -1.61 26.79
CA ALA E 111 9.55 -2.05 25.53
C ALA E 111 10.48 -2.96 24.74
N PHE E 112 11.78 -3.01 25.09
CA PHE E 112 12.82 -3.74 24.33
C PHE E 112 13.36 -4.94 25.14
N THR E 113 12.85 -5.23 26.33
CA THR E 113 13.33 -6.42 27.09
C THR E 113 12.98 -7.64 26.25
N ALA E 114 13.78 -8.69 26.31
CA ALA E 114 13.47 -9.95 25.59
C ALA E 114 12.02 -10.34 25.85
N ARG E 115 11.52 -10.21 27.08
CA ARG E 115 10.13 -10.66 27.43
C ARG E 115 9.10 -9.74 26.76
N ARG E 116 9.36 -8.44 26.62
CA ARG E 116 8.34 -7.54 25.99
C ARG E 116 8.36 -7.82 24.51
N VAL E 117 9.54 -8.02 23.92
CA VAL E 117 9.66 -8.29 22.47
C VAL E 117 8.89 -9.56 22.13
N GLU E 118 9.02 -10.63 22.93
CA GLU E 118 8.43 -11.96 22.63
C GLU E 118 6.91 -11.87 22.50
N GLU E 119 6.25 -11.07 23.37
CA GLU E 119 4.80 -10.73 23.32
C GLU E 119 4.45 -10.17 21.94
N MET E 120 5.39 -9.58 21.19
CA MET E 120 5.11 -9.01 19.85
CA MET E 120 5.15 -9.01 19.84
C MET E 120 5.06 -10.13 18.80
N ARG E 121 5.47 -11.36 19.11
CA ARG E 121 5.55 -12.39 18.03
C ARG E 121 4.21 -12.61 17.33
N PRO E 122 3.04 -12.79 18.03
CA PRO E 122 1.79 -12.99 17.32
C PRO E 122 1.60 -11.91 16.24
N ARG E 123 1.69 -10.63 16.58
CA ARG E 123 1.42 -9.50 15.63
C ARG E 123 2.46 -9.53 14.49
N VAL E 124 3.73 -9.74 14.83
CA VAL E 124 4.80 -9.79 13.82
C VAL E 124 4.55 -10.96 12.89
N ARG E 125 4.16 -12.11 13.43
CA ARG E 125 3.90 -13.31 12.61
C ARG E 125 2.72 -13.08 11.66
N SER E 126 1.64 -12.50 12.16
CA SER E 126 0.45 -12.24 11.32
C SER E 126 0.82 -11.23 10.22
N LEU E 127 1.68 -10.27 10.55
CA LEU E 127 2.12 -9.24 9.55
CA LEU E 127 2.10 -9.26 9.55
C LEU E 127 2.91 -9.90 8.40
N VAL E 128 3.89 -10.75 8.75
CA VAL E 128 4.77 -11.44 7.77
C VAL E 128 3.91 -12.31 6.86
N ASP E 129 2.86 -12.97 7.38
CA ASP E 129 2.01 -13.91 6.60
C ASP E 129 1.19 -13.10 5.59
N SER E 130 0.60 -11.99 6.03
CA SER E 130 -0.32 -11.17 5.22
C SER E 130 0.49 -10.47 4.11
N LEU E 131 1.75 -10.09 4.33
CA LEU E 131 2.63 -9.51 3.27
C LEU E 131 3.05 -10.61 2.28
N LEU E 132 3.30 -11.82 2.76
CA LEU E 132 3.68 -12.92 1.86
C LEU E 132 2.47 -13.29 0.97
N ASP E 133 1.27 -13.36 1.55
CA ASP E 133 -0.03 -13.55 0.83
C ASP E 133 -0.11 -12.58 -0.35
N ASP E 134 0.26 -11.32 -0.11
CA ASP E 134 0.26 -10.25 -1.14
C ASP E 134 1.22 -10.66 -2.25
N MET E 135 2.35 -11.25 -1.88
CA MET E 135 3.41 -11.60 -2.85
CA MET E 135 3.38 -11.58 -2.88
C MET E 135 2.91 -12.78 -3.70
N VAL E 136 2.12 -13.69 -3.09
CA VAL E 136 1.63 -14.87 -3.85
C VAL E 136 0.57 -14.39 -4.83
N ALA E 137 -0.32 -13.43 -4.44
CA ALA E 137 -1.38 -12.78 -5.25
C ALA E 137 -0.76 -12.11 -6.49
N HIS E 138 0.35 -11.42 -6.32
CA HIS E 138 1.18 -10.90 -7.44
CA HIS E 138 1.18 -10.90 -7.44
C HIS E 138 1.67 -12.09 -8.28
N GLY E 139 2.15 -13.13 -7.59
CA GLY E 139 2.65 -14.37 -8.19
C GLY E 139 4.09 -14.25 -8.63
N SER E 140 4.77 -15.38 -8.85
CA SER E 140 6.21 -15.50 -9.25
C SER E 140 6.40 -14.98 -10.67
N PRO E 141 7.57 -14.42 -11.05
CA PRO E 141 8.53 -13.77 -10.13
C PRO E 141 8.02 -12.49 -9.45
N ALA E 142 8.65 -12.09 -8.33
CA ALA E 142 8.28 -10.88 -7.53
C ALA E 142 9.45 -10.27 -6.76
N ASP E 143 9.40 -8.94 -6.58
CA ASP E 143 10.41 -8.17 -5.81
C ASP E 143 10.19 -8.44 -4.32
N LEU E 144 11.15 -9.09 -3.64
CA LEU E 144 11.04 -9.40 -2.19
C LEU E 144 11.17 -8.11 -1.36
N VAL E 145 11.94 -7.13 -1.83
CA VAL E 145 12.04 -5.78 -1.19
C VAL E 145 10.65 -5.11 -1.14
N GLU E 146 9.94 -5.05 -2.26
CA GLU E 146 8.62 -4.38 -2.36
C GLU E 146 7.64 -5.11 -1.44
N PHE E 147 7.64 -6.45 -1.43
CA PHE E 147 6.58 -7.26 -0.77
C PHE E 147 6.94 -7.64 0.65
N LEU E 148 8.20 -7.62 1.05
CA LEU E 148 8.56 -8.08 2.43
C LEU E 148 9.54 -7.10 3.09
N ALA E 149 10.74 -6.96 2.52
CA ALA E 149 11.89 -6.38 3.24
C ALA E 149 11.53 -4.93 3.68
N VAL E 150 10.85 -4.13 2.84
CA VAL E 150 10.46 -2.73 3.17
C VAL E 150 9.24 -2.74 4.07
N PRO E 151 8.07 -3.22 3.64
CA PRO E 151 6.85 -3.03 4.44
C PRO E 151 6.83 -3.70 5.82
N PHE E 152 7.52 -4.82 6.00
CA PHE E 152 7.36 -5.62 7.25
C PHE E 152 7.96 -4.80 8.39
N PRO E 153 9.27 -4.47 8.39
CA PRO E 153 9.84 -3.70 9.49
C PRO E 153 9.22 -2.28 9.62
N VAL E 154 9.02 -1.56 8.51
CA VAL E 154 8.51 -0.16 8.69
C VAL E 154 7.17 -0.28 9.41
N ALA E 155 6.36 -1.28 9.07
CA ALA E 155 5.04 -1.50 9.72
C ALA E 155 5.23 -1.82 11.19
N VAL E 156 6.14 -2.72 11.53
CA VAL E 156 6.38 -3.10 12.96
C VAL E 156 6.73 -1.85 13.79
N ILE E 157 7.70 -1.07 13.36
CA ILE E 157 8.23 0.03 14.18
C ILE E 157 7.19 1.18 14.26
N CYS E 158 6.39 1.43 13.21
CA CYS E 158 5.26 2.40 13.24
C CYS E 158 4.20 1.94 14.26
N GLU E 159 3.87 0.64 14.32
CA GLU E 159 2.87 0.14 15.32
C GLU E 159 3.44 0.31 16.74
N LEU E 160 4.76 0.14 16.94
CA LEU E 160 5.39 0.17 18.30
C LEU E 160 5.41 1.61 18.80
N LEU E 161 5.96 2.52 18.00
CA LEU E 161 6.05 3.99 18.28
C LEU E 161 4.64 4.63 18.30
N GLY E 162 3.78 4.35 17.34
CA GLY E 162 2.51 5.06 17.08
C GLY E 162 2.65 6.14 16.00
N VAL E 163 3.65 5.98 15.14
CA VAL E 163 3.93 6.84 13.95
C VAL E 163 2.93 6.43 12.89
N PRO E 164 2.27 7.39 12.17
CA PRO E 164 1.36 7.03 11.10
C PRO E 164 2.14 6.39 9.93
N LEU E 165 1.55 5.35 9.37
CA LEU E 165 2.16 4.57 8.29
C LEU E 165 2.04 5.35 6.97
N GLU E 166 1.09 6.28 6.85
CA GLU E 166 0.93 7.10 5.62
C GLU E 166 2.06 8.15 5.44
N ASP E 167 2.92 8.35 6.44
CA ASP E 167 4.08 9.26 6.39
C ASP E 167 5.40 8.57 5.96
N ARG E 168 5.37 7.27 5.58
CA ARG E 168 6.51 6.50 4.99
CA ARG E 168 6.47 6.49 4.94
C ARG E 168 7.35 7.41 4.10
N ASP E 169 6.69 8.14 3.21
CA ASP E 169 7.42 8.96 2.23
C ASP E 169 8.38 9.90 2.94
N LEU E 170 7.89 10.63 3.94
CA LEU E 170 8.74 11.63 4.61
C LEU E 170 9.80 10.95 5.48
N PHE E 171 9.43 10.03 6.37
CA PHE E 171 10.43 9.45 7.29
C PHE E 171 11.45 8.59 6.57
N ARG E 172 11.03 7.79 5.59
CA ARG E 172 11.99 6.97 4.82
C ARG E 172 12.93 7.89 4.06
N THR E 173 12.42 8.97 3.45
CA THR E 173 13.33 9.90 2.74
C THR E 173 14.29 10.54 3.75
N PHE E 174 13.78 10.93 4.92
CA PHE E 174 14.60 11.55 5.98
C PHE E 174 15.63 10.55 6.52
N SER E 175 15.17 9.33 6.78
CA SER E 175 16.01 8.21 7.31
C SER E 175 17.13 7.86 6.33
N ASP E 176 16.85 7.73 5.02
CA ASP E 176 17.93 7.41 4.01
C ASP E 176 18.96 8.57 3.93
N ALA E 177 18.50 9.84 3.90
CA ALA E 177 19.36 11.04 3.96
C ALA E 177 20.28 11.00 5.16
N MET E 178 19.72 10.74 6.33
CA MET E 178 20.47 10.87 7.58
C MET E 178 21.49 9.71 7.70
N LEU E 179 21.38 8.64 6.92
CA LEU E 179 22.35 7.51 6.89
C LEU E 179 23.28 7.63 5.67
N SER E 180 23.44 8.82 5.14
CA SER E 180 24.29 9.11 3.95
C SER E 180 25.75 9.15 4.35
N SER E 181 26.60 8.52 3.55
CA SER E 181 28.07 8.62 3.71
C SER E 181 28.54 9.73 2.77
N THR E 182 28.14 9.66 1.49
CA THR E 182 28.68 10.49 0.37
C THR E 182 27.60 10.97 -0.61
N ARG E 183 26.32 10.81 -0.30
CA ARG E 183 25.24 11.21 -1.24
C ARG E 183 24.98 12.70 -1.11
N LEU E 184 25.06 13.22 0.10
CA LEU E 184 24.48 14.54 0.47
C LEU E 184 25.56 15.36 1.17
N THR E 185 25.52 16.70 1.04
CA THR E 185 26.40 17.63 1.82
C THR E 185 25.88 17.73 3.26
N ALA E 186 26.67 18.24 4.20
CA ALA E 186 26.23 18.42 5.59
C ALA E 186 25.01 19.36 5.64
N ALA E 187 24.96 20.39 4.77
CA ALA E 187 23.87 21.38 4.81
C ALA E 187 22.59 20.61 4.50
N GLU E 188 22.65 19.76 3.48
CA GLU E 188 21.47 18.98 3.03
C GLU E 188 20.98 18.08 4.17
N ILE E 189 21.87 17.40 4.88
CA ILE E 189 21.46 16.43 5.92
C ILE E 189 20.84 17.22 7.10
N GLN E 190 21.43 18.38 7.46
CA GLN E 190 20.96 19.15 8.64
C GLN E 190 19.53 19.61 8.42
N ARG E 191 19.21 20.04 7.21
CA ARG E 191 17.85 20.50 6.83
C ARG E 191 16.90 19.31 7.06
N VAL E 192 17.37 18.08 6.79
CA VAL E 192 16.60 16.83 7.05
C VAL E 192 16.52 16.58 8.55
N GLN E 193 17.65 16.55 9.27
CA GLN E 193 17.58 16.41 10.75
C GLN E 193 16.49 17.36 11.31
N GLN E 194 16.45 18.62 10.87
CA GLN E 194 15.54 19.67 11.41
CA GLN E 194 15.55 19.59 11.53
C GLN E 194 14.11 19.21 11.13
N ASP E 195 13.87 18.81 9.87
CA ASP E 195 12.50 18.44 9.44
C ASP E 195 12.07 17.22 10.27
N PHE E 196 12.99 16.33 10.61
CA PHE E 196 12.64 15.06 11.28
C PHE E 196 12.24 15.41 12.74
N MET E 197 13.11 16.17 13.40
CA MET E 197 12.86 16.71 14.76
C MET E 197 11.50 17.43 14.83
N VAL E 198 11.13 18.23 13.83
CA VAL E 198 9.82 18.94 13.90
C VAL E 198 8.67 17.96 13.73
N TYR E 199 8.74 17.05 12.75
CA TYR E 199 7.76 15.96 12.55
C TYR E 199 7.54 15.26 13.90
N MET E 200 8.63 14.75 14.51
CA MET E 200 8.62 13.85 15.69
C MET E 200 8.07 14.62 16.89
N ASP E 201 8.45 15.91 17.06
CA ASP E 201 8.01 16.71 18.24
C ASP E 201 6.49 16.80 18.17
N GLY E 202 5.94 16.95 16.98
CA GLY E 202 4.47 17.04 16.84
C GLY E 202 3.78 15.74 17.27
N LEU E 203 4.35 14.60 16.84
CA LEU E 203 3.92 13.22 17.23
C LEU E 203 4.01 13.09 18.74
N VAL E 204 5.10 13.54 19.36
CA VAL E 204 5.24 13.44 20.85
C VAL E 204 4.23 14.36 21.58
N ALA E 205 4.11 15.64 21.22
CA ALA E 205 3.40 16.67 22.02
C ALA E 205 1.87 16.52 21.88
N GLN E 206 1.39 15.86 20.82
CA GLN E 206 -0.07 15.64 20.63
C GLN E 206 -0.59 14.60 21.65
N ARG E 207 0.30 13.92 22.40
CA ARG E 207 -0.02 12.78 23.31
C ARG E 207 -0.02 13.19 24.79
N ARG E 208 0.28 14.47 25.07
CA ARG E 208 0.51 15.04 26.42
C ARG E 208 -0.80 15.08 27.24
N ASP E 209 -1.93 15.47 26.64
N ASP E 209 -1.92 15.44 26.59
CA ASP E 209 -3.29 15.50 27.29
CA ASP E 209 -3.29 15.58 27.17
C ASP E 209 -4.20 14.44 26.65
C ASP E 209 -4.19 14.45 26.65
N ALA E 210 -3.61 13.42 26.01
CA ALA E 210 -4.33 12.25 25.45
C ALA E 210 -3.41 11.02 25.47
N PRO E 211 -2.92 10.58 26.67
CA PRO E 211 -1.97 9.46 26.80
C PRO E 211 -2.31 8.20 25.99
N THR E 212 -1.27 7.51 25.46
CA THR E 212 -1.33 6.42 24.41
C THR E 212 -0.60 5.15 24.87
N GLU E 213 -1.07 3.98 24.40
CA GLU E 213 -0.34 2.68 24.51
C GLU E 213 0.71 2.65 23.39
N ASP E 214 1.85 3.30 23.61
CA ASP E 214 2.83 3.66 22.56
C ASP E 214 4.17 3.95 23.15
N LEU E 215 5.25 3.65 22.45
CA LEU E 215 6.53 4.20 22.92
C LEU E 215 6.45 5.73 22.92
N LEU E 216 5.90 6.36 21.88
CA LEU E 216 5.92 7.85 21.79
C LEU E 216 5.18 8.44 23.00
N GLY E 217 4.06 7.85 23.43
CA GLY E 217 3.40 8.16 24.72
C GLY E 217 4.38 8.23 25.89
N ALA E 218 5.24 7.20 26.04
CA ALA E 218 6.28 7.15 27.08
C ALA E 218 7.21 8.36 26.90
N LEU E 219 7.48 8.78 25.66
CA LEU E 219 8.31 10.00 25.42
C LEU E 219 7.52 11.27 25.87
N ALA E 220 6.22 11.35 25.56
CA ALA E 220 5.31 12.48 25.91
C ALA E 220 5.20 12.60 27.45
N LEU E 221 5.08 11.49 28.19
CA LEU E 221 5.18 11.49 29.68
C LEU E 221 6.52 12.10 30.11
N ALA E 222 7.65 11.72 29.50
CA ALA E 222 8.98 12.19 29.98
C ALA E 222 9.16 13.69 29.71
N THR E 223 8.44 14.25 28.72
CA THR E 223 8.55 15.69 28.33
CA THR E 223 8.58 15.69 28.34
C THR E 223 8.03 16.56 29.48
N ASP E 224 6.98 16.09 30.17
CA ASP E 224 6.34 16.66 31.39
C ASP E 224 7.23 16.49 32.63
N ASN E 225 7.67 15.25 32.93
CA ASN E 225 8.48 14.87 34.13
C ASN E 225 9.99 14.91 33.79
N ASP E 226 10.46 16.01 33.18
CA ASP E 226 11.86 16.16 32.71
C ASP E 226 12.74 16.63 33.88
N ASP E 227 13.87 15.94 34.06
N ASP E 227 13.92 16.03 34.05
CA ASP E 227 14.86 16.14 35.15
CA ASP E 227 14.91 16.45 35.09
C ASP E 227 16.23 16.43 34.53
C ASP E 227 16.23 16.80 34.41
N HIS E 228 17.00 15.38 34.23
N HIS E 228 17.10 15.81 34.19
CA HIS E 228 18.33 15.42 33.54
CA HIS E 228 18.39 15.94 33.45
C HIS E 228 18.14 15.56 32.02
C HIS E 228 18.14 15.69 31.94
N LEU E 229 16.91 15.31 31.53
CA LEU E 229 16.58 15.09 30.10
C LEU E 229 15.77 16.27 29.53
N THR E 230 16.35 16.94 28.53
CA THR E 230 15.73 18.01 27.71
C THR E 230 14.68 17.45 26.75
N LYS E 231 13.90 18.33 26.12
CA LYS E 231 12.81 17.93 25.20
C LYS E 231 13.47 17.31 23.97
N GLY E 232 14.60 17.91 23.57
CA GLY E 232 15.45 17.51 22.43
C GLY E 232 15.88 16.05 22.51
N GLU E 233 16.50 15.67 23.63
CA GLU E 233 17.04 14.31 23.89
C GLU E 233 15.89 13.34 23.74
N ILE E 234 14.79 13.68 24.40
CA ILE E 234 13.59 12.80 24.51
C ILE E 234 13.06 12.53 23.11
N VAL E 235 12.99 13.56 22.28
CA VAL E 235 12.34 13.49 20.93
C VAL E 235 13.35 12.91 19.93
N ASN E 236 14.64 13.19 20.10
CA ASN E 236 15.67 12.55 19.24
C ASN E 236 15.53 11.03 19.34
N MET E 237 15.26 10.52 20.52
CA MET E 237 15.13 9.07 20.74
CA MET E 237 15.13 9.06 20.74
C MET E 237 14.02 8.53 19.82
N GLY E 238 12.91 9.27 19.71
CA GLY E 238 11.84 8.94 18.78
C GLY E 238 12.41 8.79 17.38
N VAL E 239 13.24 9.75 16.97
CA VAL E 239 13.87 9.74 15.63
C VAL E 239 14.79 8.52 15.52
N SER E 240 15.77 8.36 16.38
CA SER E 240 16.74 7.23 16.36
C SER E 240 16.02 5.87 16.22
N LEU E 241 14.99 5.62 17.03
CA LEU E 241 14.20 4.37 17.01
C LEU E 241 13.47 4.20 15.66
N LEU E 242 12.87 5.28 15.12
CA LEU E 242 12.17 5.22 13.82
C LEU E 242 13.21 4.89 12.75
N ILE E 243 14.38 5.54 12.81
CA ILE E 243 15.42 5.29 11.76
C ILE E 243 15.93 3.87 11.91
N ALA E 244 16.49 3.53 13.07
CA ALA E 244 17.17 2.24 13.28
C ALA E 244 16.16 1.12 13.07
N GLY E 245 14.94 1.33 13.53
CA GLY E 245 13.92 0.27 13.66
C GLY E 245 13.55 -0.32 12.31
N HIS E 246 13.69 0.48 11.26
CA HIS E 246 13.37 0.03 9.90
C HIS E 246 14.68 -0.17 9.12
N GLU E 247 15.58 0.81 9.11
CA GLU E 247 16.75 0.80 8.21
C GLU E 247 17.62 -0.44 8.45
N THR E 248 17.73 -0.95 9.69
CA THR E 248 18.54 -2.17 9.96
C THR E 248 17.85 -3.37 9.31
N SER E 249 16.65 -3.74 9.78
CA SER E 249 15.91 -4.97 9.42
C SER E 249 15.54 -4.98 7.92
N VAL E 250 15.11 -3.83 7.35
CA VAL E 250 14.90 -3.67 5.87
C VAL E 250 16.18 -4.13 5.14
N ASN E 251 17.37 -3.63 5.48
CA ASN E 251 18.61 -4.03 4.76
C ASN E 251 18.97 -5.50 5.06
N GLN E 252 18.82 -5.97 6.30
CA GLN E 252 19.32 -7.30 6.73
C GLN E 252 18.42 -8.40 6.19
N ILE E 253 17.13 -8.13 5.97
CA ILE E 253 16.27 -9.16 5.31
C ILE E 253 16.90 -9.47 3.96
N THR E 254 17.21 -8.45 3.17
CA THR E 254 17.80 -8.61 1.83
C THR E 254 19.18 -9.26 1.93
N ASN E 255 20.04 -8.80 2.85
CA ASN E 255 21.40 -9.35 3.11
C ASN E 255 21.28 -10.85 3.48
N LEU E 256 20.43 -11.28 4.42
CA LEU E 256 20.33 -12.71 4.80
C LEU E 256 19.76 -13.51 3.62
N VAL E 257 18.75 -13.00 2.93
CA VAL E 257 18.15 -13.79 1.82
C VAL E 257 19.23 -13.96 0.74
N HIS E 258 20.00 -12.91 0.44
CA HIS E 258 21.16 -12.93 -0.49
C HIS E 258 22.17 -14.06 -0.12
N LEU E 259 22.74 -14.07 1.08
CA LEU E 259 23.68 -15.13 1.54
C LEU E 259 23.02 -16.50 1.36
N LEU E 260 21.74 -16.62 1.71
CA LEU E 260 20.99 -17.90 1.76
C LEU E 260 20.76 -18.48 0.34
N LEU E 261 20.60 -17.63 -0.66
CA LEU E 261 20.17 -18.04 -2.02
C LEU E 261 21.40 -18.19 -2.92
N THR E 262 22.45 -17.39 -2.77
CA THR E 262 23.59 -17.38 -3.73
C THR E 262 24.53 -18.56 -3.47
N GLU E 263 24.40 -19.20 -2.31
CA GLU E 263 24.93 -20.56 -2.03
C GLU E 263 23.76 -21.40 -1.50
N ARG E 264 22.92 -21.93 -2.41
CA ARG E 264 21.52 -22.34 -2.14
C ARG E 264 21.54 -23.53 -1.18
N LYS E 265 22.66 -24.25 -1.10
CA LYS E 265 22.96 -25.25 -0.04
CA LYS E 265 22.84 -25.30 -0.06
C LYS E 265 22.44 -24.74 1.31
N ARG E 266 22.71 -23.46 1.58
CA ARG E 266 22.38 -22.78 2.86
C ARG E 266 20.86 -22.63 3.00
N TYR E 267 20.15 -22.20 1.96
CA TYR E 267 18.66 -22.16 2.01
C TYR E 267 18.18 -23.59 2.26
N GLU E 268 18.69 -24.54 1.47
CA GLU E 268 18.23 -25.96 1.51
C GLU E 268 18.46 -26.47 2.93
N SER E 269 19.57 -26.15 3.54
CA SER E 269 19.84 -26.60 4.93
C SER E 269 18.67 -26.18 5.86
N LEU E 270 18.02 -25.02 5.59
CA LEU E 270 17.00 -24.43 6.51
C LEU E 270 15.60 -24.99 6.18
N VAL E 271 15.29 -25.20 4.91
CA VAL E 271 14.04 -25.94 4.54
C VAL E 271 14.08 -27.32 5.19
N ALA E 272 15.22 -28.02 5.08
CA ALA E 272 15.40 -29.36 5.66
C ALA E 272 15.18 -29.28 7.18
N ASP E 273 15.71 -28.23 7.85
CA ASP E 273 15.65 -28.11 9.32
C ASP E 273 15.25 -26.69 9.75
N PRO E 274 13.94 -26.41 9.73
CA PRO E 274 13.42 -25.11 10.17
C PRO E 274 13.98 -24.54 11.48
N ALA E 275 14.22 -25.37 12.51
CA ALA E 275 14.61 -24.95 13.89
C ALA E 275 16.05 -24.40 13.94
N LEU E 276 16.81 -24.50 12.85
CA LEU E 276 18.16 -23.90 12.66
C LEU E 276 18.13 -22.40 12.28
N VAL E 277 16.95 -21.81 12.02
CA VAL E 277 16.84 -20.41 11.55
C VAL E 277 17.47 -19.49 12.60
N PRO E 278 17.12 -19.58 13.92
CA PRO E 278 17.76 -18.74 14.95
C PRO E 278 19.28 -18.62 14.89
N ALA E 279 19.95 -19.77 14.70
CA ALA E 279 21.42 -19.93 14.78
C ALA E 279 22.00 -19.52 13.43
N ALA E 280 21.26 -19.73 12.36
CA ALA E 280 21.65 -19.22 11.03
C ALA E 280 21.53 -17.69 11.04
N VAL E 281 20.66 -17.11 11.87
CA VAL E 281 20.49 -15.62 11.92
C VAL E 281 21.69 -15.07 12.70
N GLU E 282 21.97 -15.63 13.88
CA GLU E 282 23.20 -15.30 14.66
C GLU E 282 24.37 -15.36 13.68
N GLU E 283 24.43 -16.35 12.76
CA GLU E 283 25.68 -16.60 11.98
C GLU E 283 25.74 -15.59 10.83
N MET E 284 24.62 -15.23 10.22
CA MET E 284 24.61 -14.31 9.07
CA MET E 284 24.67 -14.30 9.06
C MET E 284 24.80 -12.88 9.60
N LEU E 285 24.31 -12.64 10.83
CA LEU E 285 24.53 -11.35 11.56
C LEU E 285 26.04 -11.18 11.74
N ARG E 286 26.73 -12.22 12.23
CA ARG E 286 28.20 -12.20 12.44
C ARG E 286 28.90 -11.82 11.12
N TYR E 287 28.49 -12.47 10.02
CA TYR E 287 29.16 -12.49 8.68
C TYR E 287 28.87 -11.25 7.83
N THR E 288 27.78 -10.54 8.12
CA THR E 288 27.23 -9.49 7.21
C THR E 288 27.67 -8.12 7.71
N PRO E 289 28.41 -7.37 6.88
CA PRO E 289 28.73 -5.97 7.18
C PRO E 289 27.54 -5.03 6.84
N LEU E 290 26.50 -5.04 7.69
CA LEU E 290 25.40 -4.05 7.67
C LEU E 290 26.00 -2.64 7.79
N VAL E 291 26.87 -2.41 8.77
CA VAL E 291 27.60 -1.12 8.85
C VAL E 291 28.68 -1.18 7.77
N SER E 292 28.64 -0.34 6.70
CA SER E 292 29.52 -0.55 5.52
C SER E 292 31.00 -0.44 5.92
N ALA E 293 31.28 0.45 6.87
CA ALA E 293 32.64 0.75 7.35
C ALA E 293 32.53 1.66 8.56
N GLY E 294 33.50 1.53 9.45
CA GLY E 294 33.68 2.37 10.63
C GLY E 294 32.54 2.18 11.63
N SER E 295 32.42 3.15 12.51
CA SER E 295 31.39 3.25 13.57
C SER E 295 31.23 4.73 13.95
N PHE E 296 30.35 5.01 14.90
CA PHE E 296 30.38 6.25 15.72
C PHE E 296 31.67 6.22 16.52
N VAL E 297 32.31 7.38 16.63
CA VAL E 297 33.66 7.54 17.24
C VAL E 297 33.53 7.50 18.76
N ARG E 298 34.46 6.80 19.42
CA ARG E 298 34.71 6.87 20.88
C ARG E 298 36.00 7.68 21.05
N VAL E 299 35.97 8.72 21.88
CA VAL E 299 37.16 9.57 22.23
C VAL E 299 37.63 9.09 23.60
N ALA E 300 38.88 8.67 23.73
CA ALA E 300 39.47 8.28 25.04
C ALA E 300 39.52 9.50 25.98
N THR E 301 39.00 9.39 27.21
CA THR E 301 39.12 10.42 28.28
C THR E 301 40.37 10.17 29.13
N GLU E 302 40.94 8.97 29.10
CA GLU E 302 42.27 8.66 29.70
C GLU E 302 43.20 8.09 28.61
N ASP E 303 44.41 7.73 29.01
CA ASP E 303 45.33 6.84 28.25
C ASP E 303 44.77 5.42 28.43
N VAL E 304 44.63 4.69 27.33
CA VAL E 304 44.07 3.30 27.34
C VAL E 304 44.98 2.41 26.49
N GLU E 305 45.45 1.31 27.08
CA GLU E 305 46.35 0.33 26.41
CA GLU E 305 46.35 0.32 26.43
C GLU E 305 45.49 -0.67 25.65
N LEU E 306 45.64 -0.70 24.33
CA LEU E 306 45.08 -1.76 23.45
C LEU E 306 46.19 -2.79 23.20
N SER E 307 45.83 -3.96 22.67
CA SER E 307 46.71 -5.11 22.28
C SER E 307 48.12 -4.64 21.89
N THR E 308 48.21 -3.75 20.88
CA THR E 308 49.43 -3.45 20.07
C THR E 308 49.62 -1.93 19.91
N VAL E 309 49.16 -1.12 20.86
CA VAL E 309 49.13 0.38 20.76
C VAL E 309 48.62 0.95 22.10
N THR E 310 48.92 2.21 22.40
CA THR E 310 48.37 2.93 23.60
CA THR E 310 48.38 2.94 23.59
C THR E 310 47.74 4.25 23.12
N VAL E 311 46.41 4.30 23.09
CA VAL E 311 45.62 5.50 22.67
CA VAL E 311 45.64 5.51 22.66
C VAL E 311 45.63 6.51 23.83
N ARG E 312 46.04 7.76 23.54
CA ARG E 312 46.33 8.85 24.51
CA ARG E 312 46.29 8.81 24.58
C ARG E 312 45.07 9.73 24.67
N ALA E 313 44.82 10.20 25.89
CA ALA E 313 43.66 11.04 26.30
C ALA E 313 43.35 12.11 25.25
N GLY E 314 42.20 11.96 24.59
CA GLY E 314 41.66 12.87 23.57
C GLY E 314 41.79 12.31 22.17
N GLU E 315 42.30 11.08 22.02
CA GLU E 315 42.47 10.44 20.69
C GLU E 315 41.19 9.66 20.35
N PRO E 316 40.69 9.88 19.12
CA PRO E 316 39.50 9.20 18.61
C PRO E 316 39.74 7.84 17.95
N CYS E 317 38.92 6.84 18.28
CA CYS E 317 38.94 5.49 17.66
C CYS E 317 37.62 5.20 16.90
N VAL E 318 37.74 4.47 15.79
CA VAL E 318 36.62 3.82 15.06
CA VAL E 318 36.59 3.81 15.09
C VAL E 318 36.82 2.29 15.09
N VAL E 319 35.74 1.51 15.17
CA VAL E 319 35.76 0.03 15.10
C VAL E 319 35.17 -0.33 13.74
N HIS E 320 35.69 -1.33 13.05
CA HIS E 320 34.94 -2.02 11.98
C HIS E 320 34.33 -3.33 12.53
N PHE E 321 33.01 -3.34 12.67
CA PHE E 321 32.27 -4.34 13.47
C PHE E 321 32.46 -5.69 12.78
N ALA E 322 32.48 -5.68 11.45
CA ALA E 322 32.44 -6.89 10.58
C ALA E 322 33.81 -7.54 10.57
N SER E 323 34.87 -6.77 10.84
CA SER E 323 36.27 -7.23 10.87
C SER E 323 36.49 -8.01 12.18
N ALA E 324 36.16 -7.37 13.32
CA ALA E 324 36.11 -8.00 14.65
C ALA E 324 35.22 -9.24 14.61
N ASN E 325 34.16 -9.22 13.80
CA ASN E 325 33.35 -10.44 13.57
C ASN E 325 34.08 -11.45 12.66
N ARG E 326 35.30 -11.18 12.14
CA ARG E 326 36.08 -12.18 11.32
C ARG E 326 37.48 -12.45 11.95
N ASP E 327 37.58 -12.28 13.26
CA ASP E 327 38.85 -12.35 14.00
C ASP E 327 39.18 -13.84 14.18
N GLU E 328 40.29 -14.32 13.61
CA GLU E 328 40.55 -15.79 13.52
CA GLU E 328 40.65 -15.76 13.49
C GLU E 328 41.00 -16.34 14.88
N GLU E 329 41.25 -15.50 15.87
CA GLU E 329 41.66 -15.90 17.26
CA GLU E 329 41.66 -16.01 17.21
C GLU E 329 40.41 -16.21 18.09
N VAL E 330 39.21 -15.88 17.58
CA VAL E 330 37.96 -16.07 18.37
C VAL E 330 36.95 -16.95 17.62
N PHE E 331 36.87 -16.83 16.28
CA PHE E 331 35.98 -17.65 15.41
C PHE E 331 36.87 -18.58 14.58
N ASP E 332 36.65 -19.89 14.77
CA ASP E 332 37.19 -20.97 13.90
C ASP E 332 36.73 -20.75 12.45
N HIS E 333 37.59 -20.96 11.46
CA HIS E 333 37.24 -20.86 10.02
C HIS E 333 36.34 -19.62 9.79
N ALA E 334 36.76 -18.47 10.31
CA ALA E 334 35.96 -17.23 10.52
C ALA E 334 35.34 -16.72 9.20
N ASP E 335 35.92 -17.04 8.05
CA ASP E 335 35.54 -16.46 6.72
C ASP E 335 34.61 -17.44 6.00
N GLU E 336 34.01 -18.38 6.75
CA GLU E 336 33.07 -19.39 6.20
CA GLU E 336 33.07 -19.42 6.23
C GLU E 336 31.76 -19.30 7.00
N LEU E 337 30.64 -19.31 6.30
CA LEU E 337 29.29 -19.26 6.93
C LEU E 337 28.95 -20.67 7.42
N ASP E 338 28.90 -20.89 8.73
CA ASP E 338 28.54 -22.21 9.30
C ASP E 338 27.40 -22.03 10.29
N PHE E 339 26.25 -22.61 9.96
CA PHE E 339 25.02 -22.52 10.80
C PHE E 339 25.10 -23.45 12.01
N HIS E 340 26.15 -24.28 12.17
CA HIS E 340 26.24 -25.37 13.19
CA HIS E 340 26.14 -25.29 13.29
C HIS E 340 27.30 -25.06 14.28
N ARG E 341 27.82 -23.83 14.35
CA ARG E 341 28.78 -23.39 15.43
C ARG E 341 28.12 -23.60 16.81
N GLU E 342 28.92 -23.88 17.85
CA GLU E 342 28.41 -23.99 19.24
CA GLU E 342 28.46 -24.01 19.26
C GLU E 342 28.63 -22.64 19.94
N ARG E 343 29.67 -21.91 19.51
CA ARG E 343 29.98 -20.56 20.07
CA ARG E 343 30.13 -20.58 20.03
C ARG E 343 29.94 -19.51 18.93
N ASN E 344 29.11 -18.49 19.17
CA ASN E 344 28.94 -17.30 18.27
C ASN E 344 28.86 -16.01 19.10
N PRO E 345 29.99 -15.54 19.66
CA PRO E 345 29.96 -14.30 20.46
C PRO E 345 30.19 -13.05 19.60
N HIS E 346 29.46 -12.90 18.48
CA HIS E 346 29.64 -11.80 17.47
C HIS E 346 29.29 -10.48 18.12
N ILE E 347 29.71 -9.35 17.57
CA ILE E 347 29.28 -7.99 18.07
C ILE E 347 28.52 -7.31 16.92
N ALA E 348 27.64 -8.05 16.23
CA ALA E 348 26.86 -7.45 15.11
C ALA E 348 25.96 -6.35 15.66
N PHE E 349 25.57 -6.49 16.94
CA PHE E 349 24.70 -5.57 17.71
C PHE E 349 25.53 -4.63 18.60
N GLY E 350 26.80 -4.47 18.24
CA GLY E 350 27.71 -3.64 19.06
C GLY E 350 28.06 -4.29 20.38
N HIS E 351 28.40 -3.47 21.37
CA HIS E 351 28.97 -3.87 22.68
C HIS E 351 28.96 -2.70 23.70
N GLY E 352 28.78 -3.01 24.97
CA GLY E 352 28.94 -2.03 26.06
C GLY E 352 27.69 -1.20 26.26
N ALA E 353 27.86 0.03 26.72
CA ALA E 353 26.74 0.91 27.07
C ALA E 353 25.81 1.00 25.85
N HIS E 354 26.33 1.02 24.61
CA HIS E 354 25.55 1.35 23.37
CA HIS E 354 25.48 1.35 23.43
C HIS E 354 25.06 0.07 22.68
N HIS E 355 25.31 -1.14 23.24
CA HIS E 355 24.73 -2.43 22.75
CA HIS E 355 24.82 -2.38 22.59
C HIS E 355 23.40 -2.12 22.09
N CYS E 356 23.13 -2.59 20.87
CA CYS E 356 21.87 -2.31 20.13
C CYS E 356 20.65 -2.50 21.05
N ILE E 357 19.93 -1.42 21.30
CA ILE E 357 18.74 -1.45 22.19
C ILE E 357 17.65 -2.34 21.54
N GLY E 358 17.59 -2.40 20.21
CA GLY E 358 16.58 -3.18 19.48
C GLY E 358 17.01 -4.60 19.13
N ALA E 359 18.15 -5.11 19.65
CA ALA E 359 18.72 -6.39 19.19
C ALA E 359 17.66 -7.49 19.26
N GLN E 360 16.94 -7.57 20.36
CA GLN E 360 15.89 -8.61 20.51
C GLN E 360 14.80 -8.41 19.45
N LEU E 361 14.38 -7.19 19.17
CA LEU E 361 13.34 -6.99 18.12
C LEU E 361 13.95 -7.32 16.74
N GLY E 362 15.21 -6.99 16.47
CA GLY E 362 15.85 -7.29 15.18
C GLY E 362 15.87 -8.81 14.94
N ARG E 363 16.25 -9.55 15.97
CA ARG E 363 16.27 -11.02 16.02
C ARG E 363 14.86 -11.55 15.77
N LEU E 364 13.85 -11.06 16.47
CA LEU E 364 12.46 -11.56 16.31
C LEU E 364 12.03 -11.44 14.84
N GLU E 365 12.27 -10.27 14.23
CA GLU E 365 11.92 -9.95 12.82
C GLU E 365 12.68 -10.85 11.84
N LEU E 366 13.99 -11.00 12.00
CA LEU E 366 14.80 -11.76 11.03
C LEU E 366 14.42 -13.26 11.11
N GLN E 367 14.19 -13.74 12.33
CA GLN E 367 13.72 -15.12 12.60
C GLN E 367 12.34 -15.35 11.94
N GLU E 368 11.37 -14.46 12.16
CA GLU E 368 9.98 -14.70 11.73
C GLU E 368 9.96 -14.60 10.20
N ALA E 369 10.71 -13.67 9.61
CA ALA E 369 10.85 -13.48 8.14
C ALA E 369 11.44 -14.76 7.52
N LEU E 370 12.57 -15.28 7.96
CA LEU E 370 13.21 -16.44 7.30
C LEU E 370 12.41 -17.73 7.55
N SER E 371 11.93 -17.96 8.76
CA SER E 371 11.11 -19.15 9.08
C SER E 371 9.85 -19.13 8.20
N ALA E 372 9.17 -17.98 8.06
CA ALA E 372 7.95 -17.92 7.23
C ALA E 372 8.34 -18.28 5.79
N LEU E 373 9.51 -17.81 5.34
CA LEU E 373 9.97 -18.02 3.93
C LEU E 373 10.31 -19.48 3.72
N VAL E 374 11.06 -20.04 4.66
CA VAL E 374 11.65 -21.39 4.54
C VAL E 374 10.53 -22.43 4.66
N ARG E 375 9.52 -22.17 5.47
CA ARG E 375 8.33 -23.05 5.59
C ARG E 375 7.46 -22.93 4.35
N ARG E 376 7.29 -21.74 3.77
CA ARG E 376 6.18 -21.51 2.80
C ARG E 376 6.70 -21.49 1.36
N PHE E 377 8.02 -21.32 1.14
CA PHE E 377 8.65 -21.15 -0.20
CA PHE E 377 8.64 -21.18 -0.22
C PHE E 377 9.95 -21.96 -0.24
N PRO E 378 9.90 -23.31 -0.04
CA PRO E 378 11.07 -24.18 -0.19
C PRO E 378 11.73 -24.09 -1.58
N THR E 379 10.95 -23.71 -2.58
CA THR E 379 11.39 -23.59 -4.00
C THR E 379 11.98 -22.21 -4.29
N LEU E 380 12.22 -21.34 -3.27
CA LEU E 380 12.52 -19.90 -3.53
C LEU E 380 13.93 -19.80 -4.15
N ASP E 381 14.18 -18.92 -5.12
CA ASP E 381 15.54 -18.74 -5.69
C ASP E 381 15.65 -17.32 -6.21
N LEU E 382 16.87 -16.78 -6.27
CA LEU E 382 17.15 -15.47 -6.91
C LEU E 382 16.73 -15.58 -8.38
N ALA E 383 15.88 -14.67 -8.84
CA ALA E 383 15.36 -14.60 -10.22
C ALA E 383 15.79 -13.29 -10.88
N GLU E 384 17.01 -12.81 -10.60
CA GLU E 384 17.66 -11.72 -11.37
C GLU E 384 19.15 -12.02 -11.29
N PRO E 385 19.96 -11.69 -12.31
CA PRO E 385 21.40 -11.99 -12.27
C PRO E 385 22.10 -11.48 -11.01
N VAL E 386 23.04 -12.23 -10.41
CA VAL E 386 23.88 -11.70 -9.30
C VAL E 386 24.48 -10.37 -9.77
N ALA E 387 25.19 -10.40 -10.92
CA ALA E 387 26.03 -9.30 -11.46
C ALA E 387 25.26 -7.99 -11.67
N GLY E 388 23.93 -8.03 -11.82
CA GLY E 388 23.07 -6.84 -11.96
C GLY E 388 22.57 -6.27 -10.63
N LEU E 389 22.74 -6.97 -9.50
CA LEU E 389 22.05 -6.64 -8.22
C LEU E 389 22.22 -5.15 -7.89
N LYS E 390 21.12 -4.47 -7.55
CA LYS E 390 21.10 -3.01 -7.27
CA LYS E 390 21.04 -3.01 -7.25
C LYS E 390 21.39 -2.77 -5.78
N TRP E 391 22.66 -2.91 -5.42
CA TRP E 391 23.22 -2.64 -4.07
C TRP E 391 23.18 -1.14 -3.84
N LYS E 392 22.76 -0.72 -2.66
CA LYS E 392 22.66 0.70 -2.23
C LYS E 392 24.05 1.38 -2.24
N GLN E 393 24.14 2.61 -2.75
CA GLN E 393 25.43 3.34 -2.90
CA GLN E 393 25.38 3.40 -2.99
C GLN E 393 25.37 4.61 -2.04
N GLY E 394 26.50 4.97 -1.46
CA GLY E 394 26.68 6.20 -0.68
C GLY E 394 25.92 6.21 0.63
N MET E 395 25.83 5.07 1.32
CA MET E 395 25.12 5.02 2.64
C MET E 395 26.01 4.36 3.67
N LEU E 396 25.74 4.60 4.96
CA LEU E 396 26.54 4.09 6.08
C LEU E 396 26.27 2.59 6.28
N ILE E 397 25.26 2.04 5.60
CA ILE E 397 24.81 0.63 5.72
C ILE E 397 24.62 0.00 4.33
N ARG E 398 24.51 -1.32 4.28
CA ARG E 398 24.45 -2.09 3.01
C ARG E 398 23.11 -2.80 2.90
N GLY E 399 22.68 -3.03 1.65
CA GLY E 399 21.44 -3.72 1.30
C GLY E 399 21.07 -3.58 -0.16
N LEU E 400 20.09 -4.40 -0.57
CA LEU E 400 19.54 -4.41 -1.95
C LEU E 400 18.36 -3.45 -2.06
N GLU E 401 18.40 -2.64 -3.11
CA GLU E 401 17.29 -1.79 -3.60
C GLU E 401 16.20 -2.67 -4.20
N ARG E 402 16.56 -3.83 -4.76
CA ARG E 402 15.61 -4.74 -5.44
C ARG E 402 16.10 -6.18 -5.25
N GLN E 403 15.20 -7.13 -5.09
CA GLN E 403 15.65 -8.53 -4.94
C GLN E 403 14.57 -9.45 -5.50
N ILE E 404 14.54 -9.56 -6.83
CA ILE E 404 13.53 -10.38 -7.55
C ILE E 404 13.76 -11.87 -7.24
N VAL E 405 12.72 -12.60 -6.85
CA VAL E 405 12.82 -14.03 -6.45
C VAL E 405 11.68 -14.80 -7.11
N SER E 406 11.84 -16.11 -7.23
CA SER E 406 10.80 -17.01 -7.80
C SER E 406 10.53 -18.11 -6.78
N TRP E 407 9.40 -18.77 -6.93
CA TRP E 407 9.04 -19.97 -6.14
C TRP E 407 8.16 -20.91 -6.99
N PRO F 10 3.25 76.99 -49.66
CA PRO F 10 3.35 76.57 -51.09
C PRO F 10 2.55 75.28 -51.38
N ALA F 11 2.29 74.94 -52.67
CA ALA F 11 1.58 73.71 -53.12
C ALA F 11 2.49 72.47 -52.98
N ASP F 12 1.92 71.34 -52.51
CA ASP F 12 2.65 70.11 -52.13
C ASP F 12 3.27 69.45 -53.36
N ALA F 13 4.59 69.29 -53.33
CA ALA F 13 5.44 68.61 -54.35
C ALA F 13 5.34 67.08 -54.25
N VAL F 14 4.36 66.53 -54.94
CA VAL F 14 4.04 65.08 -55.02
C VAL F 14 3.40 64.81 -56.38
N PRO F 15 3.54 63.58 -56.93
CA PRO F 15 3.02 63.27 -58.25
C PRO F 15 1.49 63.37 -58.32
N ALA F 16 0.97 63.76 -59.47
CA ALA F 16 -0.47 63.63 -59.77
C ALA F 16 -0.78 62.12 -59.83
N TYR F 17 -1.98 61.77 -59.34
CA TYR F 17 -2.64 60.44 -59.41
C TYR F 17 -4.06 60.68 -59.94
N PRO F 18 -4.57 59.90 -60.94
CA PRO F 18 -3.87 58.76 -61.56
C PRO F 18 -2.56 59.06 -62.32
N PHE F 19 -1.77 58.02 -62.59
CA PHE F 19 -0.34 58.16 -62.95
C PHE F 19 -0.13 58.27 -64.46
N SER F 20 -1.08 57.73 -65.22
CA SER F 20 -0.97 57.68 -66.69
C SER F 20 -2.35 57.42 -67.30
N LEU F 21 -2.43 57.50 -68.63
CA LEU F 21 -3.69 57.23 -69.35
C LEU F 21 -3.91 55.71 -69.30
N PRO F 22 -5.05 55.23 -68.79
CA PRO F 22 -5.29 53.80 -68.72
C PRO F 22 -5.54 53.23 -70.12
N HIS F 23 -5.07 52.01 -70.37
CA HIS F 23 -5.34 51.41 -71.70
CA HIS F 23 -5.40 51.48 -71.71
C HIS F 23 -5.64 49.91 -71.60
N ALA F 24 -6.91 49.56 -71.82
CA ALA F 24 -7.42 48.18 -71.92
C ALA F 24 -6.92 47.23 -70.85
N LEU F 25 -7.19 47.50 -69.57
CA LEU F 25 -6.79 46.65 -68.41
C LEU F 25 -5.26 46.57 -68.25
N ASP F 26 -4.52 47.57 -68.73
CA ASP F 26 -3.18 47.28 -68.20
CA ASP F 26 -3.19 47.29 -68.20
C ASP F 26 -2.67 48.31 -66.91
N LEU F 27 -2.29 47.54 -65.89
CA LEU F 27 -1.88 48.17 -64.62
C LEU F 27 -0.64 49.00 -64.90
N ASP F 28 -0.62 50.25 -64.48
CA ASP F 28 0.59 51.08 -64.67
C ASP F 28 1.76 50.39 -63.94
N PRO F 29 2.96 50.37 -64.55
CA PRO F 29 4.11 49.69 -63.97
C PRO F 29 4.55 50.35 -62.66
N HIS F 30 4.17 51.61 -62.48
CA HIS F 30 4.53 52.41 -61.29
C HIS F 30 3.93 51.81 -60.01
N TYR F 31 2.83 51.05 -60.09
CA TYR F 31 2.15 50.43 -58.92
C TYR F 31 3.09 49.39 -58.27
N ALA F 32 3.84 48.62 -59.07
CA ALA F 32 4.75 47.52 -58.58
C ALA F 32 6.00 48.12 -57.92
N GLU F 33 6.45 49.26 -58.44
CA GLU F 33 7.65 50.02 -57.98
CA GLU F 33 7.67 49.96 -57.95
C GLU F 33 7.35 50.66 -56.62
N LEU F 34 6.05 50.81 -56.30
CA LEU F 34 5.55 51.43 -55.05
CA LEU F 34 5.55 51.43 -55.04
C LEU F 34 5.33 50.34 -54.00
N ARG F 35 4.64 49.26 -54.39
CA ARG F 35 4.36 48.08 -53.53
C ARG F 35 5.66 47.66 -52.83
N ARG F 36 6.77 47.82 -53.57
CA ARG F 36 8.12 47.27 -53.28
C ARG F 36 8.96 48.34 -52.56
N ASP F 37 9.07 49.53 -53.15
CA ASP F 37 10.07 50.56 -52.77
C ASP F 37 9.42 51.74 -52.01
N GLU F 38 8.12 52.05 -52.22
CA GLU F 38 7.39 53.17 -51.54
C GLU F 38 5.89 52.85 -51.43
N PRO F 39 5.48 51.96 -50.52
CA PRO F 39 4.10 51.42 -50.48
C PRO F 39 2.97 52.41 -50.10
N VAL F 40 3.28 53.39 -49.27
CA VAL F 40 2.35 54.53 -49.02
C VAL F 40 3.05 55.78 -49.55
N SER F 41 2.37 56.60 -50.37
CA SER F 41 2.96 57.74 -51.14
C SER F 41 1.95 58.89 -51.24
N ARG F 42 2.37 60.12 -50.92
CA ARG F 42 1.50 61.31 -51.08
C ARG F 42 1.31 61.53 -52.58
N VAL F 43 0.08 61.67 -53.00
CA VAL F 43 -0.33 61.93 -54.39
C VAL F 43 -1.31 63.09 -54.41
N ARG F 44 -1.52 63.67 -55.59
CA ARG F 44 -2.49 64.74 -55.88
C ARG F 44 -3.59 64.10 -56.72
N LEU F 45 -4.79 64.02 -56.16
CA LEU F 45 -5.99 63.47 -56.80
C LEU F 45 -6.56 64.52 -57.76
N PRO F 46 -7.29 64.09 -58.80
CA PRO F 46 -7.75 65.03 -59.82
C PRO F 46 -8.64 66.19 -59.28
N TYR F 47 -9.46 65.98 -58.27
CA TYR F 47 -10.33 67.05 -57.72
C TYR F 47 -10.17 67.07 -56.20
N GLY F 48 -10.49 68.21 -55.57
CA GLY F 48 -10.24 68.44 -54.14
C GLY F 48 -8.94 69.19 -53.90
N GLU F 49 -8.63 69.52 -52.65
CA GLU F 49 -7.39 70.26 -52.28
C GLU F 49 -6.39 69.30 -51.64
N GLY F 50 -5.14 69.73 -51.59
CA GLY F 50 -4.09 69.08 -50.81
C GLY F 50 -3.82 67.69 -51.33
N THR F 51 -3.53 66.77 -50.43
CA THR F 51 -2.84 65.53 -50.84
C THR F 51 -3.49 64.36 -50.09
N ALA F 52 -3.21 63.16 -50.57
CA ALA F 52 -3.84 61.89 -50.17
C ALA F 52 -2.74 60.82 -50.16
N TRP F 53 -2.80 59.88 -49.21
CA TRP F 53 -1.86 58.73 -49.16
C TRP F 53 -2.38 57.68 -50.15
N LEU F 54 -1.63 57.43 -51.22
CA LEU F 54 -1.91 56.28 -52.12
C LEU F 54 -1.46 54.98 -51.43
N VAL F 55 -2.39 54.03 -51.29
CA VAL F 55 -2.12 52.73 -50.65
C VAL F 55 -2.07 51.66 -51.74
N THR F 56 -0.97 50.89 -51.81
CA THR F 56 -0.75 49.94 -52.94
C THR F 56 -0.64 48.48 -52.48
N ARG F 57 -0.46 48.20 -51.17
CA ARG F 57 -0.25 46.83 -50.61
CA ARG F 57 -0.25 46.83 -50.62
C ARG F 57 -1.52 46.26 -49.97
N MET F 58 -1.73 44.94 -50.09
CA MET F 58 -2.91 44.22 -49.54
C MET F 58 -3.02 44.54 -48.06
N SER F 59 -1.90 44.50 -47.33
CA SER F 59 -1.87 44.63 -45.85
C SER F 59 -2.46 45.99 -45.47
N ASP F 60 -1.91 47.06 -46.04
CA ASP F 60 -2.30 48.49 -45.85
C ASP F 60 -3.75 48.73 -46.37
N ALA F 61 -4.18 48.13 -47.47
CA ALA F 61 -5.58 48.25 -48.00
C ALA F 61 -6.59 47.74 -46.97
N ARG F 62 -6.34 46.58 -46.37
CA ARG F 62 -7.24 45.95 -45.35
C ARG F 62 -7.35 46.80 -44.10
N ILE F 63 -6.39 47.68 -43.80
CA ILE F 63 -6.46 48.67 -42.68
C ILE F 63 -7.32 49.90 -43.10
N VAL F 64 -7.11 50.51 -44.27
CA VAL F 64 -7.87 51.73 -44.70
C VAL F 64 -9.35 51.35 -44.90
N LEU F 65 -9.56 50.22 -45.55
CA LEU F 65 -10.92 49.68 -45.80
C LEU F 65 -11.54 49.10 -44.52
N GLY F 66 -10.75 48.56 -43.58
CA GLY F 66 -11.32 47.61 -42.60
C GLY F 66 -11.29 48.16 -41.20
N ASP F 67 -11.01 49.45 -41.02
CA ASP F 67 -10.64 49.98 -39.69
C ASP F 67 -11.56 51.16 -39.41
N SER F 68 -12.17 51.18 -38.23
CA SER F 68 -13.23 52.14 -37.89
C SER F 68 -12.65 53.52 -37.56
N ARG F 69 -11.31 53.64 -37.46
CA ARG F 69 -10.58 54.94 -37.35
C ARG F 69 -10.48 55.68 -38.72
N PHE F 70 -10.97 55.08 -39.80
CA PHE F 70 -11.19 55.80 -41.09
C PHE F 70 -12.71 56.07 -41.22
N SER F 71 -13.05 57.20 -41.83
CA SER F 71 -14.45 57.67 -42.05
C SER F 71 -14.64 57.91 -43.56
N THR F 72 -15.70 57.40 -44.19
CA THR F 72 -16.12 57.86 -45.55
C THR F 72 -16.97 59.15 -45.45
N ALA F 73 -17.73 59.33 -44.36
CA ALA F 73 -18.60 60.52 -44.13
C ALA F 73 -17.76 61.80 -44.15
N ALA F 74 -16.55 61.79 -43.57
CA ALA F 74 -15.68 62.99 -43.51
C ALA F 74 -15.26 63.42 -44.92
N ALA F 75 -15.20 62.48 -45.90
CA ALA F 75 -14.65 62.71 -47.25
C ALA F 75 -15.62 63.53 -48.13
N THR F 76 -16.80 63.85 -47.64
CA THR F 76 -17.85 64.59 -48.39
C THR F 76 -17.48 66.07 -48.42
N ASP F 77 -16.55 66.50 -47.55
CA ASP F 77 -16.02 67.88 -47.55
C ASP F 77 -15.50 68.16 -48.95
N PRO F 78 -15.99 69.24 -49.62
CA PRO F 78 -15.59 69.57 -50.98
C PRO F 78 -14.08 69.81 -51.12
N ALA F 79 -13.39 70.28 -50.09
CA ALA F 79 -11.90 70.40 -50.09
C ALA F 79 -11.19 69.03 -50.04
N THR F 80 -11.90 67.91 -49.88
CA THR F 80 -11.28 66.57 -49.68
C THR F 80 -10.79 66.06 -51.04
N PRO F 81 -9.56 65.50 -51.14
CA PRO F 81 -9.17 64.79 -52.37
C PRO F 81 -10.26 63.81 -52.82
N ARG F 82 -10.33 63.59 -54.13
CA ARG F 82 -11.30 62.64 -54.71
C ARG F 82 -10.97 62.41 -56.18
N MET F 83 -11.36 61.23 -56.66
CA MET F 83 -11.11 60.71 -58.01
C MET F 83 -12.11 61.32 -59.01
N PHE F 84 -13.10 62.10 -58.58
CA PHE F 84 -14.25 62.51 -59.45
C PHE F 84 -14.59 64.00 -59.22
N PRO F 85 -15.17 64.68 -60.26
CA PRO F 85 -15.23 66.14 -60.28
C PRO F 85 -16.18 66.75 -59.26
N THR F 86 -17.24 66.05 -58.87
CA THR F 86 -18.27 66.60 -57.92
C THR F 86 -17.93 66.18 -56.49
N PRO F 87 -17.98 67.10 -55.50
CA PRO F 87 -17.87 66.71 -54.08
C PRO F 87 -18.84 65.59 -53.79
N PRO F 88 -18.46 64.54 -53.01
CA PRO F 88 -19.27 63.30 -52.99
C PRO F 88 -20.66 63.56 -52.40
N GLU F 89 -21.70 62.85 -52.88
CA GLU F 89 -23.08 62.92 -52.36
C GLU F 89 -23.11 62.44 -50.92
N PRO F 90 -23.45 63.30 -49.92
CA PRO F 90 -23.57 62.89 -48.53
C PRO F 90 -24.56 61.77 -48.22
N ASP F 91 -25.64 61.67 -48.98
CA ASP F 91 -26.72 60.65 -48.78
C ASP F 91 -26.24 59.29 -49.32
N GLY F 92 -25.15 59.22 -50.10
CA GLY F 92 -24.60 57.91 -50.56
C GLY F 92 -24.30 56.97 -49.39
N VAL F 93 -24.60 55.66 -49.53
CA VAL F 93 -24.17 54.63 -48.53
CA VAL F 93 -24.14 54.54 -48.63
C VAL F 93 -22.63 54.66 -48.44
N LEU F 94 -21.93 54.79 -49.56
CA LEU F 94 -20.45 54.87 -49.62
C LEU F 94 -20.03 55.94 -48.64
N ALA F 95 -20.83 57.00 -48.45
CA ALA F 95 -20.47 58.21 -47.66
C ALA F 95 -21.09 58.15 -46.25
N GLN F 96 -21.67 57.03 -45.87
CA GLN F 96 -22.17 56.82 -44.48
C GLN F 96 -21.11 56.00 -43.68
N ASP F 97 -20.86 56.41 -42.43
CA ASP F 97 -20.17 55.61 -41.37
C ASP F 97 -21.20 54.82 -40.57
N PRO F 98 -20.85 53.66 -39.97
CA PRO F 98 -21.74 52.97 -39.01
C PRO F 98 -21.93 53.90 -37.84
N PRO F 99 -23.07 53.88 -37.08
CA PRO F 99 -24.16 52.94 -37.28
C PRO F 99 -25.21 53.24 -38.37
N ASP F 100 -25.31 54.48 -38.86
CA ASP F 100 -26.26 54.84 -39.95
C ASP F 100 -25.95 54.00 -41.18
N HIS F 101 -24.69 53.85 -41.53
CA HIS F 101 -24.27 52.89 -42.59
CA HIS F 101 -24.29 52.91 -42.60
C HIS F 101 -24.98 51.56 -42.39
N THR F 102 -24.91 51.05 -41.15
CA THR F 102 -25.40 49.70 -40.86
C THR F 102 -26.92 49.63 -41.08
N ARG F 103 -27.67 50.56 -40.50
CA ARG F 103 -29.14 50.70 -40.65
C ARG F 103 -29.49 50.67 -42.18
N LEU F 104 -28.81 51.46 -43.03
CA LEU F 104 -29.03 51.55 -44.50
C LEU F 104 -28.75 50.20 -45.17
N ARG F 105 -27.61 49.60 -44.88
CA ARG F 105 -27.27 48.22 -45.33
C ARG F 105 -28.38 47.23 -44.99
N ARG F 106 -28.87 47.25 -43.76
CA ARG F 106 -29.90 46.30 -43.26
C ARG F 106 -31.28 46.52 -43.90
N LEU F 107 -31.59 47.67 -44.50
CA LEU F 107 -32.89 47.82 -45.20
C LEU F 107 -32.97 46.77 -46.31
N VAL F 108 -31.89 46.47 -47.05
CA VAL F 108 -31.93 45.57 -48.25
C VAL F 108 -30.92 44.40 -48.14
N GLY F 109 -30.08 44.36 -47.10
CA GLY F 109 -29.01 43.34 -46.98
C GLY F 109 -29.53 41.91 -47.15
N LYS F 110 -30.69 41.56 -46.58
CA LYS F 110 -31.23 40.18 -46.56
CA LYS F 110 -31.34 40.22 -46.58
C LYS F 110 -31.33 39.62 -47.99
N ALA F 111 -31.65 40.45 -49.00
CA ALA F 111 -31.77 40.12 -50.45
C ALA F 111 -30.42 39.86 -51.11
N PHE F 112 -29.30 40.27 -50.53
CA PHE F 112 -27.96 40.07 -51.12
C PHE F 112 -27.15 38.97 -50.39
N THR F 113 -27.74 38.19 -49.46
CA THR F 113 -27.04 37.07 -48.73
C THR F 113 -26.73 35.92 -49.69
N ALA F 114 -25.73 35.09 -49.35
CA ALA F 114 -25.22 33.95 -50.17
C ALA F 114 -26.39 33.07 -50.61
N ARG F 115 -27.28 32.77 -49.66
CA ARG F 115 -28.47 31.90 -49.83
C ARG F 115 -29.43 32.51 -50.85
N ARG F 116 -29.87 33.74 -50.60
CA ARG F 116 -30.92 34.42 -51.39
C ARG F 116 -30.44 34.58 -52.83
N VAL F 117 -29.18 34.95 -53.02
CA VAL F 117 -28.58 35.13 -54.37
C VAL F 117 -28.52 33.77 -55.08
N GLU F 118 -28.27 32.69 -54.37
CA GLU F 118 -28.28 31.33 -54.96
C GLU F 118 -29.68 31.01 -55.46
N GLU F 119 -30.70 31.42 -54.71
CA GLU F 119 -32.13 31.17 -55.04
C GLU F 119 -32.49 31.80 -56.39
N MET F 120 -31.93 32.96 -56.73
CA MET F 120 -32.09 33.05 -58.10
CA MET F 120 -32.15 32.98 -58.12
C MET F 120 -31.04 32.74 -59.31
N ARG F 121 -30.35 31.62 -59.12
CA ARG F 121 -29.54 30.98 -60.22
C ARG F 121 -30.45 30.38 -61.30
N PRO F 122 -31.52 29.62 -60.95
CA PRO F 122 -32.41 29.02 -61.97
C PRO F 122 -33.05 30.09 -62.88
N ARG F 123 -33.55 31.18 -62.29
CA ARG F 123 -34.15 32.33 -63.03
C ARG F 123 -33.05 33.02 -63.85
N VAL F 124 -31.80 33.01 -63.36
CA VAL F 124 -30.65 33.75 -63.98
C VAL F 124 -30.07 32.96 -65.19
N ARG F 125 -30.03 31.62 -65.16
CA ARG F 125 -29.56 30.82 -66.32
C ARG F 125 -30.65 30.79 -67.41
N SER F 126 -31.94 30.66 -67.06
CA SER F 126 -33.05 30.76 -68.04
C SER F 126 -32.97 32.09 -68.83
N LEU F 127 -32.70 33.23 -68.16
CA LEU F 127 -32.57 34.61 -68.75
CA LEU F 127 -32.64 34.56 -68.83
C LEU F 127 -31.36 34.67 -69.69
N VAL F 128 -30.24 34.04 -69.27
CA VAL F 128 -28.97 34.07 -70.07
CA VAL F 128 -28.97 34.05 -70.06
C VAL F 128 -29.20 33.28 -71.38
N ASP F 129 -29.84 32.10 -71.32
N ASP F 129 -29.81 32.08 -71.33
CA ASP F 129 -30.03 31.19 -72.50
CA ASP F 129 -30.02 31.20 -72.53
C ASP F 129 -31.02 31.85 -73.49
C ASP F 129 -31.32 31.58 -73.27
N SER F 130 -31.93 32.70 -73.01
N SER F 130 -31.86 32.79 -73.01
CA SER F 130 -32.91 33.47 -73.83
CA SER F 130 -32.90 33.46 -73.85
C SER F 130 -32.16 34.56 -74.60
C SER F 130 -32.25 34.63 -74.60
N LEU F 131 -31.45 35.46 -73.92
CA LEU F 131 -30.69 36.53 -74.63
CA LEU F 131 -30.62 36.53 -74.55
C LEU F 131 -29.63 35.88 -75.54
N LEU F 132 -29.14 34.69 -75.20
CA LEU F 132 -28.16 33.94 -76.05
CA LEU F 132 -28.16 33.95 -76.06
C LEU F 132 -28.89 33.27 -77.23
N ASP F 133 -30.21 33.00 -77.09
CA ASP F 133 -31.06 32.55 -78.24
C ASP F 133 -31.08 33.68 -79.27
N ASP F 134 -31.25 34.92 -78.83
CA ASP F 134 -31.31 36.08 -79.75
C ASP F 134 -29.99 36.15 -80.51
N MET F 135 -28.90 35.76 -79.87
CA MET F 135 -27.55 35.85 -80.47
C MET F 135 -27.34 34.72 -81.50
N VAL F 136 -28.13 33.64 -81.50
CA VAL F 136 -28.09 32.63 -82.59
CA VAL F 136 -28.09 32.63 -82.59
C VAL F 136 -28.85 33.20 -83.80
N ALA F 137 -30.10 33.69 -83.56
CA ALA F 137 -31.05 34.22 -84.56
C ALA F 137 -30.45 35.36 -85.38
N HIS F 138 -29.62 36.24 -84.78
CA HIS F 138 -28.77 37.22 -85.51
C HIS F 138 -27.69 36.45 -86.28
N GLY F 139 -27.06 35.45 -85.63
CA GLY F 139 -25.91 34.70 -86.18
C GLY F 139 -24.65 35.55 -86.12
N SER F 140 -23.46 34.94 -86.35
CA SER F 140 -22.15 35.58 -86.08
C SER F 140 -21.65 36.31 -87.35
N PRO F 141 -20.75 37.31 -87.25
CA PRO F 141 -20.27 37.88 -85.99
C PRO F 141 -21.27 38.85 -85.34
N ALA F 142 -21.44 38.74 -84.01
CA ALA F 142 -22.40 39.55 -83.21
C ALA F 142 -21.67 40.27 -82.06
N ASP F 143 -22.23 41.41 -81.63
CA ASP F 143 -21.74 42.23 -80.48
C ASP F 143 -22.24 41.61 -79.17
N LEU F 144 -21.30 41.13 -78.33
CA LEU F 144 -21.58 40.59 -76.98
CA LEU F 144 -21.60 40.58 -76.98
C LEU F 144 -22.13 41.70 -76.08
N VAL F 145 -21.61 42.92 -76.21
CA VAL F 145 -22.14 44.12 -75.49
CA VAL F 145 -22.14 44.12 -75.49
C VAL F 145 -23.66 44.23 -75.77
N GLU F 146 -24.04 44.30 -77.04
CA GLU F 146 -25.46 44.46 -77.47
C GLU F 146 -26.28 43.25 -76.98
N PHE F 147 -25.75 42.03 -77.08
CA PHE F 147 -26.57 40.78 -77.02
C PHE F 147 -26.61 40.12 -75.64
N LEU F 148 -25.71 40.43 -74.70
CA LEU F 148 -25.61 39.72 -73.38
CA LEU F 148 -25.68 39.75 -73.37
C LEU F 148 -25.12 40.67 -72.27
N ALA F 149 -23.98 41.34 -72.52
CA ALA F 149 -23.23 42.10 -71.49
C ALA F 149 -24.09 43.22 -70.91
N VAL F 150 -24.75 44.03 -71.77
CA VAL F 150 -25.69 45.13 -71.39
C VAL F 150 -27.02 44.54 -70.91
N PRO F 151 -27.79 43.78 -71.72
CA PRO F 151 -29.14 43.38 -71.34
C PRO F 151 -29.33 42.43 -70.16
N PHE F 152 -28.39 41.54 -69.88
CA PHE F 152 -28.51 40.51 -68.82
C PHE F 152 -28.51 41.19 -67.43
N PRO F 153 -27.48 41.95 -67.02
CA PRO F 153 -27.46 42.60 -65.70
C PRO F 153 -28.50 43.72 -65.52
N VAL F 154 -28.87 44.37 -66.62
CA VAL F 154 -29.96 45.37 -66.63
C VAL F 154 -31.27 44.68 -66.23
N ALA F 155 -31.55 43.51 -66.81
CA ALA F 155 -32.84 42.81 -66.62
C ALA F 155 -32.95 42.45 -65.15
N VAL F 156 -31.92 41.79 -64.61
CA VAL F 156 -31.77 41.39 -63.17
C VAL F 156 -31.92 42.63 -62.27
N ILE F 157 -31.06 43.64 -62.44
CA ILE F 157 -31.12 44.80 -61.51
C ILE F 157 -32.50 45.44 -61.60
N CYS F 158 -33.15 45.52 -62.79
CA CYS F 158 -34.51 46.16 -62.93
C CYS F 158 -35.61 45.31 -62.26
N GLU F 159 -35.52 43.95 -62.33
CA GLU F 159 -36.49 43.01 -61.67
C GLU F 159 -36.22 42.99 -60.17
N LEU F 160 -34.98 43.15 -59.75
CA LEU F 160 -34.63 43.14 -58.31
C LEU F 160 -35.19 44.40 -57.64
N LEU F 161 -34.95 45.57 -58.21
CA LEU F 161 -35.35 46.87 -57.59
C LEU F 161 -36.83 47.15 -57.88
N GLY F 162 -37.32 46.79 -59.08
CA GLY F 162 -38.66 47.19 -59.54
C GLY F 162 -38.61 48.48 -60.36
N VAL F 163 -37.63 48.57 -61.26
CA VAL F 163 -37.25 49.76 -62.07
C VAL F 163 -37.77 49.51 -63.47
N PRO F 164 -38.51 50.47 -64.07
CA PRO F 164 -39.03 50.27 -65.43
C PRO F 164 -37.95 49.90 -66.46
N LEU F 165 -38.12 48.76 -67.15
CA LEU F 165 -37.18 48.35 -68.22
C LEU F 165 -37.23 49.38 -69.35
N GLU F 166 -38.38 49.99 -69.58
CA GLU F 166 -38.54 51.16 -70.49
C GLU F 166 -37.51 52.28 -70.16
N ASP F 167 -37.05 52.44 -68.90
CA ASP F 167 -36.17 53.59 -68.55
C ASP F 167 -34.68 53.28 -68.73
N ARG F 168 -34.33 52.14 -69.36
CA ARG F 168 -32.92 51.73 -69.65
CA ARG F 168 -32.94 51.72 -69.71
C ARG F 168 -32.07 52.94 -70.06
N ASP F 169 -32.39 53.63 -71.17
CA ASP F 169 -31.57 54.71 -71.78
CA ASP F 169 -31.53 54.70 -71.76
C ASP F 169 -31.45 55.90 -70.80
N LEU F 170 -32.57 56.20 -70.11
CA LEU F 170 -32.70 57.32 -69.11
C LEU F 170 -31.70 57.02 -67.95
N PHE F 171 -31.89 55.96 -67.17
CA PHE F 171 -30.95 55.67 -66.04
C PHE F 171 -29.53 55.29 -66.50
N ARG F 172 -29.31 54.80 -67.72
CA ARG F 172 -27.93 54.38 -68.17
C ARG F 172 -27.10 55.62 -68.56
N THR F 173 -27.75 56.60 -69.22
CA THR F 173 -27.23 57.99 -69.45
C THR F 173 -26.88 58.65 -68.11
N PHE F 174 -27.77 58.57 -67.12
CA PHE F 174 -27.56 59.16 -65.75
C PHE F 174 -26.36 58.43 -65.13
N SER F 175 -26.39 57.09 -65.10
CA SER F 175 -25.32 56.23 -64.52
C SER F 175 -23.95 56.60 -65.14
N ASP F 176 -23.87 56.54 -66.47
CA ASP F 176 -22.62 56.84 -67.23
C ASP F 176 -22.10 58.22 -66.81
N ALA F 177 -22.96 59.23 -66.70
CA ALA F 177 -22.55 60.60 -66.29
C ALA F 177 -21.98 60.53 -64.86
N MET F 178 -22.69 59.84 -63.96
CA MET F 178 -22.33 59.84 -62.51
C MET F 178 -21.07 58.98 -62.24
N LEU F 179 -20.67 58.13 -63.19
CA LEU F 179 -19.45 57.30 -63.11
C LEU F 179 -18.32 57.87 -63.96
N SER F 180 -18.27 59.20 -64.15
CA SER F 180 -17.28 59.85 -65.05
C SER F 180 -16.10 60.37 -64.23
N SER F 181 -14.87 60.16 -64.71
CA SER F 181 -13.63 60.74 -64.14
C SER F 181 -13.43 62.12 -64.75
N THR F 182 -13.11 62.17 -66.06
CA THR F 182 -12.77 63.40 -66.83
C THR F 182 -13.69 63.56 -68.05
N ARG F 183 -14.80 62.80 -68.13
CA ARG F 183 -15.72 62.83 -69.30
C ARG F 183 -16.70 64.03 -69.20
N LEU F 184 -16.76 64.73 -68.05
CA LEU F 184 -17.81 65.75 -67.74
C LEU F 184 -17.33 66.74 -66.67
N THR F 185 -17.97 67.93 -66.65
CA THR F 185 -17.76 69.01 -65.65
CA THR F 185 -17.75 69.01 -65.64
C THR F 185 -18.49 68.65 -64.35
N ALA F 186 -17.93 69.06 -63.20
CA ALA F 186 -18.59 69.00 -61.87
C ALA F 186 -20.05 69.46 -62.03
N ALA F 187 -20.22 70.65 -62.65
CA ALA F 187 -21.52 71.32 -62.83
C ALA F 187 -22.48 70.39 -63.59
N GLU F 188 -22.03 69.70 -64.65
CA GLU F 188 -22.84 68.76 -65.48
CA GLU F 188 -22.93 68.80 -65.43
C GLU F 188 -23.26 67.56 -64.60
N ILE F 189 -22.28 66.97 -63.90
CA ILE F 189 -22.54 65.75 -63.11
C ILE F 189 -23.46 66.13 -61.94
N GLN F 190 -23.29 67.33 -61.37
CA GLN F 190 -24.10 67.76 -60.19
CA GLN F 190 -24.11 67.82 -60.21
C GLN F 190 -25.59 67.75 -60.58
N ARG F 191 -25.95 68.19 -61.81
CA ARG F 191 -27.35 68.26 -62.30
C ARG F 191 -27.88 66.83 -62.50
N VAL F 192 -27.10 65.95 -63.15
CA VAL F 192 -27.46 64.50 -63.29
C VAL F 192 -27.78 63.89 -61.92
N GLN F 193 -26.88 63.97 -60.94
CA GLN F 193 -27.16 63.57 -59.53
C GLN F 193 -28.55 64.03 -59.07
N GLN F 194 -28.85 65.33 -59.18
CA GLN F 194 -30.11 65.96 -58.67
C GLN F 194 -31.31 65.39 -59.44
N ASP F 195 -31.16 65.21 -60.76
CA ASP F 195 -32.17 64.56 -61.62
C ASP F 195 -32.30 63.07 -61.28
N PHE F 196 -31.21 62.31 -61.02
CA PHE F 196 -31.34 60.87 -60.72
C PHE F 196 -32.16 60.75 -59.42
N MET F 197 -31.86 61.57 -58.39
CA MET F 197 -32.59 61.53 -57.10
C MET F 197 -34.07 61.85 -57.35
N VAL F 198 -34.37 62.93 -58.12
CA VAL F 198 -35.78 63.41 -58.35
C VAL F 198 -36.54 62.26 -59.03
N TYR F 199 -35.81 61.48 -59.85
CA TYR F 199 -36.37 60.33 -60.60
C TYR F 199 -36.67 59.17 -59.63
N MET F 200 -35.70 58.85 -58.78
CA MET F 200 -35.81 57.68 -57.86
C MET F 200 -36.88 57.99 -56.81
N ASP F 201 -36.89 59.20 -56.25
CA ASP F 201 -37.99 59.61 -55.34
C ASP F 201 -39.34 59.40 -56.01
N GLY F 202 -39.42 59.75 -57.30
CA GLY F 202 -40.63 59.49 -58.11
C GLY F 202 -40.92 57.99 -58.20
N LEU F 203 -39.88 57.15 -58.46
CA LEU F 203 -40.11 55.68 -58.60
C LEU F 203 -40.64 55.16 -57.25
N VAL F 204 -40.08 55.64 -56.13
CA VAL F 204 -40.41 55.20 -54.74
C VAL F 204 -41.79 55.73 -54.29
N ALA F 205 -42.13 56.97 -54.63
CA ALA F 205 -43.45 57.60 -54.32
C ALA F 205 -44.61 56.82 -54.97
N GLN F 206 -44.34 56.15 -56.08
CA GLN F 206 -45.37 55.42 -56.88
CA GLN F 206 -45.39 55.44 -56.85
C GLN F 206 -45.93 54.26 -56.02
N ARG F 207 -45.24 53.83 -54.95
CA ARG F 207 -45.79 52.72 -54.10
C ARG F 207 -46.45 53.27 -52.83
N ARG F 208 -46.63 54.58 -52.71
CA ARG F 208 -47.35 55.23 -51.57
C ARG F 208 -48.44 54.28 -51.01
N ASP F 209 -49.51 54.02 -51.77
CA ASP F 209 -50.62 53.11 -51.37
CA ASP F 209 -50.59 53.09 -51.35
C ASP F 209 -50.69 51.96 -52.37
N ALA F 210 -49.54 51.54 -52.95
CA ALA F 210 -49.46 50.48 -53.98
C ALA F 210 -48.15 49.70 -53.86
N PRO F 211 -47.92 49.00 -52.70
CA PRO F 211 -46.66 48.33 -52.36
C PRO F 211 -46.23 47.23 -53.35
N THR F 212 -44.90 47.03 -53.50
CA THR F 212 -44.26 46.11 -54.48
C THR F 212 -43.27 45.19 -53.71
N GLU F 213 -43.16 43.92 -54.09
CA GLU F 213 -42.27 42.93 -53.40
C GLU F 213 -40.91 43.04 -54.08
N ASP F 214 -40.10 43.93 -53.56
CA ASP F 214 -39.22 44.78 -54.38
C ASP F 214 -38.29 45.54 -53.47
N LEU F 215 -37.06 45.77 -53.88
CA LEU F 215 -36.11 46.62 -53.09
C LEU F 215 -36.68 48.05 -53.05
N LEU F 216 -37.18 48.58 -54.17
CA LEU F 216 -37.84 49.92 -54.22
C LEU F 216 -39.05 49.92 -53.29
N GLY F 217 -39.72 48.76 -53.16
CA GLY F 217 -40.86 48.56 -52.21
C GLY F 217 -40.42 48.70 -50.78
N ALA F 218 -39.34 48.00 -50.44
CA ALA F 218 -38.75 47.98 -49.09
C ALA F 218 -38.28 49.39 -48.68
N LEU F 219 -37.61 50.07 -49.61
CA LEU F 219 -37.18 51.49 -49.48
C LEU F 219 -38.39 52.42 -49.21
N ALA F 220 -39.51 52.22 -49.91
CA ALA F 220 -40.74 53.03 -49.71
C ALA F 220 -41.23 52.77 -48.29
N LEU F 221 -41.27 51.51 -47.84
CA LEU F 221 -41.75 51.22 -46.45
C LEU F 221 -40.87 52.01 -45.47
N ALA F 222 -39.55 51.96 -45.65
CA ALA F 222 -38.57 52.53 -44.71
C ALA F 222 -38.80 54.04 -44.62
N THR F 223 -39.22 54.69 -45.72
CA THR F 223 -39.50 56.14 -45.71
C THR F 223 -40.76 56.40 -44.92
N ASP F 224 -41.68 55.42 -44.71
CA ASP F 224 -42.97 55.64 -44.00
CA ASP F 224 -42.97 55.62 -43.99
C ASP F 224 -42.69 55.92 -42.52
N ASN F 225 -41.97 55.02 -41.84
CA ASN F 225 -41.53 55.25 -40.43
C ASN F 225 -40.15 54.59 -40.23
N ASP F 226 -39.09 55.35 -40.57
CA ASP F 226 -37.72 55.21 -40.00
C ASP F 226 -37.37 56.53 -39.31
N ASP F 227 -36.74 56.42 -38.13
CA ASP F 227 -36.48 57.54 -37.18
C ASP F 227 -34.98 57.87 -37.12
N HIS F 228 -34.11 57.12 -37.81
CA HIS F 228 -32.63 57.32 -37.77
C HIS F 228 -32.13 57.81 -39.16
N LEU F 229 -32.86 57.46 -40.22
CA LEU F 229 -32.44 57.70 -41.63
C LEU F 229 -33.35 58.76 -42.25
N THR F 230 -32.76 59.57 -43.12
CA THR F 230 -33.45 60.60 -43.94
C THR F 230 -33.99 59.89 -45.18
N LYS F 231 -35.18 60.35 -45.58
CA LYS F 231 -35.81 60.10 -46.89
C LYS F 231 -34.74 60.07 -48.00
N GLY F 232 -33.85 61.07 -48.06
CA GLY F 232 -32.77 61.17 -49.06
C GLY F 232 -31.78 60.02 -48.99
N GLU F 233 -31.34 59.66 -47.77
CA GLU F 233 -30.39 58.53 -47.54
C GLU F 233 -31.04 57.24 -48.06
N ILE F 234 -32.29 57.01 -47.65
CA ILE F 234 -33.04 55.76 -47.98
C ILE F 234 -33.21 55.68 -49.51
N VAL F 235 -33.55 56.81 -50.12
CA VAL F 235 -33.89 56.76 -51.57
C VAL F 235 -32.57 56.70 -52.34
N ASN F 236 -31.53 57.41 -51.85
CA ASN F 236 -30.23 57.39 -52.56
C ASN F 236 -29.77 55.93 -52.62
N MET F 237 -30.23 55.05 -51.70
CA MET F 237 -29.87 53.60 -51.75
CA MET F 237 -29.88 53.60 -51.76
C MET F 237 -30.38 53.08 -53.10
N GLY F 238 -31.53 53.60 -53.54
CA GLY F 238 -32.13 53.19 -54.83
C GLY F 238 -31.14 53.42 -55.94
N VAL F 239 -30.64 54.65 -56.05
CA VAL F 239 -29.69 55.08 -57.12
C VAL F 239 -28.47 54.17 -57.02
N SER F 240 -27.84 54.08 -55.83
CA SER F 240 -26.59 53.30 -55.60
C SER F 240 -26.80 51.88 -56.13
N LEU F 241 -27.90 51.21 -55.77
CA LEU F 241 -28.19 49.84 -56.24
C LEU F 241 -28.41 49.79 -57.75
N LEU F 242 -29.09 50.77 -58.36
CA LEU F 242 -29.34 50.77 -59.84
C LEU F 242 -28.02 51.02 -60.56
N ILE F 243 -27.24 52.03 -60.19
CA ILE F 243 -25.92 52.29 -60.85
C ILE F 243 -25.04 51.04 -60.68
N ALA F 244 -24.66 50.70 -59.45
CA ALA F 244 -23.83 49.53 -59.08
C ALA F 244 -24.37 48.26 -59.76
N GLY F 245 -25.67 47.98 -59.63
CA GLY F 245 -26.31 46.69 -59.98
C GLY F 245 -26.24 46.32 -61.46
N HIS F 246 -25.97 47.30 -62.36
CA HIS F 246 -25.72 47.07 -63.81
C HIS F 246 -24.31 47.53 -64.20
N GLU F 247 -23.84 48.71 -63.80
CA GLU F 247 -22.61 49.31 -64.39
C GLU F 247 -21.38 48.37 -64.27
N THR F 248 -21.27 47.63 -63.15
CA THR F 248 -20.11 46.76 -62.80
C THR F 248 -20.17 45.51 -63.67
N SER F 249 -21.28 44.77 -63.58
CA SER F 249 -21.56 43.52 -64.34
C SER F 249 -21.50 43.73 -65.87
N VAL F 250 -22.01 44.82 -66.45
CA VAL F 250 -21.93 44.96 -67.94
C VAL F 250 -20.44 45.07 -68.27
N ASN F 251 -19.68 45.89 -67.54
CA ASN F 251 -18.24 46.11 -67.85
C ASN F 251 -17.48 44.81 -67.58
N GLN F 252 -17.77 44.14 -66.47
CA GLN F 252 -17.00 42.95 -66.00
C GLN F 252 -17.16 41.78 -66.98
N ILE F 253 -18.36 41.58 -67.51
CA ILE F 253 -18.64 40.49 -68.49
C ILE F 253 -17.69 40.68 -69.69
N THR F 254 -17.52 41.93 -70.16
CA THR F 254 -16.66 42.25 -71.33
C THR F 254 -15.18 42.11 -70.93
N ASN F 255 -14.83 42.47 -69.69
CA ASN F 255 -13.45 42.37 -69.15
C ASN F 255 -13.07 40.88 -69.09
N LEU F 256 -13.89 40.05 -68.43
CA LEU F 256 -13.61 38.61 -68.18
C LEU F 256 -13.51 37.91 -69.55
N VAL F 257 -14.54 38.07 -70.38
CA VAL F 257 -14.58 37.52 -71.75
C VAL F 257 -13.30 37.96 -72.49
N HIS F 258 -12.90 39.22 -72.34
CA HIS F 258 -11.77 39.82 -73.12
C HIS F 258 -10.45 39.18 -72.68
N LEU F 259 -10.26 38.96 -71.38
CA LEU F 259 -9.09 38.21 -70.84
C LEU F 259 -9.12 36.76 -71.32
N LEU F 260 -10.31 36.15 -71.36
CA LEU F 260 -10.49 34.72 -71.73
CA LEU F 260 -10.53 34.73 -71.74
C LEU F 260 -10.15 34.50 -73.21
N LEU F 261 -10.20 35.55 -74.04
CA LEU F 261 -10.17 35.43 -75.53
C LEU F 261 -8.87 35.98 -76.16
N THR F 262 -8.21 37.01 -75.55
CA THR F 262 -6.87 37.49 -76.05
C THR F 262 -5.87 36.31 -76.03
N GLU F 263 -5.61 35.73 -74.85
CA GLU F 263 -4.95 34.40 -74.69
C GLU F 263 -6.05 33.34 -74.57
N ARG F 264 -6.61 32.90 -75.71
CA ARG F 264 -7.75 31.95 -75.82
C ARG F 264 -7.41 30.60 -75.18
N LYS F 265 -6.13 30.37 -74.83
CA LYS F 265 -5.67 29.29 -73.92
C LYS F 265 -6.62 29.19 -72.70
N ARG F 266 -7.01 30.35 -72.15
CA ARG F 266 -7.81 30.50 -70.91
C ARG F 266 -9.25 30.02 -71.15
N TYR F 267 -9.81 30.37 -72.32
CA TYR F 267 -11.18 29.93 -72.73
C TYR F 267 -11.16 28.40 -72.85
N GLU F 268 -10.25 27.83 -73.67
CA GLU F 268 -10.08 26.36 -73.81
C GLU F 268 -9.98 25.71 -72.43
N SER F 269 -9.26 26.31 -71.47
CA SER F 269 -9.07 25.78 -70.08
C SER F 269 -10.45 25.47 -69.47
N LEU F 270 -11.48 26.30 -69.73
CA LEU F 270 -12.82 26.26 -69.09
C LEU F 270 -13.79 25.30 -69.82
N VAL F 271 -13.83 25.32 -71.15
CA VAL F 271 -14.64 24.36 -71.98
C VAL F 271 -14.13 22.92 -71.69
N ALA F 272 -12.81 22.76 -71.48
CA ALA F 272 -12.17 21.49 -71.05
C ALA F 272 -12.63 21.15 -69.62
N ASP F 273 -12.38 22.06 -68.66
CA ASP F 273 -12.63 21.94 -67.20
C ASP F 273 -13.93 22.66 -66.81
N PRO F 274 -15.07 22.26 -67.37
CA PRO F 274 -16.43 22.85 -67.19
C PRO F 274 -16.60 23.47 -65.79
N ALA F 275 -16.45 22.70 -64.71
CA ALA F 275 -16.78 23.11 -63.31
C ALA F 275 -15.68 24.00 -62.70
N LEU F 276 -14.69 24.44 -63.49
CA LEU F 276 -13.62 25.40 -63.07
C LEU F 276 -14.14 26.84 -62.94
N VAL F 277 -15.27 27.19 -63.59
CA VAL F 277 -15.79 28.59 -63.79
C VAL F 277 -15.68 29.43 -62.52
N PRO F 278 -16.17 29.01 -61.31
CA PRO F 278 -16.17 29.87 -60.13
C PRO F 278 -14.78 30.44 -59.81
N ALA F 279 -13.79 29.55 -59.57
CA ALA F 279 -12.37 29.85 -59.25
C ALA F 279 -11.75 30.83 -60.25
N ALA F 280 -12.19 30.72 -61.51
CA ALA F 280 -11.74 31.55 -62.66
C ALA F 280 -12.48 32.91 -62.70
N VAL F 281 -13.68 33.00 -62.14
CA VAL F 281 -14.38 34.30 -61.90
C VAL F 281 -13.63 35.05 -60.78
N GLU F 282 -13.43 34.40 -59.62
CA GLU F 282 -12.57 34.89 -58.50
C GLU F 282 -11.22 35.40 -59.03
N GLU F 283 -10.59 34.67 -59.95
CA GLU F 283 -9.19 34.96 -60.37
C GLU F 283 -9.21 36.17 -61.31
N MET F 284 -10.10 36.18 -62.28
CA MET F 284 -10.19 37.32 -63.22
C MET F 284 -10.76 38.55 -62.48
N LEU F 285 -11.46 38.32 -61.35
CA LEU F 285 -11.94 39.41 -60.45
C LEU F 285 -10.74 40.02 -59.73
N ARG F 286 -9.78 39.18 -59.31
CA ARG F 286 -8.51 39.64 -58.70
CA ARG F 286 -8.51 39.63 -58.72
C ARG F 286 -7.75 40.48 -59.74
N TYR F 287 -7.61 39.94 -60.94
CA TYR F 287 -6.70 40.44 -62.01
C TYR F 287 -7.29 41.71 -62.67
N THR F 288 -8.61 41.95 -62.63
CA THR F 288 -9.28 42.99 -63.46
C THR F 288 -9.41 44.33 -62.71
N PRO F 289 -8.67 45.40 -63.14
CA PRO F 289 -8.86 46.76 -62.65
C PRO F 289 -10.17 47.31 -63.24
N LEU F 290 -11.29 46.75 -62.79
CA LEU F 290 -12.63 47.32 -63.02
C LEU F 290 -12.63 48.79 -62.58
N VAL F 291 -12.18 49.07 -61.34
CA VAL F 291 -11.96 50.47 -60.87
C VAL F 291 -10.69 50.97 -61.55
N SER F 292 -10.80 52.00 -62.39
CA SER F 292 -9.69 52.36 -63.32
C SER F 292 -8.48 52.74 -62.47
N ALA F 293 -8.76 53.51 -61.41
CA ALA F 293 -7.78 54.14 -60.50
C ALA F 293 -8.48 54.68 -59.22
N GLY F 294 -7.92 54.34 -58.06
CA GLY F 294 -8.28 54.97 -56.79
C GLY F 294 -9.52 54.34 -56.18
N SER F 295 -10.10 55.07 -55.23
CA SER F 295 -11.19 54.62 -54.36
C SER F 295 -12.01 55.83 -53.94
N PHE F 296 -13.22 55.61 -53.48
CA PHE F 296 -13.82 56.60 -52.56
C PHE F 296 -12.84 56.79 -51.40
N VAL F 297 -12.72 58.00 -50.90
CA VAL F 297 -11.61 58.37 -49.98
C VAL F 297 -12.08 58.09 -48.55
N ARG F 298 -11.13 57.54 -47.78
CA ARG F 298 -11.27 57.31 -46.34
C ARG F 298 -10.47 58.40 -45.66
N VAL F 299 -11.09 59.09 -44.71
CA VAL F 299 -10.37 60.10 -43.89
C VAL F 299 -10.09 59.48 -42.51
N ALA F 300 -8.85 59.49 -42.06
CA ALA F 300 -8.53 59.07 -40.68
C ALA F 300 -9.23 60.04 -39.71
N THR F 301 -9.78 59.52 -38.61
CA THR F 301 -10.32 60.31 -37.46
C THR F 301 -9.48 60.06 -36.22
N GLU F 302 -8.55 59.10 -36.34
CA GLU F 302 -7.51 58.79 -35.32
C GLU F 302 -6.22 58.43 -36.06
N ASP F 303 -5.05 58.66 -35.46
CA ASP F 303 -3.76 58.14 -36.02
C ASP F 303 -3.89 56.63 -36.32
N VAL F 304 -3.38 56.15 -37.44
CA VAL F 304 -3.51 54.74 -37.85
C VAL F 304 -2.17 54.29 -38.46
N GLU F 305 -1.67 53.15 -38.02
CA GLU F 305 -0.33 52.64 -38.41
C GLU F 305 -0.46 51.86 -39.73
N LEU F 306 0.23 52.34 -40.76
CA LEU F 306 0.42 51.56 -42.01
C LEU F 306 1.88 51.09 -42.08
N SER F 307 2.18 50.21 -43.04
CA SER F 307 3.50 49.60 -43.27
C SER F 307 4.59 50.67 -43.03
N THR F 308 4.53 51.84 -43.71
CA THR F 308 5.66 52.83 -43.73
C THR F 308 5.33 54.19 -43.09
N VAL F 309 4.07 54.43 -42.70
CA VAL F 309 3.61 55.76 -42.20
C VAL F 309 2.63 55.51 -41.09
N THR F 310 2.64 56.44 -40.13
CA THR F 310 1.43 56.73 -39.33
C THR F 310 0.63 57.81 -40.04
N VAL F 311 -0.58 57.46 -40.51
CA VAL F 311 -1.59 58.42 -41.05
C VAL F 311 -2.12 59.23 -39.87
N ARG F 312 -2.05 60.54 -39.93
CA ARG F 312 -2.49 61.46 -38.84
C ARG F 312 -4.02 61.60 -38.93
N ALA F 313 -4.69 61.67 -37.80
CA ALA F 313 -6.09 62.13 -37.74
C ALA F 313 -6.22 63.35 -38.65
N GLY F 314 -7.09 63.32 -39.66
CA GLY F 314 -7.34 64.41 -40.63
C GLY F 314 -6.84 64.06 -42.03
N GLU F 315 -6.01 63.03 -42.15
CA GLU F 315 -5.31 62.81 -43.44
C GLU F 315 -6.13 61.82 -44.25
N PRO F 316 -6.35 62.16 -45.54
CA PRO F 316 -7.09 61.31 -46.44
C PRO F 316 -6.19 60.30 -47.14
N CYS F 317 -6.76 59.12 -47.33
CA CYS F 317 -6.12 57.97 -47.99
C CYS F 317 -6.99 57.50 -49.14
N VAL F 318 -6.35 56.90 -50.12
CA VAL F 318 -7.02 56.27 -51.27
C VAL F 318 -6.35 54.93 -51.53
N VAL F 319 -7.09 53.92 -51.94
CA VAL F 319 -6.61 52.52 -52.23
C VAL F 319 -6.71 52.24 -53.72
N HIS F 320 -5.72 51.55 -54.30
CA HIS F 320 -5.89 50.96 -55.65
C HIS F 320 -6.26 49.49 -55.52
N PHE F 321 -7.55 49.18 -55.62
CA PHE F 321 -8.07 47.81 -55.45
C PHE F 321 -7.20 46.82 -56.26
N ALA F 322 -6.87 47.18 -57.50
CA ALA F 322 -6.15 46.27 -58.42
C ALA F 322 -4.68 46.09 -57.98
N SER F 323 -4.04 47.16 -57.46
CA SER F 323 -2.63 47.14 -56.94
C SER F 323 -2.50 46.05 -55.85
N ALA F 324 -3.27 46.18 -54.77
CA ALA F 324 -3.45 45.21 -53.66
C ALA F 324 -3.66 43.80 -54.20
N ASN F 325 -4.46 43.65 -55.25
CA ASN F 325 -4.78 42.32 -55.86
C ASN F 325 -3.55 41.76 -56.60
N ARG F 326 -2.49 42.57 -56.83
CA ARG F 326 -1.22 42.15 -57.51
CA ARG F 326 -1.22 42.13 -57.50
C ARG F 326 -0.04 42.13 -56.51
N ASP F 327 -0.31 42.12 -55.20
CA ASP F 327 0.71 42.15 -54.12
C ASP F 327 1.48 40.82 -54.06
N GLU F 328 2.82 40.84 -54.24
CA GLU F 328 3.68 39.60 -54.29
C GLU F 328 3.63 38.82 -52.96
N GLU F 329 3.53 39.53 -51.83
CA GLU F 329 3.50 39.03 -50.41
C GLU F 329 2.26 38.18 -50.09
N VAL F 330 1.22 38.17 -50.93
CA VAL F 330 -0.04 37.41 -50.69
C VAL F 330 -0.43 36.61 -51.94
N PHE F 331 0.04 37.00 -53.13
CA PHE F 331 -0.22 36.26 -54.39
C PHE F 331 1.13 35.79 -54.97
N ASP F 332 1.23 34.48 -55.26
CA ASP F 332 2.49 33.74 -55.45
C ASP F 332 3.16 34.15 -56.78
N HIS F 333 2.41 34.16 -57.89
CA HIS F 333 2.85 34.66 -59.22
C HIS F 333 1.88 35.77 -59.64
N ALA F 334 1.56 36.68 -58.71
CA ALA F 334 0.41 37.62 -58.76
C ALA F 334 0.12 38.06 -60.21
N ASP F 335 1.17 38.42 -60.96
CA ASP F 335 1.18 39.20 -62.23
CA ASP F 335 0.96 39.24 -62.18
C ASP F 335 0.75 38.35 -63.42
N GLU F 336 0.32 37.09 -63.20
CA GLU F 336 -0.14 36.16 -64.27
CA GLU F 336 -0.14 36.14 -64.26
C GLU F 336 -1.48 35.50 -63.84
N LEU F 337 -2.32 35.13 -64.81
CA LEU F 337 -3.70 34.62 -64.55
CA LEU F 337 -3.70 34.62 -64.55
C LEU F 337 -3.67 33.11 -64.32
N ASP F 338 -4.03 32.67 -63.12
CA ASP F 338 -4.01 31.27 -62.64
C ASP F 338 -5.40 30.86 -62.11
N PHE F 339 -6.11 29.98 -62.82
CA PHE F 339 -7.38 29.35 -62.36
C PHE F 339 -7.14 28.19 -61.36
N HIS F 340 -5.86 27.95 -61.01
CA HIS F 340 -5.40 26.89 -60.07
C HIS F 340 -4.58 27.51 -58.93
N ARG F 341 -5.06 28.62 -58.35
CA ARG F 341 -4.62 29.13 -57.01
C ARG F 341 -5.42 28.42 -55.93
N GLU F 342 -4.80 28.08 -54.79
CA GLU F 342 -5.49 27.38 -53.67
C GLU F 342 -6.24 28.43 -52.85
N ARG F 343 -5.58 29.56 -52.52
CA ARG F 343 -6.20 30.76 -51.89
C ARG F 343 -6.28 31.92 -52.88
N ASN F 344 -7.35 32.69 -52.82
CA ASN F 344 -7.53 33.96 -53.59
C ASN F 344 -8.28 34.97 -52.72
N PRO F 345 -7.61 35.58 -51.71
CA PRO F 345 -8.22 36.61 -50.86
C PRO F 345 -8.16 38.03 -51.48
N HIS F 346 -8.62 38.13 -52.73
CA HIS F 346 -8.76 39.42 -53.48
C HIS F 346 -9.68 40.36 -52.70
N ILE F 347 -9.57 41.65 -53.02
CA ILE F 347 -10.51 42.73 -52.56
C ILE F 347 -11.08 43.43 -53.79
N ALA F 348 -11.37 42.70 -54.88
CA ALA F 348 -12.05 43.30 -56.07
C ALA F 348 -13.46 43.78 -55.69
N PHE F 349 -14.03 43.22 -54.62
CA PHE F 349 -15.31 43.64 -53.96
C PHE F 349 -15.08 44.59 -52.77
N GLY F 350 -13.87 45.14 -52.64
CA GLY F 350 -13.48 45.93 -51.47
C GLY F 350 -13.36 45.08 -50.21
N HIS F 351 -13.52 45.71 -49.07
CA HIS F 351 -13.22 45.14 -47.73
C HIS F 351 -13.86 46.01 -46.64
N GLY F 352 -14.17 45.44 -45.48
CA GLY F 352 -14.70 46.15 -44.30
C GLY F 352 -16.20 46.42 -44.41
N ALA F 353 -16.67 47.49 -43.78
CA ALA F 353 -18.11 47.88 -43.69
C ALA F 353 -18.73 48.04 -45.10
N HIS F 354 -18.02 48.67 -46.04
CA HIS F 354 -18.51 49.01 -47.40
CA HIS F 354 -18.53 48.99 -47.40
C HIS F 354 -18.18 47.88 -48.41
N HIS F 355 -17.63 46.76 -47.96
CA HIS F 355 -17.52 45.56 -48.85
C HIS F 355 -18.81 45.42 -49.68
N CYS F 356 -18.72 45.23 -50.99
CA CYS F 356 -19.85 45.14 -51.96
C CYS F 356 -21.01 44.27 -51.43
N ILE F 357 -22.15 44.92 -51.17
CA ILE F 357 -23.47 44.32 -50.81
C ILE F 357 -23.87 43.27 -51.86
N GLY F 358 -23.46 43.50 -53.13
CA GLY F 358 -23.93 42.76 -54.31
C GLY F 358 -22.91 41.74 -54.78
N ALA F 359 -21.79 41.59 -54.06
CA ALA F 359 -20.69 40.61 -54.34
C ALA F 359 -21.28 39.29 -54.83
N GLN F 360 -22.17 38.69 -54.04
CA GLN F 360 -22.83 37.41 -54.41
C GLN F 360 -23.56 37.54 -55.76
N LEU F 361 -24.38 38.58 -56.04
CA LEU F 361 -25.05 38.71 -57.35
CA LEU F 361 -25.05 38.77 -57.35
C LEU F 361 -24.00 38.95 -58.46
N GLY F 362 -23.00 39.78 -58.22
CA GLY F 362 -21.89 39.98 -59.17
C GLY F 362 -21.27 38.64 -59.60
N ARG F 363 -21.12 37.69 -58.66
CA ARG F 363 -20.43 36.39 -58.89
C ARG F 363 -21.38 35.52 -59.73
N LEU F 364 -22.56 35.24 -59.17
CA LEU F 364 -23.66 34.52 -59.88
C LEU F 364 -23.75 35.01 -61.34
N GLU F 365 -23.76 36.31 -61.62
CA GLU F 365 -24.01 36.83 -63.01
C GLU F 365 -22.76 36.53 -63.87
N LEU F 366 -21.55 36.82 -63.37
CA LEU F 366 -20.28 36.57 -64.11
CA LEU F 366 -20.28 36.56 -64.09
C LEU F 366 -20.10 35.04 -64.29
N GLN F 367 -20.51 34.24 -63.29
CA GLN F 367 -20.45 32.74 -63.31
C GLN F 367 -21.38 32.16 -64.39
N GLU F 368 -22.67 32.50 -64.37
CA GLU F 368 -23.72 31.88 -65.24
C GLU F 368 -23.54 32.37 -66.68
N ALA F 369 -22.97 33.57 -66.84
CA ALA F 369 -22.47 34.16 -68.10
C ALA F 369 -21.38 33.26 -68.72
N LEU F 370 -20.53 32.60 -67.92
CA LEU F 370 -19.46 31.70 -68.42
C LEU F 370 -19.86 30.21 -68.33
N SER F 371 -20.86 29.82 -67.52
CA SER F 371 -21.42 28.43 -67.46
C SER F 371 -22.45 28.23 -68.60
N ALA F 372 -22.69 29.27 -69.40
CA ALA F 372 -23.59 29.28 -70.59
C ALA F 372 -22.74 29.48 -71.85
N LEU F 373 -21.97 30.58 -71.94
CA LEU F 373 -21.03 30.85 -73.07
C LEU F 373 -20.16 29.61 -73.34
N VAL F 374 -19.66 28.92 -72.30
CA VAL F 374 -18.65 27.82 -72.48
C VAL F 374 -19.37 26.54 -72.92
N ARG F 375 -20.58 26.30 -72.39
CA ARG F 375 -21.41 25.15 -72.80
CA ARG F 375 -21.49 25.19 -72.78
C ARG F 375 -21.85 25.35 -74.25
N ARG F 376 -22.51 26.47 -74.56
CA ARG F 376 -23.29 26.72 -75.80
CA ARG F 376 -23.26 26.59 -75.84
C ARG F 376 -22.39 27.16 -76.96
N PHE F 377 -21.18 27.67 -76.68
CA PHE F 377 -20.28 28.20 -77.74
CA PHE F 377 -20.28 28.27 -77.69
C PHE F 377 -18.83 27.90 -77.41
N PRO F 378 -18.40 26.60 -77.46
CA PRO F 378 -16.99 26.25 -77.32
C PRO F 378 -16.04 26.97 -78.29
N THR F 379 -16.58 27.43 -79.43
CA THR F 379 -15.81 27.94 -80.59
CA THR F 379 -15.78 27.94 -80.58
C THR F 379 -15.55 29.45 -80.47
N LEU F 380 -16.05 30.10 -79.40
CA LEU F 380 -16.00 31.58 -79.21
CA LEU F 380 -16.00 31.58 -79.22
C LEU F 380 -14.57 32.10 -79.47
N ASP F 381 -14.48 33.30 -80.06
CA ASP F 381 -13.21 33.98 -80.43
CA ASP F 381 -13.20 34.01 -80.35
C ASP F 381 -13.56 35.41 -80.85
N LEU F 382 -12.69 36.39 -80.59
CA LEU F 382 -12.93 37.81 -80.94
CA LEU F 382 -12.91 37.82 -80.94
C LEU F 382 -12.99 37.95 -82.47
N ALA F 383 -13.73 38.94 -82.96
CA ALA F 383 -13.94 39.23 -84.39
C ALA F 383 -13.88 40.73 -84.65
N GLU F 384 -12.84 41.40 -84.12
CA GLU F 384 -12.39 42.76 -84.56
C GLU F 384 -10.91 42.94 -84.21
N PRO F 385 -10.15 43.76 -84.99
CA PRO F 385 -8.74 44.05 -84.69
C PRO F 385 -8.54 44.39 -83.20
N VAL F 386 -7.46 43.87 -82.60
CA VAL F 386 -7.21 43.84 -81.13
C VAL F 386 -6.99 45.27 -80.61
N ALA F 387 -6.19 46.07 -81.34
CA ALA F 387 -5.96 47.51 -81.07
C ALA F 387 -7.19 48.34 -81.49
N GLY F 388 -8.26 47.67 -81.97
CA GLY F 388 -9.51 48.31 -82.42
C GLY F 388 -10.57 48.38 -81.33
N LEU F 389 -10.46 47.57 -80.27
CA LEU F 389 -11.47 47.46 -79.17
C LEU F 389 -11.74 48.87 -78.61
N LYS F 390 -13.00 49.31 -78.53
CA LYS F 390 -13.35 50.65 -77.98
CA LYS F 390 -13.33 50.65 -77.97
C LYS F 390 -13.52 50.54 -76.45
N TRP F 391 -12.43 50.73 -75.69
CA TRP F 391 -12.38 50.73 -74.20
C TRP F 391 -12.96 52.04 -73.68
N LYS F 392 -14.02 51.98 -72.85
CA LYS F 392 -14.69 53.18 -72.27
C LYS F 392 -13.59 54.11 -71.74
N GLN F 393 -13.66 55.40 -72.10
CA GLN F 393 -12.75 56.50 -71.70
C GLN F 393 -13.51 57.47 -70.79
N GLY F 394 -12.75 58.27 -70.01
CA GLY F 394 -13.24 59.32 -69.10
C GLY F 394 -14.10 58.77 -67.98
N MET F 395 -13.99 57.47 -67.64
CA MET F 395 -14.89 56.83 -66.65
C MET F 395 -14.08 56.27 -65.47
N LEU F 396 -14.68 56.30 -64.26
CA LEU F 396 -14.07 55.77 -62.99
C LEU F 396 -13.94 54.25 -63.11
N ILE F 397 -14.54 53.63 -64.15
CA ILE F 397 -14.46 52.16 -64.34
C ILE F 397 -14.14 51.80 -65.80
N ARG F 398 -13.89 50.50 -66.01
CA ARG F 398 -13.32 49.98 -67.26
C ARG F 398 -14.20 48.85 -67.80
N GLY F 399 -14.49 48.92 -69.11
CA GLY F 399 -15.18 47.88 -69.89
C GLY F 399 -15.20 48.25 -71.36
N LEU F 400 -15.76 47.39 -72.21
CA LEU F 400 -15.79 47.63 -73.68
C LEU F 400 -17.15 48.22 -74.11
N GLU F 401 -17.10 49.31 -74.88
CA GLU F 401 -18.25 49.87 -75.64
C GLU F 401 -18.79 48.80 -76.58
N ARG F 402 -17.90 48.00 -77.24
CA ARG F 402 -18.31 46.88 -78.13
CA ARG F 402 -18.27 46.92 -78.20
C ARG F 402 -17.25 45.75 -78.16
N GLN F 403 -17.75 44.51 -78.18
CA GLN F 403 -17.01 43.21 -78.22
C GLN F 403 -17.59 42.29 -79.33
N ILE F 404 -17.38 42.60 -80.61
CA ILE F 404 -17.90 41.80 -81.76
C ILE F 404 -17.23 40.41 -81.71
N VAL F 405 -18.00 39.32 -81.57
CA VAL F 405 -17.48 37.91 -81.45
C VAL F 405 -18.03 37.04 -82.59
N SER F 406 -17.45 35.84 -82.75
CA SER F 406 -17.83 34.78 -83.71
C SER F 406 -17.77 33.41 -83.00
N TRP F 407 -18.56 32.43 -83.46
CA TRP F 407 -18.59 31.04 -82.92
C TRP F 407 -18.78 30.02 -84.06
#